data_9JEK
#
_entry.id   9JEK
#
_cell.length_a   1.00
_cell.length_b   1.00
_cell.length_c   1.00
_cell.angle_alpha   90.00
_cell.angle_beta   90.00
_cell.angle_gamma   90.00
#
_symmetry.space_group_name_H-M   'P 1'
#
_entity_poly.entity_id   1
_entity_poly.type   'polypeptide(L)'
_entity_poly.pdbx_seq_one_letter_code
;METSENKSEIKILSLNGGGVRGLFTITLLAELESIIEKREKCENVKIGDYFDLITGTSIGGILALGLASGKSARELKEAF
EINATKIFPLKRFKNKQWWNLLRRSIYESEPLYDAVKSMIGETIKFEDLNRRVMITSVNLSTGKPKFFKTPHNPMFTMDR
EIRLIDAAMATSAAPTYFKPHYIEKLENYFADGGLVANNPSYIGIREVLIDMKNDFPDAKPENIKVLNIGTLSEDYCISP
ETLSKNSGKGYLSLWNMGERIVLSTMTANQHLQRFMLLREFEALKIEKNYVEIDETIPNEAAAEITLDNASEGCLKALRG
SGKKLAAERYTKNEELRNFFLKKAEPFVPYIESSEVTAHHHHHH
;
_entity_poly.pdbx_strand_id   C,D,A,B
#
# COMPACT_ATOMS: atom_id res chain seq x y z
N SER A 8 3.45 -26.94 -24.15
CA SER A 8 4.56 -26.01 -24.26
C SER A 8 4.53 -24.98 -23.13
N GLU A 9 4.83 -23.73 -23.47
CA GLU A 9 4.84 -22.65 -22.48
C GLU A 9 4.51 -21.35 -23.21
N ILE A 10 3.28 -20.89 -23.06
CA ILE A 10 2.85 -19.63 -23.66
C ILE A 10 3.02 -18.52 -22.63
N LYS A 11 3.71 -17.45 -23.02
CA LYS A 11 4.03 -16.35 -22.13
C LYS A 11 3.32 -15.08 -22.57
N ILE A 12 2.75 -14.37 -21.61
CA ILE A 12 1.97 -13.16 -21.86
C ILE A 12 2.58 -12.01 -21.07
N LEU A 13 2.72 -10.86 -21.73
CA LEU A 13 3.18 -9.64 -21.09
C LEU A 13 1.98 -8.70 -20.90
N SER A 14 1.62 -8.46 -19.65
CA SER A 14 0.49 -7.60 -19.31
C SER A 14 1.02 -6.27 -18.80
N LEU A 15 0.59 -5.17 -19.42
CA LEU A 15 1.06 -3.83 -19.08
C LEU A 15 -0.17 -2.97 -18.77
N ASN A 16 -0.36 -2.64 -17.50
CA ASN A 16 -1.49 -1.83 -17.09
C ASN A 16 -1.31 -0.38 -17.52
N GLY A 17 -2.39 0.39 -17.45
CA GLY A 17 -2.40 1.78 -17.87
C GLY A 17 -2.25 2.71 -16.69
N GLY A 18 -1.25 3.57 -16.75
CA GLY A 18 -1.01 4.54 -15.70
C GLY A 18 -0.55 5.90 -16.20
N GLY A 19 -0.66 6.15 -17.50
CA GLY A 19 -0.20 7.40 -18.05
C GLY A 19 1.27 7.64 -17.80
N VAL A 20 1.57 8.58 -16.90
CA VAL A 20 2.95 8.79 -16.47
C VAL A 20 3.46 7.56 -15.72
N ARG A 21 2.58 6.89 -14.97
CA ARG A 21 2.96 5.77 -14.13
C ARG A 21 3.42 4.57 -14.96
N GLY A 22 3.31 4.67 -16.28
CA GLY A 22 3.96 3.68 -17.14
C GLY A 22 5.47 3.83 -17.20
N LEU A 23 6.00 4.94 -16.68
CA LEU A 23 7.45 5.07 -16.55
C LEU A 23 8.03 4.01 -15.64
N PHE A 24 7.31 3.66 -14.58
CA PHE A 24 7.74 2.57 -13.71
C PHE A 24 7.84 1.26 -14.49
N THR A 25 6.83 0.96 -15.31
CA THR A 25 6.83 -0.28 -16.09
C THR A 25 7.97 -0.29 -17.10
N ILE A 26 8.16 0.82 -17.81
CA ILE A 26 9.20 0.85 -18.84
C ILE A 26 10.59 0.81 -18.21
N THR A 27 10.76 1.45 -17.05
CA THR A 27 12.03 1.39 -16.34
C THR A 27 12.31 -0.02 -15.84
N LEU A 28 11.29 -0.70 -15.32
CA LEU A 28 11.46 -2.08 -14.88
C LEU A 28 11.84 -2.98 -16.05
N LEU A 29 11.20 -2.79 -17.20
CA LEU A 29 11.53 -3.59 -18.37
C LEU A 29 12.96 -3.32 -18.85
N ALA A 30 13.36 -2.06 -18.88
CA ALA A 30 14.73 -1.72 -19.29
C ALA A 30 15.75 -2.31 -18.32
N GLU A 31 15.47 -2.22 -17.02
CA GLU A 31 16.39 -2.80 -16.04
C GLU A 31 16.45 -4.31 -16.17
N LEU A 32 15.31 -4.95 -16.45
CA LEU A 32 15.30 -6.39 -16.66
C LEU A 32 16.16 -6.76 -17.86
N GLU A 33 16.05 -5.98 -18.95
CA GLU A 33 16.90 -6.21 -20.11
C GLU A 33 18.38 -6.07 -19.75
N SER A 34 18.72 -5.02 -19.00
CA SER A 34 20.12 -4.79 -18.65
C SER A 34 20.68 -5.92 -17.80
N ILE A 35 19.94 -6.33 -16.77
CA ILE A 35 20.43 -7.42 -15.93
C ILE A 35 20.43 -8.75 -16.69
N ILE A 36 19.52 -8.92 -17.66
CA ILE A 36 19.57 -10.11 -18.50
C ILE A 36 20.88 -10.15 -19.27
N GLU A 37 21.24 -9.02 -19.88
CA GLU A 37 22.50 -8.96 -20.63
C GLU A 37 23.69 -9.18 -19.70
N LYS A 38 23.65 -8.61 -18.49
CA LYS A 38 24.78 -8.72 -17.58
C LYS A 38 24.97 -10.14 -17.07
N ARG A 39 23.89 -10.78 -16.63
CA ARG A 39 24.00 -12.08 -15.96
C ARG A 39 24.05 -13.23 -16.95
N GLU A 40 23.26 -13.18 -18.02
CA GLU A 40 23.24 -14.24 -19.01
C GLU A 40 24.32 -14.07 -20.07
N LYS A 41 25.10 -12.99 -20.00
CA LYS A 41 26.20 -12.74 -20.94
C LYS A 41 25.70 -12.75 -22.39
N CYS A 42 24.54 -12.16 -22.61
CA CYS A 42 23.96 -12.07 -23.94
C CYS A 42 24.32 -10.72 -24.56
N GLU A 43 23.73 -10.41 -25.71
CA GLU A 43 23.99 -9.15 -26.38
C GLU A 43 22.73 -8.74 -27.16
N ASN A 44 22.64 -7.44 -27.44
CA ASN A 44 21.54 -6.80 -28.17
C ASN A 44 20.18 -7.42 -27.84
N VAL A 45 19.91 -7.61 -26.55
CA VAL A 45 18.70 -8.29 -26.13
C VAL A 45 17.51 -7.35 -26.20
N LYS A 46 16.33 -7.92 -26.41
CA LYS A 46 15.08 -7.19 -26.41
C LYS A 46 14.10 -7.89 -25.47
N ILE A 47 13.47 -7.12 -24.58
CA ILE A 47 12.55 -7.72 -23.63
C ILE A 47 11.28 -8.23 -24.29
N GLY A 48 10.98 -7.75 -25.50
CA GLY A 48 9.80 -8.17 -26.22
C GLY A 48 9.95 -9.42 -27.07
N ASP A 49 11.13 -10.01 -27.10
CA ASP A 49 11.38 -11.20 -27.91
C ASP A 49 11.12 -12.50 -27.17
N TYR A 50 10.76 -12.43 -25.89
CA TYR A 50 10.49 -13.62 -25.10
C TYR A 50 9.00 -13.81 -24.80
N PHE A 51 8.14 -13.04 -25.44
CA PHE A 51 6.70 -13.07 -25.15
C PHE A 51 5.92 -13.34 -26.43
N ASP A 52 5.03 -14.32 -26.36
CA ASP A 52 4.17 -14.63 -27.50
C ASP A 52 3.11 -13.55 -27.71
N LEU A 53 2.46 -13.12 -26.63
CA LEU A 53 1.45 -12.08 -26.68
C LEU A 53 1.83 -10.97 -25.72
N ILE A 54 1.65 -9.72 -26.15
CA ILE A 54 2.01 -8.55 -25.36
C ILE A 54 0.75 -7.71 -25.21
N THR A 55 0.02 -7.94 -24.12
CA THR A 55 -1.18 -7.16 -23.84
C THR A 55 -0.82 -5.82 -23.21
N GLY A 56 -1.73 -4.87 -23.33
CA GLY A 56 -1.50 -3.55 -22.77
C GLY A 56 -2.74 -2.69 -22.82
N THR A 57 -2.73 -1.64 -22.00
CA THR A 57 -3.81 -0.67 -21.94
C THR A 57 -3.22 0.71 -21.71
N SER A 58 -3.72 1.70 -22.45
CA SER A 58 -3.31 3.11 -22.30
C SER A 58 -1.80 3.19 -22.50
N ILE A 59 -1.03 3.73 -21.55
CA ILE A 59 0.41 3.79 -21.73
C ILE A 59 1.01 2.39 -21.73
N GLY A 60 0.41 1.45 -20.99
CA GLY A 60 0.81 0.07 -21.09
C GLY A 60 0.60 -0.48 -22.50
N GLY A 61 -0.50 -0.09 -23.14
CA GLY A 61 -0.73 -0.50 -24.51
C GLY A 61 0.27 0.11 -25.47
N ILE A 62 0.63 1.38 -25.26
CA ILE A 62 1.64 2.01 -26.10
C ILE A 62 2.98 1.29 -25.94
N LEU A 63 3.35 0.96 -24.71
CA LEU A 63 4.59 0.21 -24.48
C LEU A 63 4.52 -1.17 -25.13
N ALA A 64 3.37 -1.82 -25.06
CA ALA A 64 3.22 -3.13 -25.70
C ALA A 64 3.39 -3.03 -27.21
N LEU A 65 2.80 -2.00 -27.82
CA LEU A 65 2.98 -1.80 -29.26
C LEU A 65 4.43 -1.52 -29.60
N GLY A 66 5.10 -0.71 -28.79
CA GLY A 66 6.51 -0.44 -29.04
C GLY A 66 7.38 -1.68 -28.94
N LEU A 67 7.09 -2.53 -27.94
CA LEU A 67 7.85 -3.77 -27.81
C LEU A 67 7.56 -4.72 -28.96
N ALA A 68 6.31 -4.77 -29.41
CA ALA A 68 5.95 -5.64 -30.53
C ALA A 68 6.60 -5.17 -31.83
N SER A 69 6.74 -3.85 -31.99
CA SER A 69 7.35 -3.30 -33.19
C SER A 69 8.85 -3.51 -33.26
N GLY A 70 9.44 -4.25 -32.32
CA GLY A 70 10.85 -4.53 -32.33
C GLY A 70 11.73 -3.56 -31.56
N LYS A 71 11.15 -2.50 -31.00
CA LYS A 71 11.92 -1.54 -30.24
C LYS A 71 12.41 -2.15 -28.94
N SER A 72 13.56 -1.67 -28.47
CA SER A 72 14.14 -2.14 -27.22
C SER A 72 13.51 -1.41 -26.04
N ALA A 73 13.58 -2.04 -24.86
CA ALA A 73 13.00 -1.44 -23.67
C ALA A 73 13.75 -0.18 -23.26
N ARG A 74 15.06 -0.14 -23.49
CA ARG A 74 15.85 1.03 -23.07
C ARG A 74 15.58 2.23 -23.97
N GLU A 75 15.52 2.01 -25.28
CA GLU A 75 15.17 3.10 -26.20
C GLU A 75 13.77 3.61 -25.92
N LEU A 76 12.84 2.69 -25.68
CA LEU A 76 11.49 3.10 -25.29
C LEU A 76 11.50 3.89 -23.99
N LYS A 77 12.34 3.48 -23.03
CA LYS A 77 12.40 4.18 -21.76
C LYS A 77 12.89 5.61 -21.93
N GLU A 78 13.94 5.81 -22.72
CA GLU A 78 14.48 7.15 -22.92
C GLU A 78 13.48 8.03 -23.68
N ALA A 79 12.93 7.49 -24.77
CA ALA A 79 11.96 8.25 -25.56
C ALA A 79 10.74 8.60 -24.71
N PHE A 80 10.27 7.66 -23.89
CA PHE A 80 9.13 7.92 -23.04
C PHE A 80 9.45 8.89 -21.92
N GLU A 81 10.70 8.92 -21.44
CA GLU A 81 11.08 9.94 -20.48
C GLU A 81 10.92 11.33 -21.08
N ILE A 82 11.51 11.54 -22.25
CA ILE A 82 11.41 12.85 -22.90
C ILE A 82 9.95 13.17 -23.21
N ASN A 83 9.22 12.19 -23.75
CA ASN A 83 7.86 12.44 -24.18
C ASN A 83 6.89 12.59 -23.02
N ALA A 84 7.17 11.96 -21.87
CA ALA A 84 6.33 12.16 -20.70
C ALA A 84 6.59 13.51 -20.07
N THR A 85 7.84 14.00 -20.16
CA THR A 85 8.09 15.39 -19.81
C THR A 85 7.28 16.34 -20.70
N LYS A 86 7.21 16.02 -22.01
CA LYS A 86 6.53 16.93 -22.94
C LYS A 86 5.01 16.84 -22.89
N ILE A 87 4.44 15.64 -22.63
CA ILE A 87 3.01 15.44 -22.82
C ILE A 87 2.20 16.18 -21.77
N PHE A 88 2.63 16.13 -20.51
CA PHE A 88 1.86 16.67 -19.40
C PHE A 88 2.51 17.96 -18.89
N PRO A 89 2.24 19.10 -19.52
CA PRO A 89 2.91 20.33 -19.11
C PRO A 89 2.49 20.77 -17.72
N LEU A 90 3.43 21.40 -17.01
CA LEU A 90 3.10 21.99 -15.72
C LEU A 90 2.11 23.12 -15.88
N LYS A 91 2.14 23.83 -17.02
CA LYS A 91 1.20 24.91 -17.26
C LYS A 91 -0.23 24.41 -17.27
N ARG A 92 -0.47 23.27 -17.92
CA ARG A 92 -1.81 22.69 -17.95
C ARG A 92 -2.12 21.87 -16.70
N PHE A 93 -1.11 21.30 -16.06
CA PHE A 93 -1.35 20.53 -14.83
C PHE A 93 -1.79 21.45 -13.70
N LYS A 94 -1.08 22.56 -13.50
CA LYS A 94 -1.45 23.49 -12.44
C LYS A 94 -2.76 24.20 -12.76
N ASN A 95 -2.94 24.61 -14.03
CA ASN A 95 -4.14 25.34 -14.44
C ASN A 95 -5.23 24.33 -14.84
N LYS A 96 -5.79 23.69 -13.80
CA LYS A 96 -6.94 22.82 -14.00
C LYS A 96 -8.24 23.59 -13.75
N GLN A 97 -8.42 24.09 -12.54
CA GLN A 97 -9.58 24.88 -12.11
C GLN A 97 -10.86 24.16 -12.55
N TRP A 98 -11.91 24.91 -12.85
CA TRP A 98 -13.12 24.33 -13.42
C TRP A 98 -13.68 25.09 -14.62
N TRP A 99 -13.41 26.39 -14.78
CA TRP A 99 -13.90 27.11 -15.94
C TRP A 99 -13.23 26.62 -17.21
N ASN A 100 -11.90 26.41 -17.17
CA ASN A 100 -11.20 25.87 -18.33
C ASN A 100 -11.62 24.42 -18.59
N LEU A 101 -11.79 23.63 -17.54
CA LEU A 101 -12.14 22.23 -17.70
C LEU A 101 -13.54 22.03 -18.28
N LEU A 102 -14.39 23.05 -18.20
CA LEU A 102 -15.74 22.93 -18.75
C LEU A 102 -15.77 23.15 -20.26
N ARG A 103 -14.71 23.70 -20.84
CA ARG A 103 -14.65 23.99 -22.27
C ARG A 103 -13.68 23.12 -23.03
N ARG A 104 -12.82 22.37 -22.36
CA ARG A 104 -11.83 21.54 -23.02
C ARG A 104 -11.35 20.46 -22.06
N SER A 105 -10.65 19.48 -22.61
CA SER A 105 -9.97 18.49 -21.77
C SER A 105 -8.75 19.12 -21.12
N ILE A 106 -8.20 18.42 -20.13
CA ILE A 106 -7.05 18.94 -19.38
C ILE A 106 -5.83 19.06 -20.29
N TYR A 107 -5.62 18.10 -21.16
CA TYR A 107 -4.42 18.06 -22.00
C TYR A 107 -4.86 18.05 -23.46
N GLU A 108 -3.88 17.93 -24.36
CA GLU A 108 -4.13 17.82 -25.80
C GLU A 108 -3.45 16.57 -26.33
N SER A 109 -3.99 16.06 -27.44
CA SER A 109 -3.49 14.83 -28.03
C SER A 109 -2.28 15.02 -28.92
N GLU A 110 -1.97 16.26 -29.33
CA GLU A 110 -0.83 16.47 -30.22
C GLU A 110 0.50 16.09 -29.58
N PRO A 111 0.84 16.51 -28.36
CA PRO A 111 2.09 16.01 -27.76
C PRO A 111 2.11 14.50 -27.61
N LEU A 112 0.98 13.89 -27.27
CA LEU A 112 0.94 12.43 -27.17
C LEU A 112 1.08 11.77 -28.54
N TYR A 113 0.51 12.39 -29.57
CA TYR A 113 0.69 11.87 -30.93
C TYR A 113 2.15 11.92 -31.34
N ASP A 114 2.83 13.03 -31.05
CA ASP A 114 4.26 13.12 -31.35
C ASP A 114 5.05 12.10 -30.56
N ALA A 115 4.66 11.88 -29.30
CA ALA A 115 5.31 10.88 -28.47
C ALA A 115 5.20 9.50 -29.09
N VAL A 116 3.98 9.11 -29.50
CA VAL A 116 3.77 7.79 -30.07
C VAL A 116 4.51 7.67 -31.40
N LYS A 117 4.52 8.73 -32.20
CA LYS A 117 5.24 8.71 -33.47
C LYS A 117 6.74 8.51 -33.24
N SER A 118 7.31 9.21 -32.26
CA SER A 118 8.73 9.07 -31.99
C SER A 118 9.07 7.70 -31.41
N MET A 119 8.22 7.17 -30.54
CA MET A 119 8.52 5.90 -29.88
C MET A 119 8.32 4.71 -30.81
N ILE A 120 7.32 4.77 -31.68
CA ILE A 120 6.89 3.62 -32.46
C ILE A 120 7.00 3.88 -33.97
N GLY A 121 6.47 5.00 -34.43
CA GLY A 121 6.41 5.32 -35.84
C GLY A 121 5.05 5.87 -36.22
N GLU A 122 4.85 6.03 -37.52
CA GLU A 122 3.59 6.58 -38.02
C GLU A 122 3.00 5.71 -39.12
N THR A 123 3.87 5.03 -39.88
CA THR A 123 3.44 4.23 -41.02
C THR A 123 3.37 2.74 -40.73
N ILE A 124 3.89 2.29 -39.59
CA ILE A 124 3.88 0.86 -39.28
C ILE A 124 2.48 0.45 -38.87
N LYS A 125 1.97 -0.60 -39.51
CA LYS A 125 0.62 -1.10 -39.29
C LYS A 125 0.67 -2.46 -38.60
N PHE A 126 -0.51 -2.96 -38.23
CA PHE A 126 -0.61 -4.23 -37.53
C PHE A 126 -0.15 -5.41 -38.39
N GLU A 127 -0.21 -5.28 -39.71
CA GLU A 127 0.21 -6.38 -40.57
C GLU A 127 1.73 -6.51 -40.60
N ASP A 128 2.46 -5.40 -40.45
CA ASP A 128 3.91 -5.45 -40.47
C ASP A 128 4.49 -6.13 -39.24
N LEU A 129 3.74 -6.18 -38.14
CA LEU A 129 4.26 -6.75 -36.90
C LEU A 129 4.45 -8.25 -37.01
N ASN A 130 5.54 -8.74 -36.44
CA ASN A 130 5.79 -10.17 -36.33
C ASN A 130 5.48 -10.72 -34.94
N ARG A 131 5.01 -9.87 -34.03
CA ARG A 131 4.68 -10.27 -32.67
C ARG A 131 3.23 -9.94 -32.37
N ARG A 132 2.55 -10.85 -31.69
CA ARG A 132 1.16 -10.65 -31.32
C ARG A 132 1.05 -9.65 -30.18
N VAL A 133 0.13 -8.69 -30.32
CA VAL A 133 -0.02 -7.60 -29.37
C VAL A 133 -1.49 -7.19 -29.31
N MET A 134 -1.96 -6.89 -28.11
CA MET A 134 -3.31 -6.38 -27.89
C MET A 134 -3.29 -4.89 -27.64
N ILE A 135 -4.40 -4.23 -27.99
CA ILE A 135 -4.68 -2.86 -27.59
C ILE A 135 -6.12 -2.80 -27.12
N THR A 136 -6.32 -2.36 -25.89
CA THR A 136 -7.65 -2.27 -25.30
C THR A 136 -8.18 -0.85 -25.46
N SER A 137 -9.40 -0.73 -25.97
CA SER A 137 -10.00 0.57 -26.24
C SER A 137 -11.51 0.43 -26.23
N VAL A 138 -12.19 1.57 -26.14
CA VAL A 138 -13.63 1.64 -26.14
C VAL A 138 -14.07 2.49 -27.32
N ASN A 139 -15.00 1.97 -28.12
CA ASN A 139 -15.51 2.67 -29.29
C ASN A 139 -16.71 3.51 -28.87
N LEU A 140 -16.57 4.83 -28.96
CA LEU A 140 -17.65 5.74 -28.60
C LEU A 140 -18.67 5.95 -29.71
N SER A 141 -18.44 5.36 -30.88
CA SER A 141 -19.39 5.45 -31.99
C SER A 141 -20.35 4.26 -32.05
N THR A 142 -19.90 3.07 -31.66
CA THR A 142 -20.75 1.89 -31.61
C THR A 142 -21.05 1.43 -30.20
N GLY A 143 -20.39 1.98 -29.19
CA GLY A 143 -20.64 1.60 -27.81
C GLY A 143 -20.07 0.25 -27.40
N LYS A 144 -19.19 -0.32 -28.20
CA LYS A 144 -18.59 -1.61 -27.90
C LYS A 144 -17.08 -1.46 -27.68
N PRO A 145 -16.48 -2.34 -26.88
CA PRO A 145 -15.01 -2.29 -26.70
C PRO A 145 -14.32 -2.93 -27.89
N LYS A 146 -13.38 -2.20 -28.49
CA LYS A 146 -12.62 -2.66 -29.63
C LYS A 146 -11.22 -3.07 -29.17
N PHE A 147 -10.82 -4.29 -29.51
CA PHE A 147 -9.53 -4.85 -29.11
C PHE A 147 -8.65 -4.93 -30.35
N PHE A 148 -7.81 -3.92 -30.55
CA PHE A 148 -6.89 -3.90 -31.69
C PHE A 148 -5.86 -5.01 -31.54
N LYS A 149 -5.91 -6.00 -32.41
CA LYS A 149 -5.01 -7.15 -32.35
C LYS A 149 -4.30 -7.33 -33.69
N THR A 150 -3.20 -8.07 -33.65
CA THR A 150 -2.52 -8.46 -34.86
C THR A 150 -3.35 -9.48 -35.63
N PRO A 151 -3.17 -9.56 -36.94
CA PRO A 151 -3.93 -10.55 -37.72
C PRO A 151 -3.48 -11.99 -37.47
N HIS A 152 -3.46 -12.41 -36.21
CA HIS A 152 -3.08 -13.77 -35.87
C HIS A 152 -4.26 -14.73 -35.84
N ASN A 153 -5.47 -14.24 -36.10
CA ASN A 153 -6.65 -15.08 -36.24
C ASN A 153 -7.31 -14.76 -37.57
N PRO A 154 -7.53 -15.74 -38.44
CA PRO A 154 -8.12 -15.44 -39.76
C PRO A 154 -9.48 -14.79 -39.69
N MET A 155 -10.31 -15.13 -38.68
CA MET A 155 -11.66 -14.59 -38.61
C MET A 155 -11.65 -13.09 -38.33
N PHE A 156 -10.80 -12.65 -37.40
CA PHE A 156 -10.72 -11.24 -37.01
C PHE A 156 -9.43 -10.66 -37.56
N THR A 157 -9.55 -9.83 -38.60
CA THR A 157 -8.39 -9.33 -39.32
C THR A 157 -8.56 -7.85 -39.66
N MET A 158 -9.62 -7.21 -39.15
CA MET A 158 -9.97 -5.85 -39.56
C MET A 158 -8.91 -4.82 -39.20
N ASP A 159 -7.96 -5.14 -38.34
CA ASP A 159 -6.94 -4.19 -37.91
C ASP A 159 -5.71 -4.18 -38.81
N ARG A 160 -5.72 -4.94 -39.91
CA ARG A 160 -4.55 -5.03 -40.76
C ARG A 160 -4.18 -3.68 -41.36
N GLU A 161 -5.18 -2.91 -41.81
CA GLU A 161 -4.96 -1.62 -42.46
C GLU A 161 -5.03 -0.46 -41.48
N ILE A 162 -4.73 -0.71 -40.20
CA ILE A 162 -4.76 0.31 -39.17
C ILE A 162 -3.34 0.51 -38.64
N ARG A 163 -2.88 1.75 -38.64
CA ARG A 163 -1.54 2.05 -38.14
C ARG A 163 -1.47 1.84 -36.64
N LEU A 164 -0.28 1.48 -36.16
CA LEU A 164 -0.08 1.29 -34.72
C LEU A 164 -0.30 2.59 -33.95
N ILE A 165 0.05 3.73 -34.55
CA ILE A 165 -0.13 5.01 -33.87
C ILE A 165 -1.60 5.29 -33.61
N ASP A 166 -2.48 4.89 -34.54
CA ASP A 166 -3.91 5.11 -34.35
C ASP A 166 -4.42 4.33 -33.14
N ALA A 167 -4.04 3.05 -33.03
CA ALA A 167 -4.46 2.24 -31.88
C ALA A 167 -3.85 2.78 -30.58
N ALA A 168 -2.59 3.20 -30.63
CA ALA A 168 -1.95 3.74 -29.44
C ALA A 168 -2.65 5.00 -28.96
N MET A 169 -3.02 5.90 -29.88
CA MET A 169 -3.76 7.09 -29.48
C MET A 169 -5.17 6.74 -29.02
N ALA A 170 -5.77 5.71 -29.59
CA ALA A 170 -7.10 5.29 -29.16
C ALA A 170 -7.08 4.79 -27.71
N THR A 171 -6.10 3.95 -27.37
CA THR A 171 -6.06 3.38 -26.03
C THR A 171 -5.59 4.38 -24.97
N SER A 172 -4.87 5.42 -25.35
CA SER A 172 -4.33 6.39 -24.40
C SER A 172 -5.21 7.62 -24.24
N ALA A 173 -6.36 7.67 -24.91
CA ALA A 173 -7.25 8.83 -24.85
C ALA A 173 -8.21 8.64 -23.69
N ALA A 174 -7.80 9.10 -22.51
CA ALA A 174 -8.65 9.03 -21.34
C ALA A 174 -9.87 9.93 -21.52
N PRO A 175 -11.01 9.59 -20.89
CA PRO A 175 -12.24 10.37 -21.11
C PRO A 175 -12.09 11.85 -20.83
N THR A 176 -11.66 12.21 -19.62
CA THR A 176 -11.52 13.61 -19.26
C THR A 176 -10.15 14.17 -19.60
N TYR A 177 -9.09 13.36 -19.48
CA TYR A 177 -7.74 13.86 -19.73
C TYR A 177 -7.54 14.24 -21.19
N PHE A 178 -8.07 13.45 -22.11
CA PHE A 178 -7.83 13.66 -23.53
C PHE A 178 -9.15 13.64 -24.28
N LYS A 179 -9.15 14.26 -25.46
CA LYS A 179 -10.31 14.16 -26.33
C LYS A 179 -10.37 12.77 -26.96
N PRO A 180 -11.57 12.31 -27.32
CA PRO A 180 -11.68 11.00 -27.99
C PRO A 180 -10.96 11.00 -29.33
N HIS A 181 -10.00 10.11 -29.47
CA HIS A 181 -9.21 10.03 -30.69
C HIS A 181 -10.08 9.60 -31.87
N TYR A 182 -9.86 10.23 -33.01
CA TYR A 182 -10.65 9.98 -34.21
C TYR A 182 -9.85 9.12 -35.19
N ILE A 183 -10.44 8.00 -35.60
CA ILE A 183 -9.84 7.13 -36.61
C ILE A 183 -10.54 7.41 -37.94
N GLU A 184 -9.77 7.84 -38.94
CA GLU A 184 -10.36 8.19 -40.23
C GLU A 184 -10.75 6.94 -41.01
N LYS A 185 -10.00 5.86 -40.87
CA LYS A 185 -10.31 4.64 -41.62
C LYS A 185 -11.65 4.06 -41.20
N LEU A 186 -11.92 4.02 -39.90
CA LEU A 186 -13.14 3.42 -39.37
C LEU A 186 -14.26 4.42 -39.14
N GLU A 187 -13.99 5.72 -39.32
CA GLU A 187 -14.98 6.77 -39.15
C GLU A 187 -15.60 6.76 -37.76
N ASN A 188 -14.82 6.35 -36.76
CA ASN A 188 -15.30 6.19 -35.40
C ASN A 188 -14.39 6.93 -34.42
N TYR A 189 -14.92 7.20 -33.23
CA TYR A 189 -14.18 7.82 -32.16
C TYR A 189 -13.92 6.80 -31.06
N PHE A 190 -12.74 6.87 -30.45
CA PHE A 190 -12.30 5.88 -29.47
C PHE A 190 -11.88 6.57 -28.18
N ALA A 191 -12.06 5.87 -27.08
CA ALA A 191 -11.73 6.36 -25.75
C ALA A 191 -10.75 5.40 -25.08
N ASP A 192 -10.44 5.68 -23.82
CA ASP A 192 -9.45 4.90 -23.08
C ASP A 192 -9.93 3.46 -22.90
N GLY A 193 -8.99 2.52 -22.94
CA GLY A 193 -9.29 1.13 -22.67
C GLY A 193 -9.40 0.78 -21.22
N GLY A 194 -8.92 1.64 -20.32
CA GLY A 194 -9.05 1.41 -18.91
C GLY A 194 -10.47 1.49 -18.39
N LEU A 195 -11.39 2.04 -19.20
CA LEU A 195 -12.80 2.06 -18.81
C LEU A 195 -13.37 0.65 -18.71
N VAL A 196 -12.84 -0.28 -19.49
CA VAL A 196 -13.35 -1.65 -19.50
C VAL A 196 -12.32 -2.61 -18.89
N ALA A 197 -11.04 -2.37 -19.17
CA ALA A 197 -9.99 -3.28 -18.70
C ALA A 197 -8.71 -2.48 -18.53
N ASN A 198 -8.42 -2.09 -17.30
CA ASN A 198 -7.13 -1.48 -16.99
C ASN A 198 -6.06 -2.52 -16.68
N ASN A 199 -6.45 -3.78 -16.47
CA ASN A 199 -5.53 -4.89 -16.23
C ASN A 199 -5.83 -5.93 -17.30
N PRO A 200 -5.16 -5.88 -18.46
CA PRO A 200 -5.54 -6.73 -19.58
C PRO A 200 -5.05 -8.17 -19.46
N SER A 201 -4.62 -8.57 -18.27
CA SER A 201 -4.14 -9.95 -18.10
C SER A 201 -5.26 -10.96 -18.33
N TYR A 202 -6.45 -10.69 -17.79
CA TYR A 202 -7.55 -11.64 -17.92
C TYR A 202 -8.01 -11.77 -19.37
N ILE A 203 -8.21 -10.64 -20.05
CA ILE A 203 -8.60 -10.70 -21.45
C ILE A 203 -7.47 -11.28 -22.29
N GLY A 204 -6.22 -11.06 -21.90
CA GLY A 204 -5.11 -11.68 -22.60
C GLY A 204 -5.12 -13.19 -22.49
N ILE A 205 -5.39 -13.71 -21.29
CA ILE A 205 -5.49 -15.15 -21.10
C ILE A 205 -6.65 -15.71 -21.92
N ARG A 206 -7.79 -15.01 -21.89
CA ARG A 206 -8.94 -15.48 -22.67
C ARG A 206 -8.62 -15.51 -24.16
N GLU A 207 -7.96 -14.46 -24.67
CA GLU A 207 -7.57 -14.43 -26.08
C GLU A 207 -6.61 -15.55 -26.42
N VAL A 208 -5.63 -15.80 -25.55
CA VAL A 208 -4.71 -16.91 -25.79
C VAL A 208 -5.47 -18.23 -25.84
N LEU A 209 -6.47 -18.38 -24.98
CA LEU A 209 -7.22 -19.63 -24.93
C LEU A 209 -8.11 -19.82 -26.15
N ILE A 210 -8.71 -18.75 -26.67
CA ILE A 210 -9.74 -18.85 -27.69
C ILE A 210 -9.30 -18.31 -29.04
N ASP A 211 -8.48 -17.24 -29.06
CA ASP A 211 -8.17 -16.54 -30.29
C ASP A 211 -6.74 -16.78 -30.78
N MET A 212 -6.01 -17.69 -30.15
CA MET A 212 -4.66 -18.02 -30.61
C MET A 212 -4.44 -19.53 -30.62
N LYS A 213 -5.49 -20.30 -30.92
CA LYS A 213 -5.38 -21.74 -31.03
C LYS A 213 -4.82 -22.18 -32.38
N ASN A 214 -4.66 -21.25 -33.33
CA ASN A 214 -4.07 -21.61 -34.62
C ASN A 214 -2.62 -22.05 -34.45
N ASP A 215 -1.86 -21.33 -33.62
CA ASP A 215 -0.46 -21.68 -33.36
C ASP A 215 -0.30 -22.57 -32.13
N PHE A 216 -1.31 -22.64 -31.27
CA PHE A 216 -1.27 -23.48 -30.07
C PHE A 216 -2.56 -24.30 -30.01
N PRO A 217 -2.66 -25.34 -30.83
CA PRO A 217 -3.92 -26.11 -30.89
C PRO A 217 -4.31 -26.74 -29.57
N ASP A 218 -3.35 -27.16 -28.75
CA ASP A 218 -3.63 -27.80 -27.47
C ASP A 218 -3.32 -26.86 -26.30
N ALA A 219 -3.48 -25.56 -26.50
CA ALA A 219 -3.22 -24.60 -25.45
C ALA A 219 -4.19 -24.78 -24.29
N LYS A 220 -3.67 -24.80 -23.08
CA LYS A 220 -4.44 -24.96 -21.85
C LYS A 220 -4.11 -23.81 -20.91
N PRO A 221 -5.02 -23.47 -20.00
CA PRO A 221 -4.70 -22.44 -18.99
C PRO A 221 -3.55 -22.84 -18.09
N GLU A 222 -3.28 -24.13 -17.93
CA GLU A 222 -2.26 -24.57 -16.97
C GLU A 222 -0.85 -24.18 -17.41
N ASN A 223 -0.58 -24.24 -18.72
CA ASN A 223 0.77 -23.94 -19.24
C ASN A 223 0.86 -22.53 -19.80
N ILE A 224 0.18 -21.58 -19.16
CA ILE A 224 0.20 -20.18 -19.58
C ILE A 224 0.94 -19.38 -18.52
N LYS A 225 1.91 -18.59 -18.97
CA LYS A 225 2.68 -17.72 -18.09
C LYS A 225 2.29 -16.27 -18.35
N VAL A 226 1.95 -15.54 -17.28
CA VAL A 226 1.52 -14.16 -17.37
C VAL A 226 2.45 -13.30 -16.53
N LEU A 227 2.97 -12.23 -17.12
CA LEU A 227 3.82 -11.27 -16.43
C LEU A 227 3.09 -9.93 -16.44
N ASN A 228 2.38 -9.63 -15.35
CA ASN A 228 1.60 -8.40 -15.25
C ASN A 228 2.46 -7.34 -14.57
N ILE A 229 3.05 -6.46 -15.36
CA ILE A 229 3.86 -5.36 -14.85
C ILE A 229 2.93 -4.20 -14.55
N GLY A 230 2.66 -3.97 -13.26
CA GLY A 230 1.77 -2.90 -12.86
C GLY A 230 2.40 -1.53 -13.07
N THR A 231 1.62 -0.51 -12.73
CA THR A 231 2.03 0.87 -12.87
C THR A 231 1.91 1.60 -11.53
N LEU A 232 2.19 0.89 -10.43
CA LEU A 232 2.16 1.46 -9.08
C LEU A 232 0.80 2.07 -8.75
N SER A 233 -0.27 1.50 -9.31
CA SER A 233 -1.63 2.00 -9.10
C SER A 233 -2.59 0.85 -8.85
N GLU A 234 -2.15 -0.13 -8.06
CA GLU A 234 -3.01 -1.28 -7.77
C GLU A 234 -4.24 -0.87 -6.99
N ASP A 235 -4.10 0.02 -6.03
CA ASP A 235 -5.19 0.45 -5.17
C ASP A 235 -5.42 1.95 -5.31
N TYR A 236 -6.68 2.34 -5.44
CA TYR A 236 -7.07 3.75 -5.46
C TYR A 236 -8.35 3.90 -4.66
N CYS A 237 -8.54 5.08 -4.08
CA CYS A 237 -9.67 5.33 -3.20
C CYS A 237 -10.14 6.77 -3.39
N ILE A 238 -11.34 7.05 -2.90
CA ILE A 238 -11.90 8.40 -2.90
C ILE A 238 -11.75 8.98 -1.50
N SER A 239 -11.37 10.24 -1.42
CA SER A 239 -11.01 10.85 -0.15
C SER A 239 -12.15 10.74 0.85
N PRO A 240 -11.93 10.19 2.05
CA PRO A 240 -13.02 10.00 3.00
C PRO A 240 -13.66 11.29 3.45
N GLU A 241 -12.89 12.37 3.59
CA GLU A 241 -13.48 13.65 3.96
C GLU A 241 -14.35 14.19 2.84
N THR A 242 -13.94 13.99 1.59
CA THR A 242 -14.79 14.38 0.47
C THR A 242 -16.09 13.59 0.46
N LEU A 243 -16.01 12.28 0.71
CA LEU A 243 -17.22 11.47 0.80
C LEU A 243 -18.10 11.90 1.96
N SER A 244 -17.49 12.34 3.06
CA SER A 244 -18.27 12.72 4.24
C SER A 244 -18.96 14.07 4.03
N LYS A 245 -18.27 15.04 3.46
CA LYS A 245 -18.78 16.41 3.43
C LYS A 245 -19.46 16.76 2.12
N ASN A 246 -18.94 16.31 0.99
CA ASN A 246 -19.44 16.73 -0.32
C ASN A 246 -20.23 15.64 -1.04
N SER A 247 -20.75 14.64 -0.32
CA SER A 247 -21.58 13.64 -0.99
C SER A 247 -23.01 14.15 -1.14
N GLY A 248 -23.15 15.37 -1.63
CA GLY A 248 -24.42 15.92 -2.02
C GLY A 248 -24.24 16.82 -3.22
N LYS A 249 -22.98 17.01 -3.60
CA LYS A 249 -22.60 17.92 -4.68
C LYS A 249 -21.97 17.10 -5.81
N GLY A 250 -22.57 17.16 -6.99
CA GLY A 250 -22.07 16.41 -8.13
C GLY A 250 -20.96 17.16 -8.83
N TYR A 251 -20.31 16.42 -9.75
CA TYR A 251 -19.19 16.91 -10.55
C TYR A 251 -18.19 17.67 -9.68
N LEU A 252 -18.21 19.00 -9.72
CA LEU A 252 -17.40 19.79 -8.80
C LEU A 252 -17.64 19.32 -7.37
N SER A 253 -16.57 18.82 -6.73
CA SER A 253 -16.62 18.15 -5.44
C SER A 253 -17.27 16.78 -5.59
N LEU A 254 -16.66 15.77 -4.97
CA LEU A 254 -17.10 14.38 -4.98
C LEU A 254 -16.85 13.70 -6.32
N TRP A 255 -16.51 14.48 -7.36
CA TRP A 255 -16.11 13.90 -8.63
C TRP A 255 -14.93 14.60 -9.29
N ASN A 256 -14.67 15.86 -8.97
CA ASN A 256 -13.52 16.61 -9.48
C ASN A 256 -13.44 16.55 -11.00
N MET A 257 -14.47 17.12 -11.64
CA MET A 257 -14.56 17.21 -13.11
C MET A 257 -14.60 15.84 -13.77
N GLY A 258 -15.08 14.81 -13.07
CA GLY A 258 -15.11 13.47 -13.60
C GLY A 258 -13.81 12.72 -13.50
N GLU A 259 -12.75 13.36 -13.01
CA GLU A 259 -11.50 12.65 -12.79
C GLU A 259 -11.69 11.51 -11.80
N ARG A 260 -12.41 11.77 -10.71
CA ARG A 260 -12.73 10.72 -9.76
C ARG A 260 -13.62 9.64 -10.37
N ILE A 261 -14.55 10.00 -11.24
CA ILE A 261 -15.35 8.99 -11.94
C ILE A 261 -14.45 8.05 -12.72
N VAL A 262 -13.55 8.62 -13.54
CA VAL A 262 -12.70 7.81 -14.40
C VAL A 262 -11.77 6.94 -13.56
N LEU A 263 -11.15 7.53 -12.54
CA LEU A 263 -10.22 6.79 -11.70
C LEU A 263 -10.91 5.68 -10.93
N SER A 264 -12.11 5.95 -10.41
CA SER A 264 -12.85 4.93 -9.68
C SER A 264 -13.27 3.79 -10.59
N THR A 265 -13.74 4.09 -11.80
CA THR A 265 -14.07 3.04 -12.75
C THR A 265 -12.86 2.19 -13.08
N MET A 266 -11.73 2.84 -13.38
CA MET A 266 -10.52 2.11 -13.72
C MET A 266 -10.08 1.20 -12.57
N THR A 267 -10.02 1.76 -11.35
CA THR A 267 -9.58 0.98 -10.21
C THR A 267 -10.52 -0.17 -9.93
N ALA A 268 -11.82 0.08 -9.97
CA ALA A 268 -12.80 -0.95 -9.64
C ALA A 268 -12.77 -2.09 -10.65
N ASN A 269 -12.73 -1.77 -11.95
CA ASN A 269 -12.74 -2.84 -12.92
C ASN A 269 -11.41 -3.59 -12.97
N GLN A 270 -10.29 -2.89 -12.74
CA GLN A 270 -9.01 -3.58 -12.63
C GLN A 270 -9.00 -4.52 -11.44
N HIS A 271 -9.53 -4.07 -10.29
CA HIS A 271 -9.63 -4.94 -9.12
C HIS A 271 -10.50 -6.15 -9.42
N LEU A 272 -11.63 -5.95 -10.09
CA LEU A 272 -12.53 -7.05 -10.40
C LEU A 272 -11.84 -8.07 -11.31
N GLN A 273 -11.22 -7.61 -12.39
CA GLN A 273 -10.58 -8.53 -13.32
C GLN A 273 -9.42 -9.27 -12.65
N ARG A 274 -8.61 -8.56 -11.85
CA ARG A 274 -7.53 -9.22 -11.13
C ARG A 274 -8.08 -10.26 -10.16
N PHE A 275 -9.19 -9.94 -9.49
CA PHE A 275 -9.78 -10.89 -8.55
C PHE A 275 -10.27 -12.14 -9.25
N MET A 276 -10.94 -12.00 -10.39
CA MET A 276 -11.37 -13.18 -11.13
C MET A 276 -10.19 -13.99 -11.63
N LEU A 277 -9.14 -13.32 -12.12
CA LEU A 277 -7.95 -14.04 -12.59
C LEU A 277 -7.32 -14.84 -11.45
N LEU A 278 -7.16 -14.20 -10.29
CA LEU A 278 -6.57 -14.88 -9.14
C LEU A 278 -7.42 -16.05 -8.68
N ARG A 279 -8.75 -15.87 -8.64
CA ARG A 279 -9.61 -16.97 -8.21
C ARG A 279 -9.55 -18.13 -9.19
N GLU A 280 -9.55 -17.85 -10.49
CA GLU A 280 -9.47 -18.91 -11.48
C GLU A 280 -8.16 -19.66 -11.37
N PHE A 281 -7.04 -18.94 -11.21
CA PHE A 281 -5.75 -19.60 -11.08
C PHE A 281 -5.68 -20.43 -9.81
N GLU A 282 -6.23 -19.92 -8.70
CA GLU A 282 -6.23 -20.68 -7.46
C GLU A 282 -7.09 -21.94 -7.59
N ALA A 283 -8.24 -21.83 -8.26
CA ALA A 283 -9.07 -23.00 -8.49
C ALA A 283 -8.35 -24.03 -9.36
N LEU A 284 -7.55 -23.55 -10.32
CA LEU A 284 -6.76 -24.46 -11.14
C LEU A 284 -5.50 -24.97 -10.43
N LYS A 285 -5.19 -24.44 -9.25
CA LYS A 285 -3.98 -24.80 -8.51
C LYS A 285 -2.72 -24.47 -9.31
N ILE A 286 -2.74 -23.35 -10.02
CA ILE A 286 -1.62 -22.90 -10.85
C ILE A 286 -1.23 -21.46 -10.49
N GLU A 287 -1.47 -21.07 -9.23
CA GLU A 287 -1.22 -19.69 -8.82
C GLU A 287 0.21 -19.24 -9.08
N LYS A 288 1.16 -20.17 -9.14
CA LYS A 288 2.53 -19.80 -9.49
C LYS A 288 2.66 -19.33 -10.94
N ASN A 289 1.68 -19.62 -11.79
CA ASN A 289 1.75 -19.21 -13.19
C ASN A 289 1.59 -17.71 -13.38
N TYR A 290 1.13 -16.98 -12.37
CA TYR A 290 0.88 -15.55 -12.47
C TYR A 290 1.94 -14.81 -11.66
N VAL A 291 2.73 -13.99 -12.33
CA VAL A 291 3.74 -13.16 -11.70
C VAL A 291 3.36 -11.71 -11.93
N GLU A 292 3.12 -10.97 -10.86
CA GLU A 292 2.74 -9.57 -10.93
C GLU A 292 3.73 -8.74 -10.13
N ILE A 293 4.13 -7.60 -10.71
CA ILE A 293 5.04 -6.67 -10.05
C ILE A 293 4.28 -5.37 -9.81
N ASP A 294 4.13 -5.01 -8.54
CA ASP A 294 3.40 -3.80 -8.16
C ASP A 294 3.68 -3.52 -6.69
N GLU A 295 3.68 -2.24 -6.34
CA GLU A 295 3.86 -1.80 -4.97
C GLU A 295 2.84 -0.72 -4.66
N THR A 296 2.40 -0.67 -3.40
CA THR A 296 1.51 0.39 -2.95
C THR A 296 2.34 1.60 -2.56
N ILE A 297 2.08 2.73 -3.19
CA ILE A 297 2.89 3.94 -2.95
C ILE A 297 2.61 4.47 -1.56
N PRO A 298 3.63 4.79 -0.76
CA PRO A 298 3.40 5.23 0.62
C PRO A 298 2.65 6.54 0.74
N ASN A 299 2.39 6.96 1.98
CA ASN A 299 1.47 8.05 2.29
C ASN A 299 1.74 9.34 1.53
N GLU A 300 2.91 9.94 1.73
CA GLU A 300 3.17 11.26 1.15
C GLU A 300 3.38 11.20 -0.36
N ALA A 301 3.77 10.05 -0.90
CA ALA A 301 4.01 9.94 -2.32
C ALA A 301 2.78 9.46 -3.08
N ALA A 302 1.87 8.74 -2.42
CA ALA A 302 0.66 8.28 -3.09
C ALA A 302 -0.20 9.45 -3.55
N ALA A 303 -0.36 10.46 -2.69
CA ALA A 303 -1.12 11.65 -3.05
C ALA A 303 -0.40 12.53 -4.06
N GLU A 304 0.77 12.12 -4.53
CA GLU A 304 1.57 12.88 -5.48
C GLU A 304 1.66 12.22 -6.85
N ILE A 305 2.01 10.94 -6.90
CA ILE A 305 2.21 10.25 -8.18
C ILE A 305 0.84 9.86 -8.71
N THR A 306 0.38 10.60 -9.73
CA THR A 306 -0.90 10.32 -10.39
C THR A 306 -0.67 10.31 -11.89
N LEU A 307 -1.75 10.16 -12.64
CA LEU A 307 -1.62 10.14 -14.10
C LEU A 307 -1.69 11.57 -14.63
N ASP A 308 -0.96 12.49 -14.01
CA ASP A 308 -1.02 13.88 -14.43
C ASP A 308 0.34 14.58 -14.42
N ASN A 309 1.25 14.10 -13.59
CA ASN A 309 2.43 14.88 -13.23
C ASN A 309 3.69 14.35 -13.90
N ALA A 310 4.40 15.24 -14.58
CA ALA A 310 5.71 14.96 -15.16
C ALA A 310 6.82 15.63 -14.35
N SER A 311 6.54 15.92 -13.08
CA SER A 311 7.53 16.56 -12.23
C SER A 311 8.74 15.63 -12.04
N GLU A 312 9.91 16.24 -11.89
CA GLU A 312 11.15 15.47 -11.79
C GLU A 312 11.11 14.52 -10.60
N GLY A 313 10.50 14.93 -9.49
CA GLY A 313 10.43 14.06 -8.33
C GLY A 313 9.65 12.79 -8.59
N CYS A 314 8.49 12.91 -9.24
CA CYS A 314 7.67 11.74 -9.55
C CYS A 314 8.39 10.81 -10.50
N LEU A 315 9.06 11.36 -11.53
CA LEU A 315 9.81 10.53 -12.46
C LEU A 315 10.96 9.82 -11.76
N LYS A 316 11.68 10.51 -10.88
CA LYS A 316 12.76 9.90 -10.13
C LYS A 316 12.23 8.76 -9.26
N ALA A 317 11.12 8.99 -8.57
CA ALA A 317 10.55 7.96 -7.71
C ALA A 317 10.13 6.75 -8.52
N LEU A 318 9.49 6.98 -9.67
CA LEU A 318 9.06 5.88 -10.52
C LEU A 318 10.25 5.07 -11.03
N ARG A 319 11.30 5.77 -11.49
CA ARG A 319 12.47 5.07 -12.00
C ARG A 319 13.18 4.28 -10.91
N GLY A 320 13.33 4.87 -9.72
CA GLY A 320 13.96 4.15 -8.63
C GLY A 320 13.17 2.93 -8.20
N SER A 321 11.84 3.09 -8.11
CA SER A 321 10.98 1.95 -7.76
C SER A 321 11.10 0.85 -8.81
N GLY A 322 11.13 1.22 -10.10
CA GLY A 322 11.26 0.22 -11.14
C GLY A 322 12.58 -0.53 -11.05
N LYS A 323 13.67 0.21 -10.87
CA LYS A 323 14.98 -0.45 -10.78
C LYS A 323 15.05 -1.37 -9.57
N LYS A 324 14.58 -0.91 -8.41
CA LYS A 324 14.65 -1.71 -7.20
C LYS A 324 13.77 -2.96 -7.33
N LEU A 325 12.55 -2.80 -7.85
CA LEU A 325 11.65 -3.94 -8.02
C LEU A 325 12.23 -4.95 -9.00
N ALA A 326 12.78 -4.46 -10.12
CA ALA A 326 13.36 -5.37 -11.11
C ALA A 326 14.50 -6.18 -10.50
N ALA A 327 15.43 -5.49 -9.82
CA ALA A 327 16.56 -6.18 -9.23
C ALA A 327 16.11 -7.20 -8.19
N GLU A 328 15.21 -6.78 -7.28
CA GLU A 328 14.78 -7.67 -6.21
C GLU A 328 14.04 -8.89 -6.75
N ARG A 329 13.13 -8.68 -7.70
CA ARG A 329 12.35 -9.78 -8.22
C ARG A 329 13.19 -10.72 -9.07
N TYR A 330 14.17 -10.17 -9.80
CA TYR A 330 15.06 -11.03 -10.59
C TYR A 330 15.94 -11.87 -9.67
N THR A 331 16.41 -11.28 -8.56
CA THR A 331 17.24 -12.04 -7.64
C THR A 331 16.44 -13.10 -6.87
N LYS A 332 15.21 -12.77 -6.50
CA LYS A 332 14.43 -13.66 -5.63
C LYS A 332 13.61 -14.67 -6.42
N ASN A 333 12.70 -14.18 -7.26
CA ASN A 333 11.73 -15.04 -7.92
C ASN A 333 12.38 -15.87 -9.01
N GLU A 334 12.16 -17.19 -8.96
CA GLU A 334 12.65 -18.06 -10.02
C GLU A 334 11.79 -17.96 -11.28
N GLU A 335 10.48 -17.72 -11.10
CA GLU A 335 9.58 -17.67 -12.24
C GLU A 335 9.95 -16.54 -13.20
N LEU A 336 10.43 -15.42 -12.64
CA LEU A 336 10.92 -14.34 -13.50
C LEU A 336 12.11 -14.81 -14.33
N ARG A 337 12.95 -15.68 -13.77
CA ARG A 337 14.06 -16.24 -14.52
C ARG A 337 13.56 -17.16 -15.63
N ASN A 338 12.63 -18.06 -15.31
CA ASN A 338 12.11 -18.96 -16.34
C ASN A 338 11.31 -18.22 -17.40
N PHE A 339 10.85 -17.00 -17.12
CA PHE A 339 10.18 -16.21 -18.15
C PHE A 339 11.13 -15.90 -19.30
N PHE A 340 12.37 -15.55 -18.99
CA PHE A 340 13.36 -15.18 -20.00
C PHE A 340 14.40 -16.26 -20.23
N LEU A 341 14.20 -17.46 -19.67
CA LEU A 341 15.13 -18.55 -19.91
C LEU A 341 15.20 -18.95 -21.37
N LYS A 342 14.17 -18.67 -22.16
CA LYS A 342 14.15 -19.03 -23.57
C LYS A 342 13.35 -18.00 -24.35
N LYS A 343 13.70 -17.84 -25.62
CA LYS A 343 13.03 -16.87 -26.48
C LYS A 343 11.73 -17.44 -27.04
N ALA A 344 11.01 -16.62 -27.79
CA ALA A 344 9.74 -17.00 -28.38
C ALA A 344 9.80 -16.81 -29.90
N GLU A 345 9.26 -17.78 -30.63
CA GLU A 345 9.28 -17.72 -32.08
C GLU A 345 8.31 -16.65 -32.57
N PRO A 346 8.75 -15.73 -33.45
CA PRO A 346 7.82 -14.74 -33.99
C PRO A 346 6.70 -15.41 -34.77
N PHE A 347 5.50 -14.84 -34.66
CA PHE A 347 4.34 -15.39 -35.33
C PHE A 347 4.31 -14.99 -36.80
N VAL A 348 3.86 -15.90 -37.64
CA VAL A 348 3.78 -15.70 -39.08
C VAL A 348 2.31 -15.50 -39.45
N PRO A 349 1.93 -14.34 -40.02
CA PRO A 349 0.55 -14.05 -40.43
C PRO A 349 0.00 -15.06 -41.43
N GLU B 9 -28.62 -29.14 -13.18
CA GLU B 9 -28.71 -27.86 -13.88
C GLU B 9 -28.94 -26.71 -12.91
N ILE B 10 -28.25 -25.60 -13.16
CA ILE B 10 -28.33 -24.40 -12.32
C ILE B 10 -28.87 -23.26 -13.16
N LYS B 11 -29.90 -22.59 -12.66
CA LYS B 11 -30.52 -21.47 -13.36
C LYS B 11 -30.14 -20.17 -12.68
N ILE B 12 -29.71 -19.19 -13.48
CA ILE B 12 -29.29 -17.89 -12.99
C ILE B 12 -30.11 -16.83 -13.69
N LEU B 13 -30.63 -15.88 -12.91
CA LEU B 13 -31.35 -14.73 -13.44
C LEU B 13 -30.53 -13.48 -13.16
N SER B 14 -30.06 -12.83 -14.22
CA SER B 14 -29.24 -11.63 -14.11
C SER B 14 -29.98 -10.48 -14.80
N LEU B 15 -30.13 -9.37 -14.08
CA LEU B 15 -30.83 -8.20 -14.59
C LEU B 15 -29.86 -7.04 -14.71
N ASN B 16 -29.87 -6.39 -15.87
CA ASN B 16 -29.01 -5.23 -16.10
C ASN B 16 -29.60 -4.00 -15.44
N GLY B 17 -28.86 -2.90 -15.48
CA GLY B 17 -29.29 -1.62 -14.94
C GLY B 17 -29.73 -0.70 -16.07
N GLY B 18 -30.96 -0.20 -15.96
CA GLY B 18 -31.50 0.65 -17.00
C GLY B 18 -32.26 1.86 -16.49
N GLY B 19 -32.39 1.98 -15.17
CA GLY B 19 -33.16 3.08 -14.61
C GLY B 19 -34.64 2.93 -14.89
N VAL B 20 -35.21 3.89 -15.63
CA VAL B 20 -36.61 3.76 -16.04
C VAL B 20 -36.80 2.56 -16.94
N ARG B 21 -35.76 2.20 -17.69
CA ARG B 21 -35.83 1.04 -18.58
C ARG B 21 -35.94 -0.28 -17.82
N GLY B 22 -35.73 -0.26 -16.50
CA GLY B 22 -36.08 -1.42 -15.69
C GLY B 22 -37.56 -1.73 -15.67
N LEU B 23 -38.39 -0.78 -16.11
CA LEU B 23 -39.80 -1.10 -16.32
C LEU B 23 -39.97 -2.23 -17.33
N PHE B 24 -39.12 -2.26 -18.35
CA PHE B 24 -39.14 -3.37 -19.30
C PHE B 24 -38.84 -4.68 -18.60
N THR B 25 -37.82 -4.70 -17.74
CA THR B 25 -37.48 -5.92 -17.01
C THR B 25 -38.66 -6.38 -16.15
N ILE B 26 -39.22 -5.47 -15.37
CA ILE B 26 -40.29 -5.86 -14.45
C ILE B 26 -41.55 -6.26 -15.21
N THR B 27 -41.84 -5.59 -16.33
CA THR B 27 -43.00 -5.95 -17.13
C THR B 27 -42.82 -7.32 -17.78
N LEU B 28 -41.61 -7.61 -18.26
CA LEU B 28 -41.34 -8.93 -18.83
C LEU B 28 -41.51 -10.01 -17.76
N LEU B 29 -40.98 -9.76 -16.56
CA LEU B 29 -41.11 -10.74 -15.48
C LEU B 29 -42.58 -10.95 -15.08
N ALA B 30 -43.34 -9.86 -14.98
CA ALA B 30 -44.75 -9.98 -14.60
C ALA B 30 -45.57 -10.68 -15.69
N GLU B 31 -45.31 -10.37 -16.96
CA GLU B 31 -46.03 -11.03 -18.04
C GLU B 31 -45.66 -12.50 -18.12
N LEU B 32 -44.39 -12.85 -17.85
CA LEU B 32 -44.01 -14.24 -17.78
C LEU B 32 -44.73 -14.96 -16.64
N GLU B 33 -44.84 -14.29 -15.48
CA GLU B 33 -45.60 -14.86 -14.38
C GLU B 33 -47.04 -15.14 -14.79
N SER B 34 -47.67 -14.17 -15.44
CA SER B 34 -49.06 -14.33 -15.86
C SER B 34 -49.20 -15.46 -16.88
N ILE B 35 -48.26 -15.54 -17.84
CA ILE B 35 -48.33 -16.56 -18.86
C ILE B 35 -48.16 -17.95 -18.25
N ILE B 36 -47.24 -18.08 -17.30
CA ILE B 36 -47.09 -19.36 -16.61
C ILE B 36 -48.38 -19.71 -15.87
N GLU B 37 -48.95 -18.73 -15.16
CA GLU B 37 -50.15 -18.98 -14.37
C GLU B 37 -51.31 -19.44 -15.25
N LYS B 38 -51.46 -18.86 -16.43
CA LYS B 38 -52.56 -19.25 -17.31
C LYS B 38 -52.27 -20.57 -18.01
N ARG B 39 -51.18 -20.64 -18.77
CA ARG B 39 -50.92 -21.82 -19.59
C ARG B 39 -50.66 -23.06 -18.73
N GLU B 40 -49.76 -22.96 -17.75
CA GLU B 40 -49.45 -24.11 -16.91
C GLU B 40 -50.48 -24.35 -15.82
N LYS B 41 -51.45 -23.45 -15.66
CA LYS B 41 -52.53 -23.59 -14.69
C LYS B 41 -51.99 -23.76 -13.27
N CYS B 42 -51.14 -22.81 -12.88
CA CYS B 42 -50.60 -22.76 -11.52
C CYS B 42 -51.41 -21.78 -10.68
N GLU B 43 -51.20 -21.85 -9.37
CA GLU B 43 -51.91 -21.01 -8.42
C GLU B 43 -50.92 -20.33 -7.49
N ASN B 44 -51.01 -19.01 -7.36
CA ASN B 44 -50.17 -18.22 -6.47
C ASN B 44 -48.69 -18.50 -6.74
N VAL B 45 -48.27 -18.20 -7.96
CA VAL B 45 -46.91 -18.46 -8.38
C VAL B 45 -46.04 -17.24 -8.09
N LYS B 46 -44.74 -17.48 -7.95
CA LYS B 46 -43.73 -16.43 -7.84
C LYS B 46 -42.60 -16.76 -8.80
N ILE B 47 -42.16 -15.76 -9.57
CA ILE B 47 -41.17 -16.02 -10.60
C ILE B 47 -39.76 -16.11 -10.03
N GLY B 48 -39.56 -15.72 -8.78
CA GLY B 48 -38.25 -15.86 -8.15
C GLY B 48 -37.93 -17.24 -7.65
N ASP B 49 -38.86 -18.18 -7.77
CA ASP B 49 -38.67 -19.54 -7.30
C ASP B 49 -38.08 -20.46 -8.37
N TYR B 50 -37.81 -19.94 -9.57
CA TYR B 50 -37.30 -20.74 -10.68
C TYR B 50 -35.82 -20.45 -10.96
N PHE B 51 -35.11 -19.86 -10.01
CA PHE B 51 -33.72 -19.51 -10.19
C PHE B 51 -32.92 -19.87 -8.96
N ASP B 52 -31.75 -20.48 -9.16
CA ASP B 52 -30.88 -20.82 -8.06
C ASP B 52 -30.05 -19.64 -7.58
N LEU B 53 -29.96 -18.58 -8.37
CA LEU B 53 -29.22 -17.39 -7.99
C LEU B 53 -29.74 -16.23 -8.81
N ILE B 54 -30.12 -15.15 -8.14
CA ILE B 54 -30.75 -14.00 -8.78
C ILE B 54 -29.82 -12.81 -8.57
N THR B 55 -28.94 -12.58 -9.54
CA THR B 55 -28.05 -11.44 -9.49
C THR B 55 -28.75 -10.20 -10.06
N GLY B 56 -28.07 -9.07 -10.03
CA GLY B 56 -28.65 -7.84 -10.56
C GLY B 56 -27.68 -6.69 -10.40
N THR B 57 -28.08 -5.56 -10.97
CA THR B 57 -27.28 -4.34 -10.93
C THR B 57 -28.20 -3.15 -11.07
N SER B 58 -28.01 -2.14 -10.21
CA SER B 58 -28.79 -0.90 -10.21
C SER B 58 -30.25 -1.26 -9.97
N ILE B 59 -31.19 -0.72 -10.75
CA ILE B 59 -32.60 -1.07 -10.56
C ILE B 59 -32.83 -2.54 -10.88
N GLY B 60 -32.02 -3.13 -11.76
CA GLY B 60 -32.04 -4.57 -11.90
C GLY B 60 -31.69 -5.28 -10.60
N GLY B 61 -30.71 -4.74 -9.87
CA GLY B 61 -30.39 -5.29 -8.56
C GLY B 61 -31.53 -5.11 -7.56
N ILE B 62 -32.23 -3.98 -7.64
CA ILE B 62 -33.39 -3.75 -6.79
C ILE B 62 -34.45 -4.80 -7.06
N LEU B 63 -34.72 -5.05 -8.34
CA LEU B 63 -35.71 -6.07 -8.71
C LEU B 63 -35.24 -7.46 -8.28
N ALA B 64 -33.94 -7.73 -8.38
CA ALA B 64 -33.41 -9.00 -7.93
C ALA B 64 -33.61 -9.18 -6.43
N LEU B 65 -33.36 -8.12 -5.65
CA LEU B 65 -33.62 -8.19 -4.21
C LEU B 65 -35.10 -8.39 -3.92
N GLY B 66 -35.97 -7.73 -4.70
CA GLY B 66 -37.40 -7.93 -4.52
C GLY B 66 -37.83 -9.35 -4.78
N LEU B 67 -37.31 -9.94 -5.86
CA LEU B 67 -37.64 -11.34 -6.16
C LEU B 67 -37.08 -12.28 -5.10
N ALA B 68 -35.88 -12.00 -4.61
CA ALA B 68 -35.29 -12.85 -3.58
C ALA B 68 -36.04 -12.76 -2.27
N SER B 69 -36.58 -11.59 -1.94
CA SER B 69 -37.31 -11.41 -0.69
C SER B 69 -38.66 -12.13 -0.71
N GLY B 70 -39.10 -12.63 -1.86
CA GLY B 70 -40.36 -13.34 -1.98
C GLY B 70 -41.44 -12.56 -2.69
N LYS B 71 -41.25 -11.28 -2.93
CA LYS B 71 -42.25 -10.49 -3.65
C LYS B 71 -42.40 -10.99 -5.09
N SER B 72 -43.63 -11.13 -5.53
CA SER B 72 -43.89 -11.54 -6.90
C SER B 72 -43.62 -10.38 -7.86
N ALA B 73 -43.55 -10.72 -9.15
CA ALA B 73 -43.26 -9.71 -10.16
C ALA B 73 -44.44 -8.79 -10.42
N ARG B 74 -45.66 -9.20 -10.08
CA ARG B 74 -46.82 -8.37 -10.35
C ARG B 74 -46.93 -7.21 -9.36
N GLU B 75 -46.81 -7.49 -8.06
CA GLU B 75 -46.79 -6.42 -7.08
C GLU B 75 -45.56 -5.54 -7.26
N LEU B 76 -44.43 -6.15 -7.63
CA LEU B 76 -43.23 -5.40 -7.95
C LEU B 76 -43.49 -4.44 -9.11
N LYS B 77 -44.19 -4.91 -10.14
CA LYS B 77 -44.52 -4.06 -11.29
C LYS B 77 -45.46 -2.93 -10.88
N GLU B 78 -46.44 -3.22 -10.02
CA GLU B 78 -47.34 -2.17 -9.56
C GLU B 78 -46.58 -1.10 -8.79
N ALA B 79 -45.67 -1.52 -7.90
CA ALA B 79 -44.87 -0.55 -7.15
C ALA B 79 -43.99 0.26 -8.09
N PHE B 80 -43.37 -0.40 -9.07
CA PHE B 80 -42.60 0.31 -10.09
C PHE B 80 -43.47 1.35 -10.80
N GLU B 81 -44.69 0.97 -11.16
CA GLU B 81 -45.55 1.85 -11.94
C GLU B 81 -45.94 3.08 -11.14
N ILE B 82 -46.30 2.90 -9.87
CA ILE B 82 -46.71 4.06 -9.07
C ILE B 82 -45.51 4.95 -8.77
N ASN B 83 -44.34 4.33 -8.54
CA ASN B 83 -43.20 5.11 -8.06
C ASN B 83 -42.32 5.63 -9.20
N ALA B 84 -42.62 5.26 -10.45
CA ALA B 84 -41.74 5.64 -11.56
C ALA B 84 -41.70 7.15 -11.74
N THR B 85 -42.85 7.81 -11.66
CA THR B 85 -42.92 9.26 -11.85
C THR B 85 -42.35 10.04 -10.68
N LYS B 86 -42.23 9.42 -9.50
CA LYS B 86 -41.68 10.08 -8.32
C LYS B 86 -40.18 9.87 -8.19
N ILE B 87 -39.68 8.68 -8.56
CA ILE B 87 -38.23 8.47 -8.59
C ILE B 87 -37.57 9.40 -9.59
N PHE B 88 -38.20 9.61 -10.75
CA PHE B 88 -37.60 10.35 -11.85
C PHE B 88 -38.56 11.45 -12.27
N PRO B 89 -38.63 12.54 -11.50
CA PRO B 89 -39.56 13.62 -11.81
C PRO B 89 -39.23 14.31 -13.12
N LEU B 90 -40.28 14.83 -13.76
CA LEU B 90 -40.12 15.63 -14.97
C LEU B 90 -39.32 16.90 -14.70
N LYS B 91 -39.54 17.54 -13.54
CA LYS B 91 -38.81 18.75 -13.20
C LYS B 91 -37.32 18.49 -13.11
N ARG B 92 -36.94 17.26 -12.78
CA ARG B 92 -35.52 16.92 -12.68
C ARG B 92 -34.96 16.48 -14.03
N PHE B 93 -35.74 15.72 -14.81
CA PHE B 93 -35.29 15.31 -16.12
C PHE B 93 -35.06 16.51 -17.02
N LYS B 94 -36.01 17.44 -17.07
CA LYS B 94 -35.75 18.72 -17.71
C LYS B 94 -35.02 19.63 -16.73
N ASN B 95 -34.49 20.74 -17.26
CA ASN B 95 -33.79 21.75 -16.47
C ASN B 95 -32.62 21.10 -15.71
N LYS B 96 -31.67 20.60 -16.51
CA LYS B 96 -30.46 20.04 -15.92
C LYS B 96 -29.34 21.07 -15.88
N GLN B 97 -28.92 21.56 -17.05
CA GLN B 97 -27.92 22.63 -17.18
C GLN B 97 -26.57 22.27 -16.55
N TRP B 98 -25.54 23.04 -16.89
CA TRP B 98 -24.24 22.83 -16.26
C TRP B 98 -24.19 23.39 -14.85
N TRP B 99 -24.85 24.53 -14.60
CA TRP B 99 -24.72 25.16 -13.30
C TRP B 99 -25.41 24.36 -12.20
N ASN B 100 -26.58 23.79 -12.50
CA ASN B 100 -27.28 23.00 -11.48
C ASN B 100 -26.51 21.73 -11.16
N LEU B 101 -25.99 21.05 -12.17
CA LEU B 101 -25.33 19.77 -11.97
C LEU B 101 -23.91 19.92 -11.44
N LEU B 102 -23.33 21.12 -11.54
CA LEU B 102 -22.00 21.35 -10.98
C LEU B 102 -22.03 21.57 -9.47
N ARG B 103 -23.20 21.84 -8.90
CA ARG B 103 -23.33 22.09 -7.47
C ARG B 103 -24.03 20.97 -6.71
N ARG B 104 -24.69 20.06 -7.40
CA ARG B 104 -25.43 18.98 -6.74
C ARG B 104 -25.56 17.82 -7.72
N SER B 105 -26.32 16.80 -7.32
CA SER B 105 -26.60 15.65 -8.15
C SER B 105 -28.07 15.67 -8.56
N ILE B 106 -28.33 15.42 -9.85
CA ILE B 106 -29.70 15.41 -10.33
C ILE B 106 -30.47 14.28 -9.66
N TYR B 107 -31.75 14.55 -9.35
CA TYR B 107 -32.64 13.64 -8.64
C TYR B 107 -32.21 13.46 -7.18
N GLU B 108 -33.18 13.24 -6.30
CA GLU B 108 -32.93 13.06 -4.87
C GLU B 108 -33.00 11.58 -4.50
N SER B 109 -32.32 11.24 -3.41
CA SER B 109 -32.29 9.85 -2.94
C SER B 109 -33.54 9.45 -2.18
N GLU B 110 -34.30 10.41 -1.67
CA GLU B 110 -35.50 10.10 -0.90
C GLU B 110 -36.58 9.40 -1.72
N PRO B 111 -36.93 9.84 -2.95
CA PRO B 111 -38.03 9.17 -3.66
C PRO B 111 -37.79 7.70 -3.94
N LEU B 112 -36.64 7.34 -4.51
CA LEU B 112 -36.41 5.92 -4.76
C LEU B 112 -36.15 5.17 -3.46
N TYR B 113 -35.73 5.85 -2.39
CA TYR B 113 -35.66 5.20 -1.10
C TYR B 113 -37.04 4.78 -0.63
N ASP B 114 -38.03 5.67 -0.76
CA ASP B 114 -39.40 5.33 -0.41
C ASP B 114 -39.93 4.23 -1.34
N ALA B 115 -39.56 4.29 -2.62
CA ALA B 115 -39.99 3.24 -3.55
C ALA B 115 -39.46 1.88 -3.14
N VAL B 116 -38.17 1.81 -2.78
CA VAL B 116 -37.59 0.55 -2.33
C VAL B 116 -38.21 0.11 -1.01
N LYS B 117 -38.53 1.06 -0.13
CA LYS B 117 -39.17 0.70 1.14
C LYS B 117 -40.54 0.06 0.88
N SER B 118 -41.32 0.64 -0.02
CA SER B 118 -42.59 0.03 -0.40
C SER B 118 -42.38 -1.27 -1.18
N MET B 119 -41.22 -1.44 -1.80
CA MET B 119 -40.94 -2.62 -2.60
C MET B 119 -40.63 -3.84 -1.71
N ILE B 120 -39.60 -3.72 -0.89
CA ILE B 120 -39.15 -4.83 -0.06
C ILE B 120 -39.32 -4.58 1.43
N GLY B 121 -39.25 -3.32 1.88
CA GLY B 121 -39.38 -3.01 3.28
C GLY B 121 -38.22 -2.17 3.75
N GLU B 122 -38.03 -2.13 5.06
CA GLU B 122 -36.94 -1.37 5.67
C GLU B 122 -36.14 -2.14 6.70
N THR B 123 -36.66 -3.24 7.24
CA THR B 123 -35.96 -4.01 8.27
C THR B 123 -35.50 -5.37 7.78
N ILE B 124 -35.69 -5.69 6.51
CA ILE B 124 -35.28 -6.98 5.97
C ILE B 124 -33.78 -6.97 5.72
N LYS B 125 -33.11 -8.05 6.11
CA LYS B 125 -31.66 -8.18 5.98
C LYS B 125 -31.33 -9.40 5.13
N PHE B 126 -30.04 -9.52 4.79
CA PHE B 126 -29.59 -10.62 3.97
C PHE B 126 -29.70 -11.96 4.67
N GLU B 127 -29.71 -11.98 6.00
CA GLU B 127 -29.73 -13.24 6.73
C GLU B 127 -31.11 -13.91 6.65
N ASP B 128 -32.18 -13.13 6.55
CA ASP B 128 -33.53 -13.69 6.54
C ASP B 128 -33.96 -14.18 5.17
N LEU B 129 -33.15 -13.97 4.13
CA LEU B 129 -33.54 -14.37 2.80
C LEU B 129 -33.45 -15.88 2.63
N ASN B 130 -34.43 -16.45 1.92
CA ASN B 130 -34.44 -17.87 1.59
C ASN B 130 -33.91 -18.15 0.20
N ARG B 131 -33.62 -17.12 -0.60
CA ARG B 131 -33.10 -17.28 -1.95
C ARG B 131 -31.72 -16.64 -2.04
N ARG B 132 -30.85 -17.25 -2.83
CA ARG B 132 -29.52 -16.71 -3.07
C ARG B 132 -29.61 -15.50 -4.00
N VAL B 133 -28.86 -14.45 -3.66
CA VAL B 133 -28.88 -13.21 -4.45
C VAL B 133 -27.53 -12.54 -4.30
N MET B 134 -26.99 -12.04 -5.41
CA MET B 134 -25.66 -11.41 -5.43
C MET B 134 -25.77 -10.10 -6.20
N ILE B 135 -25.79 -8.98 -5.49
CA ILE B 135 -25.82 -7.65 -6.10
C ILE B 135 -24.38 -7.17 -6.29
N THR B 136 -24.19 -6.18 -7.17
CA THR B 136 -22.88 -5.62 -7.47
C THR B 136 -22.86 -4.13 -7.15
N SER B 137 -21.77 -3.67 -6.56
CA SER B 137 -21.60 -2.26 -6.24
C SER B 137 -20.12 -1.94 -6.17
N VAL B 138 -19.82 -0.64 -6.25
CA VAL B 138 -18.44 -0.15 -6.19
C VAL B 138 -18.27 0.57 -4.86
N ASN B 139 -17.43 0.02 -4.00
CA ASN B 139 -17.16 0.62 -2.68
C ASN B 139 -16.27 1.84 -2.88
N LEU B 140 -16.89 3.03 -2.85
CA LEU B 140 -16.13 4.25 -3.06
C LEU B 140 -15.11 4.48 -1.94
N SER B 141 -15.38 3.97 -0.75
CA SER B 141 -14.51 4.19 0.41
C SER B 141 -13.22 3.38 0.36
N THR B 142 -13.13 2.36 -0.49
CA THR B 142 -11.90 1.60 -0.62
C THR B 142 -11.48 1.51 -2.09
N GLY B 143 -12.46 1.56 -3.00
CA GLY B 143 -12.22 1.44 -4.41
C GLY B 143 -12.45 0.05 -4.98
N LYS B 144 -12.41 -0.97 -4.12
CA LYS B 144 -12.67 -2.33 -4.57
C LYS B 144 -14.17 -2.55 -4.76
N PRO B 145 -14.57 -3.27 -5.81
CA PRO B 145 -16.00 -3.57 -5.98
C PRO B 145 -16.50 -4.43 -4.83
N LYS B 146 -17.73 -4.15 -4.41
CA LYS B 146 -18.38 -4.88 -3.33
C LYS B 146 -19.56 -5.65 -3.87
N PHE B 147 -19.61 -6.95 -3.59
CA PHE B 147 -20.67 -7.84 -4.06
C PHE B 147 -21.50 -8.26 -2.86
N PHE B 148 -22.65 -7.62 -2.67
CA PHE B 148 -23.56 -7.99 -1.61
C PHE B 148 -24.21 -9.33 -1.95
N LYS B 149 -23.90 -10.37 -1.18
CA LYS B 149 -24.46 -11.69 -1.43
C LYS B 149 -24.88 -12.33 -0.11
N THR B 150 -25.85 -13.23 -0.21
CA THR B 150 -26.31 -13.98 0.94
C THR B 150 -25.23 -14.94 1.42
N PRO B 151 -25.27 -15.36 2.69
CA PRO B 151 -24.23 -16.26 3.20
C PRO B 151 -24.32 -17.67 2.62
N HIS B 152 -24.36 -17.77 1.29
CA HIS B 152 -24.27 -19.06 0.62
C HIS B 152 -22.84 -19.58 0.56
N ASN B 153 -21.85 -18.72 0.74
CA ASN B 153 -20.47 -19.14 0.89
C ASN B 153 -20.10 -19.04 2.37
N PRO B 154 -19.73 -20.14 3.02
CA PRO B 154 -19.40 -20.05 4.46
C PRO B 154 -18.30 -19.06 4.77
N MET B 155 -17.36 -18.86 3.85
CA MET B 155 -16.33 -17.84 4.05
C MET B 155 -16.87 -16.43 3.81
N PHE B 156 -17.85 -16.29 2.93
CA PHE B 156 -18.40 -14.98 2.58
C PHE B 156 -19.70 -14.76 3.35
N THR B 157 -19.55 -14.38 4.62
CA THR B 157 -20.67 -14.15 5.52
C THR B 157 -20.49 -12.83 6.26
N MET B 158 -20.14 -11.77 5.53
CA MET B 158 -19.95 -10.45 6.09
C MET B 158 -21.08 -9.48 5.73
N ASP B 159 -22.23 -10.01 5.30
CA ASP B 159 -23.36 -9.17 4.94
C ASP B 159 -24.65 -9.60 5.62
N ARG B 160 -24.58 -10.49 6.62
CA ARG B 160 -25.80 -11.00 7.24
C ARG B 160 -26.57 -9.89 7.96
N GLU B 161 -25.87 -8.97 8.61
CA GLU B 161 -26.51 -7.92 9.38
C GLU B 161 -26.76 -6.66 8.55
N ILE B 162 -26.52 -6.70 7.25
CA ILE B 162 -26.76 -5.56 6.37
C ILE B 162 -28.14 -5.69 5.77
N ARG B 163 -28.93 -4.62 5.84
CA ARG B 163 -30.31 -4.66 5.35
C ARG B 163 -30.33 -4.70 3.83
N LEU B 164 -31.41 -5.30 3.30
CA LEU B 164 -31.60 -5.36 1.85
C LEU B 164 -31.76 -3.97 1.25
N ILE B 165 -32.48 -3.09 1.95
CA ILE B 165 -32.73 -1.75 1.42
C ILE B 165 -31.42 -0.98 1.28
N ASP B 166 -30.48 -1.18 2.20
CA ASP B 166 -29.18 -0.52 2.08
C ASP B 166 -28.45 -0.97 0.82
N ALA B 167 -28.45 -2.28 0.54
CA ALA B 167 -27.81 -2.77 -0.67
C ALA B 167 -28.51 -2.26 -1.92
N ALA B 168 -29.83 -2.23 -1.91
CA ALA B 168 -30.57 -1.74 -3.07
C ALA B 168 -30.27 -0.27 -3.32
N MET B 169 -30.22 0.54 -2.26
CA MET B 169 -29.89 1.94 -2.41
C MET B 169 -28.46 2.12 -2.90
N ALA B 170 -27.53 1.29 -2.41
CA ALA B 170 -26.13 1.41 -2.81
C ALA B 170 -25.94 1.06 -4.29
N THR B 171 -26.52 -0.05 -4.73
CA THR B 171 -26.30 -0.51 -6.10
C THR B 171 -26.96 0.38 -7.14
N SER B 172 -28.03 1.09 -6.77
CA SER B 172 -28.74 1.96 -7.69
C SER B 172 -28.24 3.39 -7.67
N ALA B 173 -27.22 3.68 -6.86
CA ALA B 173 -26.68 5.03 -6.73
C ALA B 173 -25.75 5.30 -7.91
N ALA B 174 -26.35 5.76 -9.01
CA ALA B 174 -25.56 6.11 -10.19
C ALA B 174 -24.63 7.27 -9.85
N PRO B 175 -23.43 7.31 -10.43
CA PRO B 175 -22.46 8.36 -10.08
C PRO B 175 -23.01 9.78 -10.19
N THR B 176 -23.65 10.11 -11.31
CA THR B 176 -24.18 11.45 -11.49
C THR B 176 -25.68 11.51 -11.24
N TYR B 177 -26.42 10.49 -11.68
CA TYR B 177 -27.87 10.50 -11.57
C TYR B 177 -28.38 10.40 -10.14
N PHE B 178 -27.51 10.10 -9.17
CA PHE B 178 -27.90 10.04 -7.77
C PHE B 178 -26.69 10.45 -6.93
N LYS B 179 -26.78 10.18 -5.63
CA LYS B 179 -25.66 10.44 -4.74
C LYS B 179 -25.14 9.14 -4.16
N PRO B 180 -23.86 9.08 -3.79
CA PRO B 180 -23.34 7.86 -3.17
C PRO B 180 -24.09 7.51 -1.90
N HIS B 181 -24.35 6.22 -1.72
CA HIS B 181 -25.16 5.75 -0.60
C HIS B 181 -24.27 5.37 0.57
N TYR B 182 -24.49 6.02 1.71
CA TYR B 182 -23.77 5.72 2.93
C TYR B 182 -24.44 4.56 3.66
N ILE B 183 -23.65 3.56 4.02
CA ILE B 183 -24.11 2.43 4.81
C ILE B 183 -23.60 2.64 6.24
N GLU B 184 -24.52 2.74 7.19
CA GLU B 184 -24.13 2.97 8.57
C GLU B 184 -23.34 1.80 9.15
N LYS B 185 -23.73 0.57 8.81
CA LYS B 185 -23.10 -0.60 9.41
C LYS B 185 -21.63 -0.72 9.02
N LEU B 186 -21.30 -0.46 7.75
CA LEU B 186 -19.94 -0.57 7.27
C LEU B 186 -19.18 0.75 7.28
N GLU B 187 -19.87 1.87 7.52
CA GLU B 187 -19.25 3.20 7.52
C GLU B 187 -18.53 3.48 6.21
N ASN B 188 -19.12 3.03 5.10
CA ASN B 188 -18.55 3.20 3.78
C ASN B 188 -19.60 3.70 2.81
N TYR B 189 -19.14 4.46 1.81
CA TYR B 189 -20.00 4.95 0.74
C TYR B 189 -19.85 4.05 -0.49
N PHE B 190 -20.94 3.87 -1.22
CA PHE B 190 -20.98 2.95 -2.35
C PHE B 190 -21.57 3.64 -3.56
N ALA B 191 -21.20 3.14 -4.73
CA ALA B 191 -21.64 3.69 -6.02
C ALA B 191 -22.39 2.62 -6.81
N ASP B 192 -22.74 2.95 -8.04
CA ASP B 192 -23.53 2.06 -8.88
C ASP B 192 -22.70 0.84 -9.29
N GLY B 193 -23.36 -0.31 -9.37
CA GLY B 193 -22.69 -1.52 -9.80
C GLY B 193 -22.47 -1.62 -11.29
N GLY B 194 -23.03 -0.71 -12.08
CA GLY B 194 -22.79 -0.71 -13.51
C GLY B 194 -21.41 -0.24 -13.90
N LEU B 195 -20.66 0.36 -12.98
CA LEU B 195 -19.29 0.75 -13.27
C LEU B 195 -18.36 -0.46 -13.34
N VAL B 196 -18.73 -1.56 -12.69
CA VAL B 196 -17.96 -2.80 -12.75
C VAL B 196 -18.64 -3.83 -13.64
N ALA B 197 -19.95 -4.06 -13.44
CA ALA B 197 -20.64 -5.09 -14.21
C ALA B 197 -22.09 -4.63 -14.40
N ASN B 198 -22.36 -4.01 -15.54
CA ASN B 198 -23.75 -3.71 -15.91
C ASN B 198 -24.49 -4.95 -16.34
N ASN B 199 -23.78 -6.01 -16.74
CA ASN B 199 -24.37 -7.31 -17.02
C ASN B 199 -23.79 -8.30 -16.04
N PRO B 200 -24.48 -8.60 -14.94
CA PRO B 200 -23.90 -9.46 -13.91
C PRO B 200 -24.00 -10.94 -14.23
N SER B 201 -24.27 -11.27 -15.49
CA SER B 201 -24.41 -12.67 -15.88
C SER B 201 -23.08 -13.41 -15.71
N TYR B 202 -22.01 -12.87 -16.30
CA TYR B 202 -20.72 -13.56 -16.29
C TYR B 202 -20.18 -13.73 -14.88
N ILE B 203 -20.20 -12.64 -14.10
CA ILE B 203 -19.75 -12.75 -12.72
C ILE B 203 -20.69 -13.66 -11.93
N GLY B 204 -21.96 -13.74 -12.33
CA GLY B 204 -22.86 -14.70 -11.70
C GLY B 204 -22.42 -16.14 -11.92
N ILE B 205 -22.06 -16.48 -13.16
CA ILE B 205 -21.55 -17.83 -13.44
C ILE B 205 -20.23 -18.07 -12.71
N ARG B 206 -19.37 -17.04 -12.66
CA ARG B 206 -18.12 -17.20 -11.92
C ARG B 206 -18.37 -17.48 -10.46
N GLU B 207 -19.32 -16.75 -9.84
CA GLU B 207 -19.65 -16.99 -8.45
C GLU B 207 -20.25 -18.39 -8.27
N VAL B 208 -21.08 -18.83 -9.20
CA VAL B 208 -21.68 -20.16 -9.11
C VAL B 208 -20.59 -21.22 -9.15
N LEU B 209 -19.61 -21.06 -10.05
CA LEU B 209 -18.59 -22.07 -10.22
C LEU B 209 -17.56 -22.08 -9.09
N ILE B 210 -17.25 -20.92 -8.51
CA ILE B 210 -16.18 -20.83 -7.54
C ILE B 210 -16.67 -20.69 -6.10
N ASP B 211 -17.81 -20.04 -5.86
CA ASP B 211 -18.24 -19.73 -4.50
C ASP B 211 -19.23 -20.76 -3.95
N MET B 212 -20.36 -20.97 -4.61
CA MET B 212 -21.34 -21.91 -4.09
C MET B 212 -21.01 -23.34 -4.51
N LYS B 213 -19.76 -23.75 -4.29
CA LYS B 213 -19.35 -25.12 -4.60
C LYS B 213 -19.80 -26.11 -3.53
N ASN B 214 -20.19 -25.62 -2.35
CA ASN B 214 -20.68 -26.53 -1.32
C ASN B 214 -22.06 -27.08 -1.67
N ASP B 215 -22.95 -26.21 -2.16
CA ASP B 215 -24.29 -26.66 -2.55
C ASP B 215 -24.22 -27.60 -3.76
N PHE B 216 -23.50 -27.18 -4.80
CA PHE B 216 -23.29 -28.02 -5.97
C PHE B 216 -21.81 -28.36 -6.07
N PRO B 217 -21.39 -29.57 -5.72
CA PRO B 217 -19.96 -29.91 -5.72
C PRO B 217 -19.40 -30.31 -7.08
N ASP B 218 -20.24 -30.41 -8.12
CA ASP B 218 -19.79 -30.78 -9.46
C ASP B 218 -20.42 -29.84 -10.48
N ALA B 219 -20.43 -28.55 -10.18
CA ALA B 219 -21.00 -27.56 -11.08
C ALA B 219 -20.06 -27.32 -12.25
N LYS B 220 -20.60 -27.38 -13.47
CA LYS B 220 -19.84 -27.16 -14.68
C LYS B 220 -20.58 -26.18 -15.58
N PRO B 221 -19.87 -25.48 -16.48
CA PRO B 221 -20.56 -24.54 -17.39
C PRO B 221 -21.63 -25.21 -18.23
N GLU B 222 -21.46 -26.51 -18.52
CA GLU B 222 -22.45 -27.25 -19.28
C GLU B 222 -23.77 -27.41 -18.53
N ASN B 223 -23.75 -27.25 -17.21
CA ASN B 223 -24.94 -27.40 -16.39
C ASN B 223 -25.45 -26.08 -15.83
N ILE B 224 -25.05 -24.96 -16.44
CA ILE B 224 -25.42 -23.62 -15.96
C ILE B 224 -26.18 -22.91 -17.07
N LYS B 225 -27.41 -22.52 -16.79
CA LYS B 225 -28.26 -21.79 -17.71
C LYS B 225 -28.53 -20.40 -17.15
N VAL B 226 -28.37 -19.38 -17.98
CA VAL B 226 -28.48 -17.99 -17.56
C VAL B 226 -29.59 -17.32 -18.35
N LEU B 227 -30.52 -16.67 -17.65
CA LEU B 227 -31.60 -15.91 -18.26
C LEU B 227 -31.32 -14.44 -17.97
N ASN B 228 -30.61 -13.79 -18.88
CA ASN B 228 -30.23 -12.39 -18.72
C ASN B 228 -31.30 -11.51 -19.37
N ILE B 229 -31.97 -10.70 -18.55
CA ILE B 229 -33.00 -9.78 -19.03
C ILE B 229 -32.41 -8.38 -19.04
N GLY B 230 -32.30 -7.80 -20.23
CA GLY B 230 -31.73 -6.48 -20.38
C GLY B 230 -32.75 -5.37 -20.23
N THR B 231 -32.29 -4.14 -20.47
CA THR B 231 -33.14 -2.96 -20.41
C THR B 231 -33.14 -2.19 -21.72
N LEU B 232 -32.73 -2.83 -22.82
CA LEU B 232 -32.60 -2.19 -24.13
C LEU B 232 -31.66 -0.99 -24.07
N SER B 233 -30.66 -1.06 -23.20
CA SER B 233 -29.58 -0.09 -23.18
C SER B 233 -28.31 -0.63 -23.79
N GLU B 234 -28.35 -1.83 -24.37
CA GLU B 234 -27.15 -2.43 -24.95
C GLU B 234 -26.64 -1.61 -26.13
N ASP B 235 -27.52 -1.28 -27.07
CA ASP B 235 -27.11 -0.56 -28.28
C ASP B 235 -27.04 0.95 -28.08
N TYR B 236 -26.42 1.35 -26.96
CA TYR B 236 -26.22 2.75 -26.64
C TYR B 236 -24.89 3.23 -27.18
N CYS B 237 -24.86 4.47 -27.63
CA CYS B 237 -23.64 5.09 -28.15
C CYS B 237 -23.82 6.59 -28.11
N ILE B 238 -22.70 7.30 -28.23
CA ILE B 238 -22.74 8.76 -28.33
C ILE B 238 -23.03 9.14 -29.79
N SER B 239 -24.04 9.98 -29.98
CA SER B 239 -24.44 10.34 -31.33
C SER B 239 -23.32 11.09 -32.04
N PRO B 240 -23.09 10.82 -33.33
CA PRO B 240 -21.99 11.49 -34.04
C PRO B 240 -22.11 13.00 -34.09
N GLU B 241 -23.33 13.55 -34.08
CA GLU B 241 -23.48 15.00 -34.18
C GLU B 241 -22.84 15.70 -32.98
N THR B 242 -23.06 15.16 -31.78
CA THR B 242 -22.41 15.73 -30.59
C THR B 242 -21.00 15.20 -30.40
N LEU B 243 -20.68 14.04 -30.98
CA LEU B 243 -19.32 13.51 -30.88
C LEU B 243 -18.33 14.36 -31.67
N SER B 244 -18.69 14.76 -32.88
CA SER B 244 -17.77 15.48 -33.76
C SER B 244 -17.91 16.99 -33.61
N LYS B 245 -17.89 17.48 -32.38
CA LYS B 245 -17.85 18.92 -32.14
C LYS B 245 -16.57 19.33 -31.40
N ASN B 246 -16.32 18.77 -30.22
CA ASN B 246 -15.12 19.01 -29.43
C ASN B 246 -14.68 20.47 -29.41
N SER B 247 -15.64 21.39 -29.27
CA SER B 247 -15.32 22.82 -29.32
C SER B 247 -16.36 23.60 -28.54
N GLY B 248 -15.90 24.31 -27.50
CA GLY B 248 -16.77 25.20 -26.76
C GLY B 248 -17.93 24.47 -26.12
N LYS B 249 -19.15 24.98 -26.36
CA LYS B 249 -20.35 24.35 -25.83
C LYS B 249 -20.57 22.95 -26.38
N GLY B 250 -19.96 22.63 -27.52
CA GLY B 250 -20.02 21.26 -28.02
C GLY B 250 -19.34 20.28 -27.10
N TYR B 251 -18.19 20.67 -26.54
CA TYR B 251 -17.50 19.81 -25.58
C TYR B 251 -18.32 19.65 -24.31
N LEU B 252 -19.00 20.71 -23.87
CA LEU B 252 -19.83 20.62 -22.67
C LEU B 252 -20.92 19.57 -22.84
N SER B 253 -21.40 19.37 -24.08
CA SER B 253 -22.37 18.33 -24.37
C SER B 253 -21.73 17.01 -24.76
N LEU B 254 -20.40 16.96 -24.92
CA LEU B 254 -19.74 15.71 -25.25
C LEU B 254 -19.77 14.76 -24.07
N TRP B 255 -19.19 15.16 -22.94
CA TRP B 255 -19.26 14.40 -21.71
C TRP B 255 -20.44 14.80 -20.85
N ASN B 256 -21.25 15.74 -21.31
CA ASN B 256 -22.43 16.26 -20.60
C ASN B 256 -21.95 16.71 -19.21
N MET B 257 -22.66 16.37 -18.13
CA MET B 257 -22.20 16.68 -16.78
C MET B 257 -21.88 15.42 -16.00
N GLY B 258 -21.34 14.40 -16.67
CA GLY B 258 -21.02 13.14 -16.03
C GLY B 258 -21.82 11.99 -16.58
N GLU B 259 -23.05 12.29 -17.02
CA GLU B 259 -23.94 11.25 -17.51
C GLU B 259 -23.39 10.55 -18.75
N ARG B 260 -22.76 11.31 -19.66
CA ARG B 260 -22.19 10.68 -20.85
C ARG B 260 -21.11 9.68 -20.47
N ILE B 261 -20.21 10.07 -19.56
CA ILE B 261 -19.15 9.16 -19.13
C ILE B 261 -19.74 7.92 -18.47
N VAL B 262 -20.70 8.12 -17.56
CA VAL B 262 -21.26 6.98 -16.83
C VAL B 262 -22.00 6.05 -17.77
N LEU B 263 -22.81 6.60 -18.68
CA LEU B 263 -23.58 5.77 -19.59
C LEU B 263 -22.68 5.03 -20.56
N SER B 264 -21.68 5.70 -21.12
CA SER B 264 -20.75 5.04 -22.02
C SER B 264 -20.00 3.92 -21.28
N THR B 265 -19.57 4.18 -20.05
CA THR B 265 -18.95 3.13 -19.26
C THR B 265 -19.89 1.94 -19.11
N MET B 266 -21.03 2.15 -18.43
CA MET B 266 -21.95 1.04 -18.15
C MET B 266 -22.28 0.24 -19.40
N THR B 267 -22.51 0.92 -20.52
CA THR B 267 -22.73 0.21 -21.78
C THR B 267 -21.51 -0.61 -22.17
N ALA B 268 -20.31 -0.05 -21.99
CA ALA B 268 -19.10 -0.75 -22.39
C ALA B 268 -18.85 -1.99 -21.53
N ASN B 269 -19.03 -1.88 -20.20
CA ASN B 269 -18.88 -3.07 -19.36
C ASN B 269 -19.95 -4.11 -19.66
N GLN B 270 -21.19 -3.68 -19.91
CA GLN B 270 -22.23 -4.63 -20.29
C GLN B 270 -21.84 -5.38 -21.56
N HIS B 271 -21.38 -4.64 -22.58
CA HIS B 271 -20.97 -5.26 -23.82
C HIS B 271 -19.80 -6.21 -23.60
N LEU B 272 -18.81 -5.81 -22.81
CA LEU B 272 -17.64 -6.66 -22.60
C LEU B 272 -17.99 -7.93 -21.85
N GLN B 273 -18.81 -7.82 -20.80
CA GLN B 273 -19.22 -9.02 -20.06
C GLN B 273 -20.02 -9.97 -20.94
N ARG B 274 -21.00 -9.44 -21.67
CA ARG B 274 -21.80 -10.31 -22.54
C ARG B 274 -20.93 -10.93 -23.63
N PHE B 275 -20.00 -10.15 -24.18
CA PHE B 275 -19.16 -10.61 -25.29
C PHE B 275 -18.22 -11.71 -24.83
N MET B 276 -17.57 -11.52 -23.68
CA MET B 276 -16.67 -12.55 -23.18
C MET B 276 -17.43 -13.79 -22.73
N LEU B 277 -18.64 -13.61 -22.18
CA LEU B 277 -19.47 -14.77 -21.88
C LEU B 277 -19.83 -15.55 -23.14
N LEU B 278 -20.17 -14.84 -24.21
CA LEU B 278 -20.49 -15.51 -25.47
C LEU B 278 -19.29 -16.27 -26.01
N ARG B 279 -18.10 -15.66 -25.98
CA ARG B 279 -16.91 -16.36 -26.44
C ARG B 279 -16.61 -17.58 -25.59
N GLU B 280 -16.75 -17.46 -24.26
CA GLU B 280 -16.51 -18.62 -23.40
C GLU B 280 -17.50 -19.74 -23.70
N PHE B 281 -18.76 -19.41 -23.89
CA PHE B 281 -19.77 -20.43 -24.17
C PHE B 281 -19.54 -21.08 -25.52
N GLU B 282 -19.16 -20.30 -26.53
CA GLU B 282 -18.84 -20.89 -27.83
C GLU B 282 -17.61 -21.79 -27.75
N ALA B 283 -16.61 -21.38 -26.96
CA ALA B 283 -15.44 -22.22 -26.75
C ALA B 283 -15.82 -23.53 -26.08
N LEU B 284 -16.78 -23.48 -25.14
CA LEU B 284 -17.31 -24.69 -24.53
C LEU B 284 -18.36 -25.37 -25.39
N LYS B 285 -18.69 -24.80 -26.55
CA LYS B 285 -19.66 -25.37 -27.49
C LYS B 285 -21.03 -25.53 -26.86
N ILE B 286 -21.40 -24.59 -25.98
CA ILE B 286 -22.71 -24.58 -25.33
C ILE B 286 -23.26 -23.15 -25.44
N GLU B 287 -24.06 -22.91 -26.46
CA GLU B 287 -24.67 -21.59 -26.66
C GLU B 287 -26.15 -21.57 -26.30
N LYS B 288 -26.78 -22.73 -26.14
CA LYS B 288 -28.19 -22.76 -25.75
C LYS B 288 -28.40 -22.32 -24.31
N ASN B 289 -27.36 -22.46 -23.47
CA ASN B 289 -27.52 -22.15 -22.06
C ASN B 289 -27.82 -20.68 -21.82
N TYR B 290 -27.13 -19.79 -22.54
CA TYR B 290 -27.32 -18.35 -22.36
C TYR B 290 -28.56 -17.92 -23.14
N VAL B 291 -29.63 -17.59 -22.42
CA VAL B 291 -30.87 -17.12 -23.00
C VAL B 291 -31.05 -15.66 -22.64
N GLU B 292 -31.18 -14.80 -23.63
CA GLU B 292 -31.32 -13.36 -23.43
C GLU B 292 -32.54 -12.86 -24.19
N ILE B 293 -33.29 -11.97 -23.55
CA ILE B 293 -34.49 -11.38 -24.14
C ILE B 293 -34.22 -9.88 -24.26
N ASP B 294 -33.95 -9.42 -25.48
CA ASP B 294 -33.65 -8.02 -25.73
C ASP B 294 -34.19 -7.63 -27.10
N GLU B 295 -34.35 -6.34 -27.31
CA GLU B 295 -34.86 -5.79 -28.56
C GLU B 295 -34.47 -4.31 -28.63
N THR B 296 -34.94 -3.61 -29.66
CA THR B 296 -34.71 -2.19 -29.81
C THR B 296 -36.02 -1.51 -30.15
N ILE B 297 -36.39 -0.50 -29.38
CA ILE B 297 -37.65 0.23 -29.62
C ILE B 297 -37.54 1.01 -30.92
N PRO B 298 -38.56 0.97 -31.78
CA PRO B 298 -38.53 1.82 -32.97
C PRO B 298 -38.63 3.30 -32.63
N ASN B 299 -38.19 4.13 -33.58
CA ASN B 299 -38.29 5.58 -33.50
C ASN B 299 -37.37 6.18 -32.44
N GLU B 300 -36.56 5.34 -31.78
CA GLU B 300 -35.56 5.80 -30.85
C GLU B 300 -34.17 5.42 -31.36
N ALA B 301 -33.24 6.36 -31.25
CA ALA B 301 -31.88 6.15 -31.77
C ALA B 301 -31.00 5.54 -30.69
N ALA B 302 -29.74 5.31 -31.05
CA ALA B 302 -28.78 4.77 -30.09
C ALA B 302 -28.51 5.75 -28.94
N ALA B 303 -28.36 7.03 -29.26
CA ALA B 303 -28.12 8.04 -28.23
C ALA B 303 -29.40 8.54 -27.60
N GLU B 304 -30.56 8.24 -28.19
CA GLU B 304 -31.83 8.64 -27.58
C GLU B 304 -32.14 7.84 -26.33
N ILE B 305 -31.38 6.77 -26.06
CA ILE B 305 -31.58 5.96 -24.87
C ILE B 305 -31.12 6.77 -23.66
N THR B 306 -32.06 7.18 -22.82
CA THR B 306 -31.78 7.93 -21.61
C THR B 306 -32.14 7.08 -20.40
N LEU B 307 -31.30 7.17 -19.37
CA LEU B 307 -31.45 6.33 -18.18
C LEU B 307 -32.50 6.86 -17.22
N ASP B 308 -32.96 8.11 -17.38
CA ASP B 308 -33.85 8.74 -16.42
C ASP B 308 -35.07 9.38 -17.09
N ASN B 309 -35.45 8.92 -18.28
CA ASN B 309 -36.58 9.49 -19.00
C ASN B 309 -37.85 8.79 -18.51
N ALA B 310 -38.68 9.53 -17.76
CA ALA B 310 -39.90 8.99 -17.19
C ALA B 310 -41.15 9.61 -17.81
N SER B 311 -41.08 9.97 -19.09
CA SER B 311 -42.25 10.48 -19.79
C SER B 311 -43.27 9.37 -19.99
N GLU B 312 -44.54 9.78 -20.11
CA GLU B 312 -45.62 8.80 -20.26
C GLU B 312 -45.44 7.97 -21.55
N GLY B 313 -44.98 8.61 -22.62
CA GLY B 313 -44.75 7.88 -23.85
C GLY B 313 -43.67 6.82 -23.71
N CYS B 314 -42.57 7.16 -23.05
CA CYS B 314 -41.51 6.18 -22.83
C CYS B 314 -41.98 5.02 -21.94
N LEU B 315 -42.75 5.34 -20.89
CA LEU B 315 -43.30 4.29 -20.04
C LEU B 315 -44.22 3.37 -20.82
N LYS B 316 -45.08 3.93 -21.67
CA LYS B 316 -45.97 3.12 -22.49
C LYS B 316 -45.18 2.26 -23.47
N ALA B 317 -44.14 2.82 -24.08
CA ALA B 317 -43.32 2.06 -25.00
C ALA B 317 -42.63 0.88 -24.30
N LEU B 318 -42.10 1.13 -23.10
CA LEU B 318 -41.47 0.06 -22.35
C LEU B 318 -42.49 -1.02 -21.96
N ARG B 319 -43.69 -0.59 -21.56
CA ARG B 319 -44.74 -1.55 -21.23
C ARG B 319 -45.08 -2.43 -22.42
N GLY B 320 -45.32 -1.81 -23.58
CA GLY B 320 -45.67 -2.57 -24.76
C GLY B 320 -44.56 -3.50 -25.20
N SER B 321 -43.31 -3.01 -25.16
CA SER B 321 -42.19 -3.86 -25.53
C SER B 321 -42.07 -5.06 -24.61
N GLY B 322 -42.20 -4.84 -23.29
CA GLY B 322 -42.12 -5.94 -22.36
C GLY B 322 -43.22 -6.97 -22.58
N LYS B 323 -44.46 -6.50 -22.74
CA LYS B 323 -45.57 -7.42 -22.95
C LYS B 323 -45.38 -8.24 -24.23
N LYS B 324 -45.11 -7.56 -25.35
CA LYS B 324 -44.98 -8.26 -26.62
C LYS B 324 -43.80 -9.21 -26.61
N LEU B 325 -42.67 -8.79 -26.02
CA LEU B 325 -41.50 -9.66 -25.98
C LEU B 325 -41.76 -10.89 -25.12
N ALA B 326 -42.37 -10.72 -23.94
CA ALA B 326 -42.67 -11.86 -23.10
C ALA B 326 -43.61 -12.84 -23.82
N ALA B 327 -44.69 -12.33 -24.41
CA ALA B 327 -45.64 -13.19 -25.08
C ALA B 327 -45.00 -13.93 -26.25
N GLU B 328 -44.31 -13.20 -27.13
CA GLU B 328 -43.72 -13.83 -28.30
C GLU B 328 -42.64 -14.84 -27.90
N ARG B 329 -41.78 -14.48 -26.96
CA ARG B 329 -40.69 -15.37 -26.58
C ARG B 329 -41.21 -16.64 -25.91
N TYR B 330 -42.22 -16.51 -25.05
CA TYR B 330 -42.78 -17.74 -24.46
C TYR B 330 -43.50 -18.56 -25.51
N THR B 331 -44.10 -17.91 -26.52
CA THR B 331 -44.78 -18.66 -27.57
C THR B 331 -43.79 -19.45 -28.43
N LYS B 332 -42.65 -18.84 -28.79
CA LYS B 332 -41.75 -19.45 -29.77
C LYS B 332 -40.53 -20.12 -29.15
N ASN B 333 -40.02 -19.61 -28.03
CA ASN B 333 -38.77 -20.11 -27.48
C ASN B 333 -39.03 -21.26 -26.49
N GLU B 334 -38.14 -22.25 -26.54
CA GLU B 334 -38.24 -23.44 -25.71
C GLU B 334 -37.34 -23.37 -24.48
N GLU B 335 -36.21 -22.67 -24.58
CA GLU B 335 -35.30 -22.53 -23.44
C GLU B 335 -35.94 -21.73 -22.31
N LEU B 336 -36.75 -20.71 -22.64
CA LEU B 336 -37.44 -19.96 -21.61
C LEU B 336 -38.43 -20.84 -20.85
N ARG B 337 -39.15 -21.70 -21.57
CA ARG B 337 -40.04 -22.63 -20.90
C ARG B 337 -39.27 -23.60 -20.00
N ASN B 338 -38.17 -24.15 -20.51
CA ASN B 338 -37.35 -25.02 -19.67
C ASN B 338 -36.80 -24.30 -18.44
N PHE B 339 -36.51 -23.01 -18.57
CA PHE B 339 -36.25 -22.20 -17.38
C PHE B 339 -37.43 -22.25 -16.42
N PHE B 340 -38.62 -21.94 -16.92
CA PHE B 340 -39.81 -21.93 -16.08
C PHE B 340 -40.57 -23.26 -16.17
N LEU B 341 -39.82 -24.35 -15.98
CA LEU B 341 -40.42 -25.67 -15.85
C LEU B 341 -40.37 -26.07 -14.37
N LYS B 342 -39.20 -26.07 -13.74
CA LYS B 342 -39.10 -26.56 -12.38
C LYS B 342 -38.72 -25.46 -11.41
N LYS B 343 -39.40 -25.40 -10.28
CA LYS B 343 -39.07 -24.45 -9.24
C LYS B 343 -37.74 -24.84 -8.57
N ALA B 344 -36.99 -23.82 -8.15
CA ALA B 344 -35.71 -24.04 -7.50
C ALA B 344 -35.89 -24.49 -6.06
N GLU B 345 -34.79 -24.64 -5.33
CA GLU B 345 -34.84 -25.08 -3.94
C GLU B 345 -34.48 -23.92 -3.02
N PRO B 346 -35.07 -23.87 -1.83
CA PRO B 346 -34.72 -22.80 -0.88
C PRO B 346 -33.26 -22.88 -0.47
N PHE B 347 -32.65 -21.71 -0.27
CA PHE B 347 -31.25 -21.66 0.10
C PHE B 347 -31.03 -22.28 1.48
N VAL B 348 -31.86 -21.90 2.46
CA VAL B 348 -31.86 -22.46 3.81
C VAL B 348 -30.43 -22.39 4.35
N PRO B 349 -29.98 -21.19 4.80
CA PRO B 349 -28.63 -20.92 5.30
C PRO B 349 -28.06 -22.02 6.20
N SER C 8 36.28 -21.57 14.52
CA SER C 8 35.43 -20.43 14.24
C SER C 8 35.64 -19.31 15.26
N GLU C 9 36.27 -18.23 14.81
CA GLU C 9 36.58 -17.08 15.64
C GLU C 9 36.20 -15.79 14.92
N ILE C 10 34.98 -15.75 14.39
CA ILE C 10 34.52 -14.60 13.62
C ILE C 10 34.64 -13.33 14.45
N LYS C 11 35.24 -12.30 13.86
CA LYS C 11 35.46 -11.04 14.54
C LYS C 11 34.81 -9.91 13.76
N ILE C 12 34.14 -9.01 14.48
CA ILE C 12 33.40 -7.90 13.88
C ILE C 12 33.90 -6.60 14.49
N LEU C 13 34.06 -5.58 13.66
CA LEU C 13 34.50 -4.25 14.08
C LEU C 13 33.35 -3.27 13.81
N SER C 14 32.60 -2.95 14.84
CA SER C 14 31.46 -2.05 14.73
C SER C 14 31.82 -0.68 15.30
N LEU C 15 31.49 0.38 14.57
CA LEU C 15 31.75 1.75 14.99
C LEU C 15 30.42 2.49 15.09
N ASN C 16 30.26 3.31 16.12
CA ASN C 16 28.96 3.86 16.50
C ASN C 16 28.93 5.37 16.27
N GLY C 17 28.61 5.77 15.04
CA GLY C 17 28.31 7.16 14.74
C GLY C 17 29.38 8.12 15.20
N GLY C 18 28.94 9.23 15.79
CA GLY C 18 29.81 10.18 16.44
C GLY C 18 30.06 11.47 15.67
N GLY C 19 29.97 11.45 14.34
CA GLY C 19 30.25 12.63 13.56
C GLY C 19 31.69 13.09 13.69
N VAL C 20 31.90 14.22 14.37
CA VAL C 20 33.26 14.66 14.63
C VAL C 20 33.93 13.74 15.64
N ARG C 21 33.16 13.11 16.52
CA ARG C 21 33.68 12.25 17.58
C ARG C 21 34.20 10.92 17.06
N GLY C 22 34.16 10.64 15.76
CA GLY C 22 34.85 9.48 15.23
C GLY C 22 36.36 9.59 15.27
N LEU C 23 36.88 10.77 15.58
CA LEU C 23 38.32 10.94 15.77
C LEU C 23 38.82 10.05 16.89
N PHE C 24 38.04 9.90 17.97
CA PHE C 24 38.43 9.01 19.05
C PHE C 24 38.59 7.59 18.55
N THR C 25 37.61 7.10 17.78
CA THR C 25 37.66 5.73 17.29
C THR C 25 38.84 5.53 16.34
N ILE C 26 39.06 6.48 15.44
CA ILE C 26 40.14 6.31 14.47
C ILE C 26 41.50 6.41 15.16
N THR C 27 41.62 7.29 16.16
CA THR C 27 42.87 7.39 16.92
C THR C 27 43.13 6.11 17.70
N LEU C 28 42.09 5.54 18.31
CA LEU C 28 42.25 4.30 19.05
C LEU C 28 42.69 3.16 18.12
N LEU C 29 42.07 3.07 16.94
CA LEU C 29 42.46 2.02 16.00
C LEU C 29 43.89 2.21 15.50
N ALA C 30 44.29 3.44 15.21
CA ALA C 30 45.65 3.71 14.77
C ALA C 30 46.65 3.35 15.86
N GLU C 31 46.34 3.72 17.11
CA GLU C 31 47.24 3.37 18.20
C GLU C 31 47.30 1.86 18.41
N LEU C 32 46.19 1.16 18.21
CA LEU C 32 46.21 -0.30 18.29
C LEU C 32 47.11 -0.89 17.20
N GLU C 33 47.05 -0.33 15.98
CA GLU C 33 47.98 -0.75 14.93
C GLU C 33 49.43 -0.52 15.36
N SER C 34 49.71 0.65 15.93
CA SER C 34 51.08 0.96 16.34
C SER C 34 51.57 0.00 17.41
N ILE C 35 50.71 -0.31 18.38
CA ILE C 35 51.10 -1.22 19.45
C ILE C 35 51.28 -2.64 18.90
N ILE C 36 50.46 -3.04 17.94
CA ILE C 36 50.67 -4.33 17.28
C ILE C 36 52.05 -4.37 16.66
N GLU C 37 52.41 -3.33 15.91
CA GLU C 37 53.70 -3.30 15.24
C GLU C 37 54.85 -3.28 16.23
N LYS C 38 54.68 -2.57 17.35
CA LYS C 38 55.75 -2.42 18.33
C LYS C 38 55.86 -3.60 19.29
N ARG C 39 54.85 -4.45 19.40
CA ARG C 39 54.86 -5.57 20.33
C ARG C 39 55.03 -6.93 19.65
N GLU C 40 54.34 -7.16 18.54
CA GLU C 40 54.45 -8.44 17.84
C GLU C 40 55.55 -8.43 16.78
N LYS C 41 56.27 -7.32 16.64
CA LYS C 41 57.37 -7.19 15.68
C LYS C 41 56.92 -7.45 14.24
N CYS C 42 55.69 -7.08 13.94
CA CYS C 42 55.16 -7.22 12.59
C CYS C 42 55.29 -5.90 11.83
N GLU C 43 55.26 -6.00 10.51
CA GLU C 43 55.45 -4.84 9.64
C GLU C 43 54.29 -4.71 8.68
N ASN C 44 53.99 -3.45 8.32
CA ASN C 44 52.90 -3.13 7.40
C ASN C 44 51.57 -3.71 7.88
N VAL C 45 51.29 -3.54 9.17
CA VAL C 45 50.10 -4.12 9.77
C VAL C 45 48.88 -3.26 9.43
N LYS C 46 47.84 -3.90 8.93
CA LYS C 46 46.54 -3.27 8.72
C LYS C 46 45.54 -3.88 9.70
N ILE C 47 44.66 -3.05 10.25
CA ILE C 47 43.66 -3.54 11.20
C ILE C 47 42.44 -4.14 10.51
N GLY C 48 42.28 -3.92 9.20
CA GLY C 48 41.09 -4.40 8.52
C GLY C 48 41.05 -5.92 8.41
N ASP C 49 42.20 -6.54 8.14
CA ASP C 49 42.25 -7.98 7.87
C ASP C 49 42.17 -8.84 9.13
N TYR C 50 42.19 -8.24 10.32
CA TYR C 50 41.91 -9.01 11.53
C TYR C 50 40.43 -9.18 11.80
N PHE C 51 39.56 -8.57 10.98
CA PHE C 51 38.12 -8.64 11.18
C PHE C 51 37.46 -9.19 9.93
N ASP C 52 36.59 -10.18 10.11
CA ASP C 52 35.87 -10.74 8.97
C ASP C 52 34.82 -9.78 8.43
N LEU C 53 34.17 -9.01 9.30
CA LEU C 53 33.14 -8.07 8.90
C LEU C 53 33.37 -6.76 9.64
N ILE C 54 33.26 -5.64 8.92
CA ILE C 54 33.53 -4.31 9.49
C ILE C 54 32.26 -3.49 9.29
N THR C 55 31.39 -3.50 10.30
CA THR C 55 30.18 -2.69 10.27
C THR C 55 30.49 -1.25 10.70
N GLY C 56 29.51 -0.38 10.51
CA GLY C 56 29.69 1.02 10.87
C GLY C 56 28.42 1.80 10.62
N THR C 57 28.45 3.06 11.07
CA THR C 57 27.32 3.96 10.92
C THR C 57 27.84 5.39 10.97
N SER C 58 27.38 6.22 10.02
CA SER C 58 27.75 7.64 9.94
C SER C 58 29.26 7.72 9.73
N ILE C 59 29.99 8.52 10.51
CA ILE C 59 31.44 8.56 10.36
C ILE C 59 32.06 7.22 10.73
N GLY C 60 31.41 6.48 11.62
CA GLY C 60 31.83 5.11 11.86
C GLY C 60 31.72 4.26 10.61
N GLY C 61 30.66 4.47 9.83
CA GLY C 61 30.54 3.79 8.55
C GLY C 61 31.59 4.23 7.55
N ILE C 62 31.94 5.52 7.58
CA ILE C 62 32.99 6.01 6.69
C ILE C 62 34.32 5.35 7.02
N LEU C 63 34.65 5.27 8.32
CA LEU C 63 35.87 4.60 8.73
C LEU C 63 35.83 3.11 8.42
N ALA C 64 34.64 2.49 8.55
CA ALA C 64 34.50 1.08 8.21
C ALA C 64 34.77 0.84 6.73
N LEU C 65 34.24 1.71 5.87
CA LEU C 65 34.51 1.60 4.44
C LEU C 65 35.99 1.81 4.13
N GLY C 66 36.60 2.79 4.81
CA GLY C 66 38.02 3.01 4.61
C GLY C 66 38.86 1.81 4.98
N LEU C 67 38.52 1.17 6.11
CA LEU C 67 39.25 -0.02 6.54
C LEU C 67 38.96 -1.21 5.63
N ALA C 68 37.73 -1.33 5.11
CA ALA C 68 37.41 -2.42 4.20
C ALA C 68 38.12 -2.25 2.86
N SER C 69 38.37 -1.01 2.45
CA SER C 69 39.11 -0.78 1.21
C SER C 69 40.55 -1.25 1.32
N GLY C 70 41.03 -1.55 2.52
CA GLY C 70 42.40 -2.01 2.72
C GLY C 70 43.35 -0.97 3.27
N LYS C 71 42.90 0.25 3.55
CA LYS C 71 43.78 1.28 4.06
C LYS C 71 44.09 1.04 5.54
N SER C 72 45.30 1.42 5.95
CA SER C 72 45.70 1.32 7.33
C SER C 72 45.03 2.41 8.15
N ALA C 73 44.88 2.14 9.46
CA ALA C 73 44.20 3.08 10.33
C ALA C 73 44.97 4.39 10.50
N ARG C 74 46.28 4.39 10.22
CA ARG C 74 47.07 5.62 10.39
C ARG C 74 46.77 6.62 9.28
N GLU C 75 46.68 6.16 8.03
CA GLU C 75 46.32 7.06 6.94
C GLU C 75 44.92 7.62 7.14
N LEU C 76 43.98 6.78 7.55
CA LEU C 76 42.64 7.25 7.87
C LEU C 76 42.67 8.25 9.02
N LYS C 77 43.52 8.00 10.02
CA LYS C 77 43.61 8.93 11.15
C LYS C 77 44.13 10.29 10.71
N GLU C 78 45.14 10.32 9.84
CA GLU C 78 45.66 11.60 9.36
C GLU C 78 44.62 12.33 8.52
N ALA C 79 43.99 11.60 7.59
CA ALA C 79 42.92 12.20 6.79
C ALA C 79 41.80 12.73 7.67
N PHE C 80 41.51 12.02 8.77
CA PHE C 80 40.53 12.50 9.74
C PHE C 80 41.02 13.77 10.42
N GLU C 81 42.29 13.81 10.84
CA GLU C 81 42.80 14.97 11.55
C GLU C 81 42.69 16.22 10.70
N ILE C 82 42.82 16.09 9.38
CA ILE C 82 42.66 17.25 8.51
C ILE C 82 41.19 17.52 8.23
N ASN C 83 40.48 16.51 7.71
CA ASN C 83 39.15 16.72 7.19
C ASN C 83 38.10 16.91 8.27
N ALA C 84 38.38 16.59 9.53
CA ALA C 84 37.42 16.84 10.59
C ALA C 84 37.28 18.33 10.85
N THR C 85 38.41 19.03 10.99
CA THR C 85 38.36 20.48 11.05
C THR C 85 37.98 21.08 9.70
N LYS C 86 38.17 20.35 8.59
CA LYS C 86 37.72 20.86 7.31
C LYS C 86 36.23 20.64 7.06
N ILE C 87 35.56 19.81 7.87
CA ILE C 87 34.17 19.47 7.60
C ILE C 87 33.22 20.35 8.38
N PHE C 88 33.49 20.54 9.69
CA PHE C 88 32.62 21.30 10.58
C PHE C 88 33.24 22.66 10.84
N PRO C 89 32.93 23.67 10.02
CA PRO C 89 33.56 24.99 10.22
C PRO C 89 33.12 25.63 11.52
N LEU C 90 34.03 26.41 12.11
CA LEU C 90 33.66 27.22 13.27
C LEU C 90 32.63 28.27 12.89
N LYS C 91 32.71 28.77 11.65
CA LYS C 91 31.74 29.77 11.18
C LYS C 91 30.32 29.22 11.22
N ARG C 92 30.12 28.01 10.70
CA ARG C 92 28.80 27.39 10.73
C ARG C 92 28.44 26.85 12.11
N PHE C 93 29.42 26.41 12.89
CA PHE C 93 29.11 25.91 14.23
C PHE C 93 28.62 27.02 15.15
N LYS C 94 29.27 28.18 15.12
CA LYS C 94 28.84 29.30 15.93
C LYS C 94 27.60 29.99 15.36
N ASN C 95 27.20 29.67 14.13
CA ASN C 95 26.06 30.28 13.49
C ASN C 95 24.92 29.29 13.27
N LYS C 96 24.70 28.38 14.22
CA LYS C 96 23.55 27.48 14.13
C LYS C 96 22.25 28.29 14.12
N GLN C 97 22.08 29.16 15.10
CA GLN C 97 21.08 30.23 15.07
C GLN C 97 19.70 29.62 14.89
N TRP C 98 18.70 30.38 14.46
CA TRP C 98 17.46 29.64 14.23
C TRP C 98 16.84 29.90 12.86
N TRP C 99 16.93 31.12 12.33
CA TRP C 99 16.35 31.35 11.01
C TRP C 99 17.23 30.75 9.91
N ASN C 100 18.55 30.77 10.10
CA ASN C 100 19.43 30.15 9.12
C ASN C 100 19.18 28.65 9.02
N LEU C 101 19.07 27.98 10.17
CA LEU C 101 18.80 26.55 10.16
C LEU C 101 17.39 26.26 9.68
N LEU C 102 16.45 27.18 9.89
CA LEU C 102 15.12 27.02 9.32
C LEU C 102 15.16 27.10 7.80
N ARG C 103 16.02 27.96 7.25
CA ARG C 103 16.10 28.13 5.81
C ARG C 103 16.97 27.05 5.17
N ARG C 104 18.21 26.90 5.64
CA ARG C 104 19.18 25.98 5.08
C ARG C 104 19.60 24.97 6.15
N SER C 105 20.58 24.14 5.80
CA SER C 105 21.19 23.20 6.73
C SER C 105 22.45 23.81 7.34
N ILE C 106 22.92 23.19 8.42
CA ILE C 106 24.06 23.74 9.14
C ILE C 106 25.34 23.65 8.31
N TYR C 107 25.58 22.49 7.70
CA TYR C 107 26.83 22.23 7.01
C TYR C 107 26.57 21.78 5.58
N GLU C 108 27.43 22.24 4.67
CA GLU C 108 27.38 21.77 3.29
C GLU C 108 27.97 20.38 3.17
N SER C 109 27.56 19.66 2.13
CA SER C 109 28.05 18.32 1.89
C SER C 109 29.33 18.27 1.07
N GLU C 110 29.75 19.39 0.47
CA GLU C 110 30.98 19.40 -0.31
C GLU C 110 32.22 19.10 0.52
N PRO C 111 32.43 19.70 1.70
CA PRO C 111 33.63 19.33 2.49
C PRO C 111 33.66 17.87 2.87
N LEU C 112 32.51 17.28 3.22
CA LEU C 112 32.48 15.87 3.58
C LEU C 112 32.69 14.98 2.35
N TYR C 113 32.17 15.38 1.19
CA TYR C 113 32.43 14.65 -0.05
C TYR C 113 33.92 14.66 -0.38
N ASP C 114 34.56 15.82 -0.23
CA ASP C 114 36.00 15.90 -0.47
C ASP C 114 36.78 15.07 0.54
N ALA C 115 36.31 15.05 1.79
CA ALA C 115 36.96 14.23 2.81
C ALA C 115 36.91 12.75 2.43
N VAL C 116 35.73 12.27 2.03
CA VAL C 116 35.60 10.87 1.65
C VAL C 116 36.43 10.56 0.41
N LYS C 117 36.45 11.48 -0.55
CA LYS C 117 37.24 11.28 -1.76
C LYS C 117 38.73 11.19 -1.45
N SER C 118 39.22 12.07 -0.57
CA SER C 118 40.62 12.00 -0.16
C SER C 118 40.91 10.79 0.70
N MET C 119 39.91 10.26 1.39
CA MET C 119 40.12 9.06 2.21
C MET C 119 40.22 7.81 1.35
N ILE C 120 39.16 7.49 0.62
CA ILE C 120 39.10 6.25 -0.16
C ILE C 120 39.19 6.53 -1.66
N GLY C 121 38.43 7.50 -2.17
CA GLY C 121 38.44 7.81 -3.58
C GLY C 121 37.04 8.12 -4.06
N GLU C 122 36.84 7.99 -5.37
CA GLU C 122 35.57 8.31 -6.00
C GLU C 122 35.11 7.27 -7.02
N THR C 123 35.91 6.24 -7.29
CA THR C 123 35.56 5.26 -8.31
C THR C 123 35.44 3.83 -7.79
N ILE C 124 35.99 3.53 -6.62
CA ILE C 124 35.95 2.16 -6.11
C ILE C 124 34.53 1.81 -5.69
N LYS C 125 34.05 0.66 -6.14
CA LYS C 125 32.70 0.17 -5.84
C LYS C 125 32.78 -0.93 -4.80
N PHE C 126 31.60 -1.43 -4.40
CA PHE C 126 31.52 -2.46 -3.38
C PHE C 126 32.07 -3.80 -3.86
N GLU C 127 32.06 -4.06 -5.18
CA GLU C 127 32.56 -5.33 -5.68
C GLU C 127 34.08 -5.41 -5.61
N ASP C 128 34.76 -4.26 -5.64
CA ASP C 128 36.22 -4.24 -5.61
C ASP C 128 36.79 -4.58 -4.25
N LEU C 129 35.96 -4.63 -3.20
CA LEU C 129 36.45 -4.86 -1.86
C LEU C 129 36.78 -6.33 -1.64
N ASN C 130 37.72 -6.58 -0.73
CA ASN C 130 38.10 -7.92 -0.33
C ASN C 130 37.67 -8.28 1.08
N ARG C 131 37.13 -7.31 1.84
CA ARG C 131 36.68 -7.54 3.20
C ARG C 131 35.20 -7.19 3.32
N ARG C 132 34.46 -8.03 4.03
CA ARG C 132 33.03 -7.81 4.20
C ARG C 132 32.78 -6.57 5.04
N VAL C 133 31.71 -5.85 4.71
CA VAL C 133 31.38 -4.59 5.37
C VAL C 133 29.88 -4.32 5.20
N MET C 134 29.23 -3.94 6.29
CA MET C 134 27.85 -3.46 6.26
C MET C 134 27.84 -1.97 6.59
N ILE C 135 27.12 -1.20 5.78
CA ILE C 135 26.95 0.24 5.99
C ILE C 135 25.46 0.51 6.14
N THR C 136 25.09 1.20 7.21
CA THR C 136 23.69 1.40 7.57
C THR C 136 23.23 2.79 7.19
N SER C 137 22.04 2.87 6.60
CA SER C 137 21.44 4.13 6.21
C SER C 137 19.92 3.97 6.17
N VAL C 138 19.23 5.09 6.02
CA VAL C 138 17.77 5.12 5.93
C VAL C 138 17.40 5.75 4.60
N ASN C 139 16.54 5.07 3.84
CA ASN C 139 16.12 5.54 2.53
C ASN C 139 14.94 6.49 2.69
N LEU C 140 15.17 7.77 2.40
CA LEU C 140 14.11 8.76 2.52
C LEU C 140 13.07 8.63 1.40
N SER C 141 13.48 8.12 0.24
CA SER C 141 12.56 8.01 -0.88
C SER C 141 11.52 6.92 -0.65
N THR C 142 11.90 5.84 0.02
CA THR C 142 10.99 4.72 0.27
C THR C 142 10.66 4.55 1.75
N GLY C 143 11.29 5.30 2.64
CA GLY C 143 11.01 5.17 4.06
C GLY C 143 11.38 3.81 4.64
N LYS C 144 12.48 3.23 4.17
CA LYS C 144 12.95 1.94 4.66
C LYS C 144 14.43 2.00 4.95
N PRO C 145 14.92 1.20 5.89
CA PRO C 145 16.36 1.16 6.17
C PRO C 145 17.11 0.41 5.08
N LYS C 146 18.10 1.07 4.50
CA LYS C 146 18.95 0.49 3.46
C LYS C 146 20.31 0.17 4.06
N PHE C 147 20.78 -1.06 3.83
CA PHE C 147 22.03 -1.55 4.40
C PHE C 147 23.00 -1.85 3.26
N PHE C 148 23.82 -0.88 2.91
CA PHE C 148 24.87 -1.10 1.92
C PHE C 148 25.83 -2.16 2.43
N LYS C 149 26.16 -3.13 1.57
CA LYS C 149 27.06 -4.20 1.97
C LYS C 149 27.74 -4.78 0.74
N THR C 150 28.87 -5.44 0.99
CA THR C 150 29.59 -6.11 -0.08
C THR C 150 28.81 -7.35 -0.53
N PRO C 151 28.98 -7.76 -1.79
CA PRO C 151 28.27 -8.95 -2.26
C PRO C 151 28.81 -10.25 -1.66
N HIS C 152 28.71 -10.39 -0.34
CA HIS C 152 29.09 -11.62 0.32
C HIS C 152 27.95 -12.61 0.46
N ASN C 153 26.74 -12.23 0.06
CA ASN C 153 25.59 -13.11 0.03
C ASN C 153 25.01 -13.10 -1.37
N PRO C 154 24.92 -14.24 -2.05
CA PRO C 154 24.41 -14.23 -3.44
C PRO C 154 23.01 -13.67 -3.58
N MET C 155 22.16 -13.84 -2.57
CA MET C 155 20.79 -13.36 -2.68
C MET C 155 20.73 -11.84 -2.77
N PHE C 156 21.44 -11.15 -1.88
CA PHE C 156 21.47 -9.69 -1.87
C PHE C 156 22.80 -9.24 -2.48
N THR C 157 22.74 -8.79 -3.74
CA THR C 157 23.93 -8.32 -4.43
C THR C 157 23.68 -7.04 -5.22
N MET C 158 22.64 -6.28 -4.86
CA MET C 158 22.28 -5.07 -5.60
C MET C 158 23.26 -3.93 -5.38
N ASP C 159 24.19 -4.05 -4.45
CA ASP C 159 25.14 -2.99 -4.13
C ASP C 159 26.46 -3.14 -4.87
N ARG C 160 26.55 -4.06 -5.84
CA ARG C 160 27.81 -4.31 -6.52
C ARG C 160 28.30 -3.07 -7.26
N GLU C 161 27.41 -2.37 -7.96
CA GLU C 161 27.77 -1.23 -8.78
C GLU C 161 27.57 0.10 -8.07
N ILE C 162 27.66 0.12 -6.75
CA ILE C 162 27.49 1.33 -5.95
C ILE C 162 28.87 1.75 -5.44
N ARG C 163 29.25 2.99 -5.72
CA ARG C 163 30.55 3.49 -5.29
C ARG C 163 30.60 3.60 -3.77
N LEU C 164 31.78 3.35 -3.21
CA LEU C 164 31.95 3.42 -1.76
C LEU C 164 31.70 4.84 -1.25
N ILE C 165 32.11 5.84 -2.03
CA ILE C 165 31.94 7.23 -1.60
C ILE C 165 30.47 7.58 -1.48
N ASP C 166 29.63 7.07 -2.39
CA ASP C 166 28.20 7.34 -2.31
C ASP C 166 27.59 6.74 -1.04
N ALA C 167 27.96 5.50 -0.71
CA ALA C 167 27.45 4.89 0.51
C ALA C 167 27.94 5.63 1.75
N ALA C 168 29.21 6.04 1.76
CA ALA C 168 29.74 6.79 2.88
C ALA C 168 29.02 8.12 3.07
N MET C 169 28.74 8.82 1.98
CA MET C 169 28.00 10.06 2.06
C MET C 169 26.56 9.82 2.54
N ALA C 170 25.93 8.74 2.07
CA ALA C 170 24.55 8.46 2.44
C ALA C 170 24.44 8.11 3.92
N THR C 171 25.34 7.27 4.44
CA THR C 171 25.22 6.83 5.81
C THR C 171 25.51 7.93 6.83
N SER C 172 26.30 8.94 6.44
CA SER C 172 26.68 10.01 7.35
C SER C 172 25.90 11.30 7.10
N ALA C 173 24.80 11.22 6.35
CA ALA C 173 23.96 12.39 6.06
C ALA C 173 22.95 12.53 7.19
N ALA C 174 23.36 13.25 8.24
CA ALA C 174 22.49 13.48 9.37
C ALA C 174 21.28 14.31 8.95
N PRO C 175 20.10 14.08 9.54
CA PRO C 175 18.89 14.78 9.10
C PRO C 175 19.00 16.30 9.12
N THR C 176 19.31 16.87 10.29
CA THR C 176 19.36 18.32 10.43
C THR C 176 20.75 18.90 10.20
N TYR C 177 21.79 18.06 10.11
CA TYR C 177 23.15 18.55 9.94
C TYR C 177 23.51 18.68 8.46
N PHE C 178 23.33 17.62 7.69
CA PHE C 178 23.65 17.59 6.28
C PHE C 178 22.38 17.37 5.46
N LYS C 179 22.45 17.73 4.18
CA LYS C 179 21.34 17.44 3.30
C LYS C 179 21.35 15.96 2.91
N PRO C 180 20.18 15.38 2.63
CA PRO C 180 20.15 13.96 2.23
C PRO C 180 20.95 13.74 0.95
N HIS C 181 21.62 12.59 0.89
CA HIS C 181 22.47 12.27 -0.25
C HIS C 181 21.64 11.58 -1.32
N TYR C 182 21.74 12.09 -2.54
CA TYR C 182 20.99 11.57 -3.69
C TYR C 182 21.94 10.70 -4.51
N ILE C 183 21.71 9.39 -4.49
CA ILE C 183 22.51 8.46 -5.28
C ILE C 183 21.86 8.30 -6.64
N GLU C 184 22.61 8.60 -7.70
CA GLU C 184 22.05 8.53 -9.05
C GLU C 184 21.77 7.10 -9.48
N LYS C 185 22.57 6.13 -9.01
CA LYS C 185 22.39 4.75 -9.43
C LYS C 185 21.04 4.20 -8.98
N LEU C 186 20.65 4.46 -7.73
CA LEU C 186 19.36 4.03 -7.23
C LEU C 186 18.29 5.09 -7.32
N GLU C 187 18.66 6.34 -7.67
CA GLU C 187 17.71 7.44 -7.85
C GLU C 187 16.87 7.67 -6.60
N ASN C 188 17.50 7.56 -5.44
CA ASN C 188 16.82 7.72 -4.16
C ASN C 188 17.65 8.60 -3.24
N TYR C 189 16.97 9.22 -2.28
CA TYR C 189 17.61 10.04 -1.27
C TYR C 189 17.73 9.27 0.03
N PHE C 190 18.88 9.39 0.68
CA PHE C 190 19.18 8.63 1.89
C PHE C 190 19.58 9.57 3.02
N ALA C 191 19.40 9.08 4.25
CA ALA C 191 19.67 9.84 5.45
C ALA C 191 20.64 9.08 6.34
N ASP C 192 20.90 9.64 7.53
CA ASP C 192 21.86 9.04 8.45
C ASP C 192 21.39 7.66 8.90
N GLY C 193 22.34 6.74 9.04
CA GLY C 193 22.03 5.43 9.56
C GLY C 193 21.83 5.38 11.06
N GLY C 194 22.23 6.43 11.78
CA GLY C 194 22.03 6.48 13.21
C GLY C 194 20.59 6.62 13.63
N LEU C 195 19.71 7.04 12.70
CA LEU C 195 18.30 7.13 13.02
C LEU C 195 17.72 5.75 13.33
N VAL C 196 18.13 4.73 12.59
CA VAL C 196 17.57 3.40 12.74
C VAL C 196 18.52 2.43 13.45
N ALA C 197 19.84 2.64 13.36
CA ALA C 197 20.79 1.78 14.05
C ALA C 197 22.09 2.56 14.24
N ASN C 198 22.28 3.10 15.44
CA ASN C 198 23.52 3.79 15.77
C ASN C 198 24.57 2.87 16.38
N ASN C 199 24.21 1.63 16.69
CA ASN C 199 25.14 0.64 17.24
C ASN C 199 24.98 -0.61 16.39
N PRO C 200 25.74 -0.72 15.30
CA PRO C 200 25.50 -1.80 14.34
C PRO C 200 26.03 -3.16 14.80
N SER C 201 26.39 -3.28 16.07
CA SER C 201 26.89 -4.55 16.58
C SER C 201 25.82 -5.64 16.50
N TYR C 202 24.59 -5.30 16.90
CA TYR C 202 23.52 -6.30 16.92
C TYR C 202 23.16 -6.76 15.52
N ILE C 203 23.00 -5.80 14.60
CA ILE C 203 22.68 -6.18 13.23
C ILE C 203 23.85 -6.91 12.58
N GLY C 204 25.09 -6.59 12.98
CA GLY C 204 26.23 -7.34 12.48
C GLY C 204 26.20 -8.78 12.94
N ILE C 205 25.87 -9.01 14.21
CA ILE C 205 25.74 -10.38 14.71
C ILE C 205 24.62 -11.11 13.99
N ARG C 206 23.50 -10.42 13.73
CA ARG C 206 22.41 -11.04 12.98
C ARG C 206 22.85 -11.41 11.57
N GLU C 207 23.60 -10.53 10.92
CA GLU C 207 24.10 -10.83 9.58
C GLU C 207 25.03 -12.05 9.60
N VAL C 208 25.91 -12.12 10.59
CA VAL C 208 26.82 -13.26 10.68
C VAL C 208 26.03 -14.54 10.93
N LEU C 209 24.98 -14.46 11.75
CA LEU C 209 24.19 -15.64 12.08
C LEU C 209 23.42 -16.16 10.86
N ILE C 210 22.68 -15.29 10.19
CA ILE C 210 21.68 -15.73 9.22
C ILE C 210 21.90 -15.20 7.82
N ASP C 211 22.88 -14.33 7.60
CA ASP C 211 23.16 -13.81 6.27
C ASP C 211 24.54 -14.24 5.77
N MET C 212 25.56 -14.12 6.61
CA MET C 212 26.91 -14.54 6.26
C MET C 212 27.07 -16.04 6.48
N LYS C 213 26.16 -16.83 5.91
CA LYS C 213 26.14 -18.27 6.11
C LYS C 213 26.78 -19.05 4.97
N ASN C 214 27.00 -18.41 3.81
CA ASN C 214 27.61 -19.12 2.69
C ASN C 214 29.03 -19.55 3.02
N ASP C 215 29.81 -18.67 3.64
CA ASP C 215 31.18 -18.98 4.04
C ASP C 215 31.29 -19.47 5.48
N PHE C 216 30.22 -19.38 6.26
CA PHE C 216 30.20 -19.85 7.65
C PHE C 216 28.96 -20.68 7.89
N PRO C 217 28.89 -21.87 7.30
CA PRO C 217 27.72 -22.74 7.53
C PRO C 217 27.53 -23.13 8.99
N ASP C 218 28.62 -23.30 9.72
CA ASP C 218 28.57 -23.65 11.15
C ASP C 218 28.90 -22.37 11.91
N ALA C 219 27.86 -21.62 12.27
CA ALA C 219 28.01 -20.36 12.99
C ALA C 219 27.04 -20.33 14.16
N LYS C 220 27.55 -19.96 15.33
CA LYS C 220 26.75 -19.83 16.54
C LYS C 220 27.22 -18.59 17.28
N PRO C 221 26.36 -17.99 18.10
CA PRO C 221 26.76 -16.78 18.83
C PRO C 221 27.94 -17.00 19.78
N GLU C 222 28.17 -18.23 20.25
CA GLU C 222 29.25 -18.47 21.19
C GLU C 222 30.62 -18.31 20.54
N ASN C 223 30.71 -18.48 19.22
CA ASN C 223 31.97 -18.36 18.49
C ASN C 223 32.02 -17.10 17.64
N ILE C 224 31.41 -16.01 18.10
CA ILE C 224 31.42 -14.74 17.41
C ILE C 224 31.87 -13.67 18.38
N LYS C 225 32.84 -12.85 17.95
CA LYS C 225 33.45 -11.82 18.78
C LYS C 225 33.27 -10.46 18.11
N VAL C 226 32.93 -9.45 18.91
CA VAL C 226 32.64 -8.11 18.41
C VAL C 226 33.50 -7.11 19.16
N LEU C 227 34.17 -6.23 18.43
CA LEU C 227 34.94 -5.13 19.00
C LEU C 227 34.22 -3.83 18.63
N ASN C 228 33.26 -3.45 19.48
CA ASN C 228 32.44 -2.26 19.22
C ASN C 228 33.16 -1.05 19.81
N ILE C 229 33.82 -0.29 18.94
CA ILE C 229 34.54 0.91 19.36
C ILE C 229 33.54 2.07 19.34
N GLY C 230 33.27 2.64 20.51
CA GLY C 230 32.39 3.78 20.62
C GLY C 230 33.07 5.06 20.20
N THR C 231 32.30 6.15 20.26
CA THR C 231 32.80 7.48 19.91
C THR C 231 32.56 8.46 21.03
N LEU C 232 32.53 7.96 22.27
CA LEU C 232 32.46 8.80 23.47
C LEU C 232 31.23 9.70 23.46
N SER C 233 30.09 9.14 23.05
CA SER C 233 28.83 9.88 23.04
C SER C 233 27.70 9.01 23.57
N GLU C 234 28.01 8.03 24.42
CA GLU C 234 27.00 7.10 24.92
C GLU C 234 26.22 7.65 26.10
N ASP C 235 26.63 8.79 26.65
CA ASP C 235 25.99 9.38 27.81
C ASP C 235 25.31 10.70 27.48
N TYR C 236 24.90 10.89 26.23
CA TYR C 236 24.19 12.09 25.87
C TYR C 236 22.82 12.10 26.53
N CYS C 237 22.40 13.28 26.98
CA CYS C 237 21.11 13.45 27.62
C CYS C 237 20.67 14.90 27.48
N ILE C 238 19.39 15.12 27.62
CA ILE C 238 18.84 16.47 27.50
C ILE C 238 19.08 17.21 28.81
N SER C 239 19.61 18.43 28.71
CA SER C 239 19.90 19.21 29.89
C SER C 239 18.61 19.52 30.64
N PRO C 240 18.56 19.28 31.95
CA PRO C 240 17.28 19.42 32.68
C PRO C 240 16.66 20.81 32.61
N GLU C 241 17.47 21.86 32.55
CA GLU C 241 16.92 23.21 32.45
C GLU C 241 16.14 23.39 31.15
N THR C 242 16.64 22.83 30.05
CA THR C 242 15.91 22.88 28.80
C THR C 242 14.59 22.13 28.88
N LEU C 243 14.56 21.01 29.62
CA LEU C 243 13.29 20.32 29.84
C LEU C 243 12.33 21.19 30.64
N SER C 244 12.82 21.84 31.69
CA SER C 244 11.95 22.68 32.51
C SER C 244 11.39 23.85 31.71
N LYS C 245 12.23 24.48 30.88
CA LYS C 245 11.82 25.61 30.06
C LYS C 245 11.37 25.10 28.70
N ASN C 246 10.13 24.61 28.64
CA ASN C 246 9.52 24.15 27.41
C ASN C 246 8.14 24.77 27.21
N SER C 247 7.98 26.03 27.65
CA SER C 247 6.70 26.71 27.56
C SER C 247 6.74 27.90 26.60
N GLY C 248 7.66 28.84 26.79
CA GLY C 248 7.71 30.01 25.94
C GLY C 248 8.93 30.05 25.05
N LYS C 249 9.77 31.08 25.22
CA LYS C 249 10.98 31.20 24.41
C LYS C 249 11.96 30.06 24.68
N GLY C 250 11.84 29.40 25.84
CA GLY C 250 12.68 28.25 26.12
C GLY C 250 12.31 27.01 25.34
N TYR C 251 11.08 26.95 24.83
CA TYR C 251 10.66 25.80 24.03
C TYR C 251 11.41 25.71 22.71
N LEU C 252 11.96 26.82 22.22
CA LEU C 252 12.81 26.75 21.04
C LEU C 252 14.09 25.97 21.33
N SER C 253 14.62 26.12 22.54
CA SER C 253 15.81 25.36 22.91
C SER C 253 15.55 23.86 22.89
N LEU C 254 14.42 23.43 23.45
CA LEU C 254 14.02 22.04 23.33
C LEU C 254 13.67 21.73 21.88
N TRP C 255 14.12 20.58 21.39
CA TRP C 255 14.00 20.23 19.97
C TRP C 255 14.54 21.35 19.10
N ASN C 256 15.86 21.55 19.21
CA ASN C 256 16.53 22.70 18.61
C ASN C 256 16.48 22.55 17.10
N MET C 257 15.32 22.83 16.53
CA MET C 257 15.06 22.70 15.09
C MET C 257 15.34 21.29 14.60
N GLY C 258 14.98 20.30 15.43
CA GLY C 258 15.17 18.92 15.10
C GLY C 258 16.52 18.33 15.45
N GLU C 259 17.50 19.18 15.79
CA GLU C 259 18.82 18.68 16.17
C GLU C 259 18.73 17.83 17.43
N ARG C 260 17.99 18.31 18.44
CA ARG C 260 17.82 17.53 19.65
C ARG C 260 17.00 16.26 19.38
N ILE C 261 16.04 16.34 18.46
CA ILE C 261 15.26 15.16 18.09
C ILE C 261 16.18 14.07 17.54
N VAL C 262 17.03 14.43 16.58
CA VAL C 262 17.88 13.42 15.94
C VAL C 262 18.92 12.92 16.92
N LEU C 263 19.48 13.82 17.75
CA LEU C 263 20.46 13.38 18.74
C LEU C 263 19.86 12.41 19.73
N SER C 264 18.64 12.71 20.21
CA SER C 264 17.98 11.80 21.15
C SER C 264 17.65 10.47 20.49
N THR C 265 17.21 10.49 19.23
CA THR C 265 16.91 9.24 18.55
C THR C 265 18.16 8.39 18.40
N MET C 266 19.28 9.00 18.01
CA MET C 266 20.53 8.24 17.87
C MET C 266 20.99 7.67 19.22
N THR C 267 20.95 8.49 20.27
CA THR C 267 21.37 8.03 21.58
C THR C 267 20.51 6.87 22.06
N ALA C 268 19.19 7.01 21.95
CA ALA C 268 18.28 5.96 22.39
C ALA C 268 18.42 4.70 21.54
N ASN C 269 18.64 4.85 20.24
CA ASN C 269 18.82 3.69 19.38
C ASN C 269 20.09 2.93 19.74
N GLN C 270 21.20 3.64 19.94
CA GLN C 270 22.43 2.95 20.30
C GLN C 270 22.32 2.30 21.67
N HIS C 271 21.64 2.96 22.62
CA HIS C 271 21.42 2.35 23.92
C HIS C 271 20.59 1.08 23.79
N LEU C 272 19.53 1.12 22.98
CA LEU C 272 18.68 -0.05 22.81
C LEU C 272 19.45 -1.20 22.18
N GLN C 273 20.24 -0.92 21.14
CA GLN C 273 20.99 -2.00 20.50
C GLN C 273 22.02 -2.60 21.44
N ARG C 274 22.77 -1.76 22.17
CA ARG C 274 23.74 -2.30 23.12
C ARG C 274 23.05 -3.09 24.22
N PHE C 275 21.89 -2.60 24.68
CA PHE C 275 21.17 -3.24 25.77
C PHE C 275 20.65 -4.61 25.33
N MET C 276 20.11 -4.70 24.11
CA MET C 276 19.67 -5.99 23.59
C MET C 276 20.83 -6.95 23.39
N LEU C 277 21.96 -6.45 22.87
CA LEU C 277 23.12 -7.31 22.67
C LEU C 277 23.63 -7.84 24.00
N LEU C 278 23.70 -6.98 25.02
CA LEU C 278 24.12 -7.42 26.34
C LEU C 278 23.16 -8.44 26.92
N ARG C 279 21.85 -8.23 26.73
CA ARG C 279 20.87 -9.22 27.19
C ARG C 279 21.12 -10.57 26.54
N GLU C 280 21.29 -10.59 25.22
CA GLU C 280 21.48 -11.86 24.51
C GLU C 280 22.76 -12.54 24.96
N PHE C 281 23.84 -11.78 25.11
CA PHE C 281 25.12 -12.38 25.47
C PHE C 281 25.08 -12.92 26.90
N GLU C 282 24.47 -12.18 27.84
CA GLU C 282 24.36 -12.68 29.20
C GLU C 282 23.43 -13.88 29.28
N ALA C 283 22.37 -13.93 28.46
CA ALA C 283 21.52 -15.11 28.42
C ALA C 283 22.28 -16.31 27.91
N LEU C 284 23.13 -16.11 26.91
CA LEU C 284 23.97 -17.19 26.39
C LEU C 284 25.31 -17.30 27.13
N LYS C 285 25.54 -16.47 28.15
CA LYS C 285 26.75 -16.51 28.97
C LYS C 285 28.01 -16.38 28.12
N ILE C 286 27.98 -15.45 27.16
CA ILE C 286 29.14 -15.19 26.31
C ILE C 286 29.45 -13.69 26.33
N GLU C 287 29.17 -13.04 27.46
CA GLU C 287 29.36 -11.60 27.55
C GLU C 287 30.81 -11.19 27.38
N LYS C 288 31.75 -12.12 27.54
CA LYS C 288 33.16 -11.80 27.30
C LYS C 288 33.47 -11.62 25.82
N ASN C 289 32.59 -12.10 24.94
CA ASN C 289 32.81 -11.92 23.51
C ASN C 289 32.56 -10.48 23.06
N TYR C 290 31.82 -9.70 23.83
CA TYR C 290 31.54 -8.31 23.50
C TYR C 290 32.57 -7.43 24.20
N VAL C 291 33.38 -6.72 23.42
CA VAL C 291 34.40 -5.83 23.95
C VAL C 291 34.10 -4.43 23.43
N GLU C 292 33.34 -3.67 24.21
CA GLU C 292 33.02 -2.28 23.89
C GLU C 292 34.12 -1.40 24.42
N ILE C 293 34.89 -0.79 23.52
CA ILE C 293 36.08 -0.05 23.94
C ILE C 293 35.75 1.43 23.85
N ASP C 294 35.31 2.01 24.96
CA ASP C 294 34.97 3.43 25.04
C ASP C 294 34.87 3.85 26.50
N GLU C 295 35.19 5.11 26.78
CA GLU C 295 35.11 5.65 28.13
C GLU C 295 34.98 7.17 28.02
N THR C 296 33.89 7.71 28.56
CA THR C 296 33.57 9.12 28.40
C THR C 296 34.65 10.01 29.04
N ILE C 297 34.89 11.15 28.41
CA ILE C 297 35.91 12.08 28.92
C ILE C 297 35.43 12.65 30.25
N PRO C 298 36.32 12.91 31.20
CA PRO C 298 35.90 13.49 32.49
C PRO C 298 35.83 15.01 32.53
N ASN C 299 35.93 15.68 31.39
CA ASN C 299 35.93 17.14 31.31
C ASN C 299 34.83 17.61 30.37
N GLU C 300 33.65 16.98 30.47
CA GLU C 300 32.53 17.34 29.62
C GLU C 300 31.23 16.95 30.32
N ALA C 301 30.27 17.87 30.31
CA ALA C 301 28.95 17.59 30.87
C ALA C 301 28.24 16.58 29.98
N ALA C 302 27.47 15.68 30.60
CA ALA C 302 26.76 14.63 29.87
C ALA C 302 25.75 15.23 28.90
N ALA C 303 25.18 16.38 29.25
CA ALA C 303 24.22 17.07 28.42
C ALA C 303 24.86 17.96 27.36
N GLU C 304 26.18 18.14 27.41
CA GLU C 304 26.90 18.95 26.44
C GLU C 304 27.64 18.10 25.41
N ILE C 305 27.23 16.84 25.24
CA ILE C 305 27.85 15.96 24.27
C ILE C 305 27.28 16.28 22.89
N THR C 306 27.95 17.16 22.16
CA THR C 306 27.49 17.58 20.85
C THR C 306 27.88 16.55 19.79
N LEU C 307 27.66 16.88 18.53
CA LEU C 307 28.01 16.01 17.41
C LEU C 307 28.94 16.66 16.40
N ASP C 308 29.15 17.97 16.47
CA ASP C 308 29.91 18.70 15.45
C ASP C 308 30.82 19.73 16.10
N ASN C 309 31.50 19.33 17.17
CA ASN C 309 32.45 20.21 17.86
C ASN C 309 33.84 19.94 17.30
N ALA C 310 34.31 20.83 16.44
CA ALA C 310 35.61 20.70 15.79
C ALA C 310 36.66 21.62 16.41
N SER C 311 36.42 22.12 17.62
CA SER C 311 37.38 22.98 18.27
C SER C 311 38.63 22.18 18.67
N GLU C 312 39.73 22.91 18.86
CA GLU C 312 41.00 22.26 19.15
C GLU C 312 40.96 21.46 20.45
N GLY C 313 40.30 22.01 21.47
CA GLY C 313 40.24 21.31 22.75
C GLY C 313 39.55 19.96 22.65
N CYS C 314 38.41 19.92 21.94
CA CYS C 314 37.71 18.65 21.77
C CYS C 314 38.56 17.66 20.98
N LEU C 315 39.24 18.13 19.94
CA LEU C 315 40.07 17.24 19.13
C LEU C 315 41.20 16.65 19.95
N LYS C 316 41.90 17.48 20.75
CA LYS C 316 43.00 16.94 21.55
C LYS C 316 42.48 16.05 22.66
N ALA C 317 41.32 16.36 23.23
CA ALA C 317 40.73 15.48 24.23
C ALA C 317 40.41 14.11 23.64
N LEU C 318 39.83 14.10 22.43
CA LEU C 318 39.54 12.82 21.78
C LEU C 318 40.82 12.06 21.47
N ARG C 319 41.85 12.75 20.98
CA ARG C 319 43.12 12.09 20.69
C ARG C 319 43.71 11.46 21.93
N GLY C 320 43.82 12.23 23.01
CA GLY C 320 44.38 11.70 24.24
C GLY C 320 43.56 10.55 24.81
N SER C 321 42.24 10.67 24.77
CA SER C 321 41.39 9.60 25.27
C SER C 321 41.59 8.33 24.45
N GLY C 322 41.67 8.45 23.13
CA GLY C 322 41.90 7.29 22.30
C GLY C 322 43.22 6.61 22.59
N LYS C 323 44.29 7.40 22.67
CA LYS C 323 45.61 6.82 22.94
C LYS C 323 45.63 6.15 24.31
N LYS C 324 45.14 6.83 25.33
CA LYS C 324 45.15 6.27 26.68
C LYS C 324 44.30 5.00 26.77
N LEU C 325 43.11 5.02 26.15
CA LEU C 325 42.25 3.85 26.19
C LEU C 325 42.88 2.67 25.48
N ALA C 326 43.46 2.91 24.29
CA ALA C 326 44.12 1.83 23.57
C ALA C 326 45.26 1.23 24.38
N ALA C 327 46.11 2.09 24.95
CA ALA C 327 47.24 1.61 25.73
C ALA C 327 46.77 0.78 26.92
N GLU C 328 45.84 1.33 27.72
CA GLU C 328 45.39 0.62 28.91
C GLU C 328 44.71 -0.69 28.57
N ARG C 329 43.84 -0.68 27.56
CA ARG C 329 43.06 -1.87 27.25
C ARG C 329 43.93 -2.97 26.64
N TYR C 330 44.94 -2.60 25.84
CA TYR C 330 45.87 -3.62 25.38
C TYR C 330 46.80 -4.07 26.50
N THR C 331 46.99 -3.23 27.51
CA THR C 331 47.82 -3.64 28.65
C THR C 331 47.11 -4.68 29.50
N LYS C 332 45.84 -4.46 29.83
CA LYS C 332 45.15 -5.30 30.80
C LYS C 332 44.12 -6.25 30.20
N ASN C 333 43.34 -5.82 29.21
CA ASN C 333 42.25 -6.64 28.69
C ASN C 333 42.82 -7.68 27.74
N GLU C 334 42.72 -8.96 28.14
CA GLU C 334 43.21 -10.05 27.29
C GLU C 334 42.31 -10.29 26.08
N GLU C 335 41.07 -9.80 26.11
CA GLU C 335 40.15 -10.04 25.00
C GLU C 335 40.62 -9.35 23.72
N LEU C 336 41.13 -8.11 23.83
CA LEU C 336 41.69 -7.46 22.66
C LEU C 336 42.90 -8.23 22.13
N ARG C 337 43.73 -8.76 23.03
CA ARG C 337 44.88 -9.53 22.59
C ARG C 337 44.46 -10.80 21.87
N ASN C 338 43.45 -11.49 22.39
CA ASN C 338 42.93 -12.68 21.70
C ASN C 338 42.30 -12.31 20.36
N PHE C 339 41.65 -11.15 20.29
CA PHE C 339 41.16 -10.62 19.03
C PHE C 339 42.29 -10.50 18.02
N PHE C 340 43.37 -9.83 18.42
CA PHE C 340 44.40 -9.37 17.50
C PHE C 340 45.59 -10.34 17.52
N LEU C 341 45.32 -11.55 17.03
CA LEU C 341 46.35 -12.59 16.94
C LEU C 341 46.60 -13.03 15.51
N LYS C 342 45.55 -13.33 14.75
CA LYS C 342 45.68 -13.90 13.42
C LYS C 342 44.92 -13.04 12.42
N LYS C 343 45.31 -13.16 11.15
CA LYS C 343 44.65 -12.42 10.09
C LYS C 343 43.46 -13.22 9.57
N ALA C 344 42.30 -12.57 9.52
CA ALA C 344 41.11 -13.23 8.99
C ALA C 344 41.25 -13.43 7.48
N GLU C 345 40.88 -14.62 7.02
CA GLU C 345 41.04 -14.93 5.61
C GLU C 345 40.10 -14.08 4.77
N PRO C 346 40.58 -13.51 3.65
CA PRO C 346 39.70 -12.75 2.78
C PRO C 346 38.66 -13.64 2.12
N PHE C 347 37.51 -13.04 1.82
CA PHE C 347 36.41 -13.74 1.17
C PHE C 347 36.44 -13.49 -0.33
N VAL C 348 35.75 -14.37 -1.06
CA VAL C 348 35.67 -14.26 -2.52
C VAL C 348 34.19 -14.09 -2.91
N PRO C 349 33.88 -13.16 -3.81
CA PRO C 349 32.49 -12.92 -4.27
C PRO C 349 31.91 -14.12 -5.02
N SER D 8 4.61 -25.35 26.19
CA SER D 8 3.22 -24.92 26.12
C SER D 8 3.03 -23.91 24.99
N GLU D 9 2.44 -22.75 25.32
CA GLU D 9 2.20 -21.72 24.34
C GLU D 9 2.18 -20.36 25.03
N ILE D 10 2.73 -19.35 24.36
CA ILE D 10 2.79 -18.00 24.88
C ILE D 10 2.30 -17.05 23.80
N LYS D 11 1.41 -16.13 24.18
CA LYS D 11 0.80 -15.19 23.25
C LYS D 11 1.17 -13.77 23.65
N ILE D 12 1.50 -12.95 22.66
CA ILE D 12 1.89 -11.55 22.87
C ILE D 12 1.04 -10.67 21.97
N LEU D 13 0.46 -9.62 22.54
CA LEU D 13 -0.30 -8.63 21.79
C LEU D 13 0.52 -7.36 21.70
N SER D 14 0.81 -6.91 20.49
CA SER D 14 1.61 -5.71 20.25
C SER D 14 0.84 -4.75 19.39
N LEU D 15 0.81 -3.48 19.80
CA LEU D 15 0.08 -2.43 19.09
C LEU D 15 1.04 -1.29 18.75
N ASN D 16 0.90 -0.76 17.53
CA ASN D 16 1.71 0.36 17.10
C ASN D 16 1.04 1.68 17.48
N GLY D 17 1.69 2.79 17.13
CA GLY D 17 1.15 4.10 17.45
C GLY D 17 0.98 5.01 16.26
N GLY D 18 -0.25 5.44 16.01
CA GLY D 18 -0.52 6.31 14.87
C GLY D 18 -1.55 7.38 15.11
N GLY D 19 -1.99 7.54 16.34
CA GLY D 19 -3.00 8.56 16.67
C GLY D 19 -4.41 8.00 16.51
N VAL D 20 -5.18 8.60 15.59
CA VAL D 20 -6.51 8.08 15.28
C VAL D 20 -6.42 6.69 14.64
N ARG D 21 -5.28 6.35 14.07
CA ARG D 21 -5.04 4.96 13.72
C ARG D 21 -5.10 4.07 14.95
N GLY D 22 -4.90 4.65 16.14
CA GLY D 22 -5.26 3.95 17.35
C GLY D 22 -6.74 3.69 17.45
N LEU D 23 -7.57 4.62 16.93
CA LEU D 23 -9.00 4.34 16.85
C LEU D 23 -9.27 3.19 15.89
N PHE D 24 -8.52 3.13 14.79
CA PHE D 24 -8.63 1.97 13.90
C PHE D 24 -8.29 0.69 14.64
N THR D 25 -7.21 0.70 15.42
CA THR D 25 -6.78 -0.49 16.15
C THR D 25 -7.83 -0.92 17.17
N ILE D 26 -8.36 0.04 17.92
CA ILE D 26 -9.35 -0.31 18.95
C ILE D 26 -10.66 -0.75 18.30
N THR D 27 -10.99 -0.20 17.13
CA THR D 27 -12.16 -0.69 16.40
C THR D 27 -11.96 -2.14 15.97
N LEU D 28 -10.77 -2.47 15.47
CA LEU D 28 -10.49 -3.85 15.09
C LEU D 28 -10.60 -4.78 16.28
N LEU D 29 -10.06 -4.36 17.44
CA LEU D 29 -10.13 -5.19 18.63
C LEU D 29 -11.57 -5.35 19.12
N ALA D 30 -12.36 -4.28 19.07
CA ALA D 30 -13.75 -4.35 19.50
C ALA D 30 -14.56 -5.27 18.58
N GLU D 31 -14.33 -5.20 17.27
CA GLU D 31 -15.04 -6.09 16.37
C GLU D 31 -14.59 -7.54 16.56
N LEU D 32 -13.31 -7.75 16.85
CA LEU D 32 -12.88 -9.10 17.23
C LEU D 32 -13.64 -9.59 18.46
N GLU D 33 -13.76 -8.75 19.48
CA GLU D 33 -14.47 -9.13 20.68
C GLU D 33 -15.93 -9.48 20.36
N SER D 34 -16.56 -8.68 19.51
CA SER D 34 -17.94 -8.95 19.11
C SER D 34 -18.04 -10.27 18.35
N ILE D 35 -17.05 -10.56 17.49
CA ILE D 35 -17.09 -11.80 16.73
C ILE D 35 -16.95 -13.00 17.65
N ILE D 36 -16.07 -12.93 18.64
CA ILE D 36 -16.00 -14.03 19.61
C ILE D 36 -17.33 -14.15 20.35
N GLU D 37 -17.90 -13.01 20.77
CA GLU D 37 -19.16 -13.04 21.52
C GLU D 37 -20.25 -13.73 20.73
N LYS D 38 -20.35 -13.45 19.43
CA LYS D 38 -21.39 -14.06 18.61
C LYS D 38 -21.08 -15.50 18.27
N ARG D 39 -19.96 -15.74 17.57
CA ARG D 39 -19.69 -17.07 17.04
C ARG D 39 -19.35 -18.06 18.14
N GLU D 40 -18.47 -17.69 19.06
CA GLU D 40 -18.00 -18.63 20.07
C GLU D 40 -18.95 -18.77 21.25
N LYS D 41 -20.04 -17.98 21.28
CA LYS D 41 -21.06 -18.07 22.32
C LYS D 41 -20.45 -17.86 23.71
N CYS D 42 -19.89 -16.66 23.90
CA CYS D 42 -19.29 -16.27 25.17
C CYS D 42 -19.93 -14.98 25.65
N GLU D 43 -20.05 -14.85 26.97
CA GLU D 43 -20.67 -13.70 27.60
C GLU D 43 -19.65 -12.92 28.41
N ASN D 44 -19.68 -11.60 28.29
CA ASN D 44 -18.79 -10.69 29.00
C ASN D 44 -17.32 -11.06 28.73
N VAL D 45 -16.94 -10.95 27.46
CA VAL D 45 -15.59 -11.31 27.01
C VAL D 45 -14.80 -10.03 26.80
N LYS D 46 -13.59 -9.99 27.34
CA LYS D 46 -12.66 -8.89 27.16
C LYS D 46 -11.49 -9.37 26.32
N ILE D 47 -11.09 -8.58 25.33
CA ILE D 47 -10.08 -9.02 24.37
C ILE D 47 -8.72 -9.19 25.02
N GLY D 48 -8.49 -8.57 26.17
CA GLY D 48 -7.21 -8.64 26.86
C GLY D 48 -7.02 -9.84 27.76
N ASP D 49 -7.98 -10.75 27.82
CA ASP D 49 -7.88 -11.92 28.68
C ASP D 49 -7.17 -13.10 28.02
N TYR D 50 -6.80 -12.97 26.75
CA TYR D 50 -6.23 -14.08 25.99
C TYR D 50 -4.75 -13.87 25.67
N PHE D 51 -4.06 -13.01 26.43
CA PHE D 51 -2.67 -12.72 26.15
C PHE D 51 -1.87 -12.72 27.45
N ASP D 52 -0.73 -13.40 27.46
CA ASP D 52 0.16 -13.42 28.61
C ASP D 52 1.02 -12.18 28.71
N LEU D 53 1.11 -11.39 27.63
CA LEU D 53 1.84 -10.14 27.65
C LEU D 53 1.24 -9.24 26.57
N ILE D 54 0.97 -7.99 26.92
CA ILE D 54 0.31 -7.05 26.02
C ILE D 54 1.21 -5.83 25.92
N THR D 55 1.92 -5.70 24.81
CA THR D 55 2.81 -4.57 24.57
C THR D 55 2.13 -3.52 23.71
N GLY D 56 2.69 -2.33 23.71
CA GLY D 56 2.13 -1.24 22.93
C GLY D 56 3.05 -0.05 22.90
N THR D 57 2.68 0.92 22.06
CA THR D 57 3.47 2.13 21.88
C THR D 57 2.54 3.28 21.51
N SER D 58 2.71 4.42 22.17
CA SER D 58 1.96 5.64 21.90
C SER D 58 0.48 5.34 22.12
N ILE D 59 -0.41 5.58 21.15
CA ILE D 59 -1.82 5.28 21.33
C ILE D 59 -2.02 3.78 21.49
N GLY D 60 -1.22 2.98 20.77
CA GLY D 60 -1.24 1.55 21.00
C GLY D 60 -0.85 1.20 22.43
N GLY D 61 0.10 1.93 23.00
CA GLY D 61 0.44 1.72 24.40
C GLY D 61 -0.67 2.10 25.35
N ILE D 62 -1.38 3.19 25.04
CA ILE D 62 -2.53 3.58 25.86
C ILE D 62 -3.58 2.49 25.83
N LEU D 63 -3.88 1.97 24.64
CA LEU D 63 -4.84 0.89 24.52
C LEU D 63 -4.36 -0.36 25.25
N ALA D 64 -3.05 -0.64 25.18
CA ALA D 64 -2.49 -1.79 25.89
C ALA D 64 -2.69 -1.66 27.39
N LEU D 65 -2.41 -0.48 27.94
CA LEU D 65 -2.60 -0.26 29.37
C LEU D 65 -4.08 -0.37 29.75
N GLY D 66 -4.96 0.18 28.90
CA GLY D 66 -6.38 0.06 29.17
C GLY D 66 -6.86 -1.39 29.21
N LEU D 67 -6.40 -2.18 28.24
CA LEU D 67 -6.79 -3.59 28.20
C LEU D 67 -6.20 -4.36 29.37
N ALA D 68 -4.95 -4.06 29.74
CA ALA D 68 -4.33 -4.76 30.87
C ALA D 68 -4.98 -4.40 32.18
N SER D 69 -5.51 -3.17 32.30
CA SER D 69 -6.16 -2.76 33.53
C SER D 69 -7.46 -3.53 33.77
N GLY D 70 -7.99 -4.21 32.76
CA GLY D 70 -9.22 -4.96 32.89
C GLY D 70 -10.38 -4.42 32.07
N LYS D 71 -10.18 -3.35 31.31
CA LYS D 71 -11.25 -2.82 30.48
C LYS D 71 -11.47 -3.71 29.26
N SER D 72 -12.61 -3.50 28.62
CA SER D 72 -12.96 -4.21 27.39
C SER D 72 -12.65 -3.34 26.18
N ALA D 73 -12.48 -4.00 25.04
CA ALA D 73 -12.13 -3.27 23.81
C ALA D 73 -13.26 -2.33 23.40
N ARG D 74 -14.51 -2.75 23.56
CA ARG D 74 -15.64 -1.90 23.17
C ARG D 74 -15.72 -0.65 24.03
N GLU D 75 -15.45 -0.78 25.33
CA GLU D 75 -15.44 0.38 26.21
C GLU D 75 -14.38 1.38 25.79
N LEU D 76 -13.17 0.87 25.49
CA LEU D 76 -12.10 1.74 25.03
C LEU D 76 -12.44 2.40 23.71
N LYS D 77 -13.07 1.67 22.79
CA LYS D 77 -13.48 2.25 21.51
C LYS D 77 -14.49 3.38 21.73
N GLU D 78 -15.51 3.12 22.55
CA GLU D 78 -16.55 4.13 22.79
C GLU D 78 -15.97 5.37 23.45
N ALA D 79 -15.06 5.18 24.43
CA ALA D 79 -14.40 6.34 25.02
C ALA D 79 -13.52 7.06 24.00
N PHE D 80 -12.77 6.31 23.19
CA PHE D 80 -11.75 6.90 22.34
C PHE D 80 -12.36 7.68 21.19
N GLU D 81 -13.54 7.29 20.71
CA GLU D 81 -14.14 8.06 19.62
C GLU D 81 -14.37 9.52 20.02
N ILE D 82 -15.08 9.74 21.13
CA ILE D 82 -15.35 11.09 21.58
C ILE D 82 -14.08 11.75 22.08
N ASN D 83 -13.26 11.02 22.85
CA ASN D 83 -12.05 11.61 23.39
C ASN D 83 -11.03 11.94 22.31
N ALA D 84 -11.10 11.32 21.15
CA ALA D 84 -10.21 11.63 20.04
C ALA D 84 -10.76 12.74 19.17
N THR D 85 -12.09 12.84 19.04
CA THR D 85 -12.66 14.07 18.51
C THR D 85 -12.25 15.26 19.38
N LYS D 86 -12.06 15.03 20.69
CA LYS D 86 -11.64 16.11 21.58
C LYS D 86 -10.13 16.34 21.56
N ILE D 87 -9.33 15.28 21.46
CA ILE D 87 -7.88 15.41 21.57
C ILE D 87 -7.32 16.24 20.42
N PHE D 88 -7.81 16.01 19.20
CA PHE D 88 -7.26 16.67 18.02
C PHE D 88 -8.27 17.65 17.45
N PRO D 89 -8.39 18.86 18.01
CA PRO D 89 -9.37 19.82 17.48
C PRO D 89 -9.04 20.21 16.06
N LEU D 90 -10.08 20.49 15.28
CA LEU D 90 -9.89 21.01 13.93
C LEU D 90 -9.17 22.35 13.97
N LYS D 91 -9.35 23.11 15.04
CA LYS D 91 -8.67 24.40 15.18
C LYS D 91 -7.16 24.21 15.15
N ARG D 92 -6.62 23.48 16.13
CA ARG D 92 -5.17 23.30 16.21
C ARG D 92 -4.62 22.65 14.95
N PHE D 93 -5.43 21.81 14.30
CA PHE D 93 -5.03 21.25 13.01
C PHE D 93 -4.87 22.33 11.95
N LYS D 94 -5.83 23.27 11.88
CA LYS D 94 -5.87 24.19 10.74
C LYS D 94 -4.67 25.13 10.75
N ASN D 95 -4.40 25.78 11.88
CA ASN D 95 -3.27 26.72 11.95
C ASN D 95 -2.06 26.00 12.53
N LYS D 96 -1.34 25.31 11.66
CA LYS D 96 -0.03 24.75 11.99
C LYS D 96 1.11 25.70 11.65
N GLN D 97 1.06 26.32 10.46
CA GLN D 97 2.05 27.30 10.01
C GLN D 97 3.47 26.89 10.32
N TRP D 98 4.32 27.87 10.65
CA TRP D 98 5.68 27.55 11.07
C TRP D 98 6.06 28.29 12.35
N TRP D 99 5.47 29.47 12.59
CA TRP D 99 5.77 30.19 13.82
C TRP D 99 5.04 29.58 15.01
N ASN D 100 3.79 29.13 14.80
CA ASN D 100 3.04 28.51 15.88
C ASN D 100 3.73 27.24 16.37
N LEU D 101 4.25 26.44 15.43
CA LEU D 101 4.99 25.24 15.80
C LEU D 101 6.39 25.54 16.29
N LEU D 102 6.95 26.71 15.96
CA LEU D 102 8.23 27.13 16.48
C LEU D 102 8.13 27.64 17.92
N ARG D 103 6.97 28.14 18.34
CA ARG D 103 6.79 28.60 19.70
C ARG D 103 5.95 27.65 20.55
N ARG D 104 5.49 26.52 20.00
CA ARG D 104 4.58 25.66 20.73
C ARG D 104 4.52 24.30 20.05
N SER D 105 4.05 23.31 20.80
CA SER D 105 3.69 22.02 20.23
C SER D 105 2.32 22.11 19.58
N ILE D 106 1.98 21.12 18.75
CA ILE D 106 0.75 21.18 17.98
C ILE D 106 -0.46 21.14 18.89
N TYR D 107 -0.46 20.20 19.83
CA TYR D 107 -1.62 19.98 20.70
C TYR D 107 -1.24 20.08 22.17
N GLU D 108 -2.20 20.51 22.97
CA GLU D 108 -2.07 20.47 24.42
C GLU D 108 -2.24 19.04 24.92
N SER D 109 -1.56 18.74 26.03
CA SER D 109 -1.63 17.40 26.61
C SER D 109 -2.81 17.22 27.56
N GLU D 110 -3.50 18.30 27.93
CA GLU D 110 -4.64 18.17 28.83
C GLU D 110 -5.78 17.35 28.24
N PRO D 111 -6.23 17.57 26.99
CA PRO D 111 -7.28 16.70 26.45
C PRO D 111 -6.91 15.23 26.44
N LEU D 112 -5.65 14.91 26.10
CA LEU D 112 -5.19 13.53 26.18
C LEU D 112 -5.18 13.06 27.63
N TYR D 113 -4.85 13.95 28.56
CA TYR D 113 -4.87 13.60 29.98
C TYR D 113 -6.26 13.16 30.42
N ASP D 114 -7.27 13.98 30.11
CA ASP D 114 -8.64 13.61 30.48
C ASP D 114 -9.11 12.38 29.72
N ALA D 115 -8.67 12.22 28.47
CA ALA D 115 -9.03 11.03 27.71
C ALA D 115 -8.53 9.77 28.41
N VAL D 116 -7.23 9.74 28.75
CA VAL D 116 -6.65 8.58 29.43
C VAL D 116 -7.31 8.37 30.79
N LYS D 117 -7.65 9.46 31.48
CA LYS D 117 -8.38 9.33 32.74
C LYS D 117 -9.73 8.64 32.53
N SER D 118 -10.43 9.00 31.45
CA SER D 118 -11.71 8.36 31.17
C SER D 118 -11.54 6.88 30.83
N MET D 119 -10.51 6.54 30.06
CA MET D 119 -10.32 5.14 29.68
C MET D 119 -9.88 4.29 30.86
N ILE D 120 -8.71 4.59 31.42
CA ILE D 120 -8.11 3.75 32.45
C ILE D 120 -8.42 4.26 33.84
N GLY D 121 -8.19 5.54 34.09
CA GLY D 121 -8.42 6.12 35.39
C GLY D 121 -7.26 7.00 35.79
N GLU D 122 -7.16 7.26 37.09
CA GLU D 122 -6.08 8.08 37.63
C GLU D 122 -5.40 7.51 38.87
N THR D 123 -6.01 6.53 39.54
CA THR D 123 -5.42 5.94 40.73
C THR D 123 -4.82 4.55 40.51
N ILE D 124 -5.09 3.94 39.34
CA ILE D 124 -4.56 2.61 39.07
C ILE D 124 -3.05 2.68 38.87
N LYS D 125 -2.35 1.68 39.37
CA LYS D 125 -0.90 1.60 39.28
C LYS D 125 -0.50 0.25 38.69
N PHE D 126 0.79 0.14 38.34
CA PHE D 126 1.29 -1.10 37.74
C PHE D 126 1.24 -2.28 38.71
N GLU D 127 1.21 -2.03 40.01
CA GLU D 127 1.24 -3.11 40.99
C GLU D 127 -0.09 -3.86 41.07
N ASP D 128 -1.20 -3.18 40.80
CA ASP D 128 -2.53 -3.77 40.94
C ASP D 128 -2.98 -4.54 39.70
N LEU D 129 -2.18 -4.55 38.64
CA LEU D 129 -2.58 -5.22 37.42
C LEU D 129 -2.50 -6.74 37.59
N ASN D 130 -3.36 -7.44 36.84
CA ASN D 130 -3.40 -8.90 36.85
C ASN D 130 -2.81 -9.52 35.61
N ARG D 131 -2.64 -8.75 34.54
CA ARG D 131 -2.08 -9.25 33.28
C ARG D 131 -0.82 -8.46 32.94
N ARG D 132 0.20 -9.16 32.49
CA ARG D 132 1.49 -8.53 32.20
C ARG D 132 1.37 -7.57 31.02
N VAL D 133 1.99 -6.41 31.16
CA VAL D 133 1.94 -5.36 30.15
C VAL D 133 3.33 -4.75 30.01
N MET D 134 3.73 -4.44 28.79
CA MET D 134 4.97 -3.76 28.50
C MET D 134 4.69 -2.50 27.70
N ILE D 135 5.35 -1.40 28.07
CA ILE D 135 5.14 -0.11 27.43
C ILE D 135 6.50 0.47 27.07
N THR D 136 6.65 0.96 25.84
CA THR D 136 7.89 1.54 25.37
C THR D 136 7.87 3.05 25.52
N SER D 137 9.00 3.62 25.95
CA SER D 137 9.13 5.05 26.10
C SER D 137 10.62 5.40 26.04
N VAL D 138 10.89 6.69 25.83
CA VAL D 138 12.24 7.22 25.78
C VAL D 138 12.42 8.20 26.92
N ASN D 139 13.39 7.93 27.79
CA ASN D 139 13.69 8.81 28.93
C ASN D 139 14.58 9.94 28.44
N LEU D 140 14.01 11.13 28.30
CA LEU D 140 14.79 12.27 27.82
C LEU D 140 15.85 12.70 28.83
N SER D 141 15.56 12.55 30.13
CA SER D 141 16.49 13.02 31.15
C SER D 141 17.77 12.21 31.16
N THR D 142 17.68 10.89 30.96
CA THR D 142 18.84 10.02 31.00
C THR D 142 19.26 9.50 29.63
N GLY D 143 18.42 9.63 28.61
CA GLY D 143 18.73 9.19 27.27
C GLY D 143 18.35 7.74 26.98
N LYS D 144 18.55 6.85 27.94
CA LYS D 144 18.23 5.45 27.74
C LYS D 144 16.73 5.27 27.60
N PRO D 145 16.28 4.37 26.71
CA PRO D 145 14.85 4.09 26.61
C PRO D 145 14.32 3.50 27.91
N LYS D 146 13.09 3.89 28.26
CA LYS D 146 12.42 3.41 29.47
C LYS D 146 11.27 2.50 29.07
N PHE D 147 11.25 1.30 29.63
CA PHE D 147 10.26 0.28 29.30
C PHE D 147 9.37 0.06 30.51
N PHE D 148 8.29 0.83 30.60
CA PHE D 148 7.32 0.66 31.68
C PHE D 148 6.70 -0.72 31.60
N LYS D 149 6.63 -1.40 32.74
CA LYS D 149 6.05 -2.74 32.79
C LYS D 149 5.66 -3.06 34.23
N THR D 150 4.55 -3.77 34.37
CA THR D 150 4.27 -4.43 35.63
C THR D 150 5.38 -5.44 35.91
N PRO D 151 5.83 -5.58 37.17
CA PRO D 151 7.10 -6.27 37.43
C PRO D 151 7.27 -7.60 36.72
N HIS D 152 6.43 -8.59 37.04
CA HIS D 152 6.43 -9.93 36.46
C HIS D 152 7.83 -10.53 36.43
N ASN D 153 8.73 -9.97 37.24
CA ASN D 153 10.13 -10.39 37.30
C ASN D 153 10.69 -9.93 38.64
N PRO D 154 11.09 -10.86 39.50
CA PRO D 154 11.56 -10.46 40.84
C PRO D 154 12.75 -9.51 40.83
N MET D 155 13.62 -9.59 39.83
CA MET D 155 14.83 -8.78 39.81
C MET D 155 14.59 -7.35 39.35
N PHE D 156 13.46 -7.07 38.69
CA PHE D 156 13.17 -5.73 38.17
C PHE D 156 11.72 -5.38 38.47
N THR D 157 11.51 -4.62 39.54
CA THR D 157 10.19 -4.13 39.93
C THR D 157 10.22 -2.63 40.16
N MET D 158 10.92 -1.90 39.29
CA MET D 158 11.07 -0.46 39.46
C MET D 158 9.73 0.26 39.30
N ASP D 159 8.92 -0.15 38.34
CA ASP D 159 7.66 0.52 38.03
C ASP D 159 6.50 0.06 38.90
N ARG D 160 6.78 -0.55 40.06
CA ARG D 160 5.71 -1.07 40.90
C ARG D 160 4.79 0.03 41.39
N GLU D 161 5.34 1.19 41.75
CA GLU D 161 4.59 2.27 42.33
C GLU D 161 4.19 3.34 41.31
N ILE D 162 4.36 3.08 40.03
CA ILE D 162 4.06 4.06 38.99
C ILE D 162 2.63 3.86 38.50
N ARG D 163 1.89 4.96 38.38
CA ARG D 163 0.52 4.89 37.89
C ARG D 163 0.49 4.51 36.42
N LEU D 164 -0.60 3.82 36.02
CA LEU D 164 -0.79 3.46 34.62
C LEU D 164 -0.95 4.70 33.76
N ILE D 165 -1.68 5.70 34.26
CA ILE D 165 -1.99 6.88 33.46
C ILE D 165 -0.74 7.68 33.16
N ASP D 166 0.22 7.74 34.10
CA ASP D 166 1.48 8.43 33.84
C ASP D 166 2.24 7.76 32.71
N ALA D 167 2.31 6.43 32.72
CA ALA D 167 2.99 5.70 31.65
C ALA D 167 2.27 5.90 30.32
N ALA D 168 0.93 5.88 30.33
CA ALA D 168 0.18 6.08 29.09
C ALA D 168 0.43 7.47 28.52
N MET D 169 0.48 8.49 29.38
CA MET D 169 0.79 9.83 28.92
C MET D 169 2.23 9.93 28.42
N ALA D 170 3.16 9.22 29.06
CA ALA D 170 4.56 9.30 28.66
C ALA D 170 4.78 8.66 27.30
N THR D 171 4.20 7.48 27.07
CA THR D 171 4.46 6.76 25.83
C THR D 171 3.82 7.44 24.63
N SER D 172 2.75 8.18 24.84
CA SER D 172 2.05 8.87 23.75
C SER D 172 2.57 10.28 23.52
N ALA D 173 3.53 10.74 24.32
CA ALA D 173 4.04 12.10 24.21
C ALA D 173 4.98 12.16 23.01
N ALA D 174 4.42 12.48 21.84
CA ALA D 174 5.21 12.60 20.64
C ALA D 174 6.20 13.77 20.79
N PRO D 175 7.36 13.68 20.15
CA PRO D 175 8.37 14.75 20.33
C PRO D 175 7.86 16.14 19.99
N THR D 176 7.06 16.28 18.94
CA THR D 176 6.55 17.58 18.53
C THR D 176 5.04 17.69 18.60
N TYR D 177 4.31 16.61 18.30
CA TYR D 177 2.86 16.64 18.42
C TYR D 177 2.40 16.89 19.85
N PHE D 178 3.22 16.56 20.84
CA PHE D 178 2.86 16.75 22.23
C PHE D 178 4.09 17.24 22.99
N LYS D 179 3.91 17.55 24.27
CA LYS D 179 5.04 17.95 25.09
C LYS D 179 5.53 16.76 25.90
N PRO D 180 6.82 16.74 26.27
CA PRO D 180 7.35 15.61 27.04
C PRO D 180 6.66 15.50 28.41
N HIS D 181 6.13 14.31 28.68
CA HIS D 181 5.46 14.08 29.96
C HIS D 181 6.46 14.08 31.10
N TYR D 182 6.11 14.74 32.19
CA TYR D 182 6.97 14.87 33.36
C TYR D 182 6.41 14.00 34.47
N ILE D 183 7.11 12.91 34.79
CA ILE D 183 6.75 12.04 35.91
C ILE D 183 7.31 12.68 37.17
N GLU D 184 6.42 13.15 38.05
CA GLU D 184 6.87 13.82 39.27
C GLU D 184 7.59 12.86 40.20
N LYS D 185 7.17 11.60 40.23
CA LYS D 185 7.82 10.63 41.11
C LYS D 185 9.28 10.41 40.74
N LEU D 186 9.56 10.27 39.45
CA LEU D 186 10.92 10.04 38.98
C LEU D 186 11.68 11.32 38.67
N GLU D 187 10.99 12.46 38.61
CA GLU D 187 11.61 13.75 38.26
C GLU D 187 12.32 13.66 36.92
N ASN D 188 11.73 12.90 36.00
CA ASN D 188 12.30 12.69 34.67
C ASN D 188 11.22 12.93 33.62
N TYR D 189 11.64 13.47 32.48
CA TYR D 189 10.76 13.68 31.34
C TYR D 189 10.86 12.49 30.40
N PHE D 190 9.77 12.24 29.67
CA PHE D 190 9.70 11.10 28.78
C PHE D 190 9.10 11.52 27.45
N ALA D 191 9.42 10.75 26.40
CA ALA D 191 8.92 11.04 25.06
C ALA D 191 8.22 9.82 24.47
N ASP D 192 7.83 9.91 23.21
CA ASP D 192 7.09 8.84 22.57
C ASP D 192 7.97 7.60 22.44
N GLY D 193 7.40 6.44 22.69
CA GLY D 193 8.12 5.19 22.53
C GLY D 193 8.36 4.79 21.09
N GLY D 194 7.69 5.43 20.14
CA GLY D 194 7.90 5.15 18.74
C GLY D 194 9.23 5.61 18.20
N LEU D 195 9.94 6.46 18.94
CA LEU D 195 11.28 6.85 18.52
C LEU D 195 12.22 5.65 18.51
N VAL D 196 11.98 4.66 19.35
CA VAL D 196 12.80 3.46 19.39
C VAL D 196 12.06 2.22 18.90
N ALA D 197 10.76 2.10 19.18
CA ALA D 197 10.03 0.89 18.79
C ALA D 197 8.59 1.29 18.48
N ASN D 198 8.30 1.52 17.20
CA ASN D 198 6.91 1.65 16.78
C ASN D 198 6.21 0.30 16.80
N ASN D 199 6.91 -0.76 16.43
CA ASN D 199 6.38 -2.11 16.43
C ASN D 199 7.05 -2.89 17.54
N PRO D 200 6.46 -2.99 18.73
CA PRO D 200 7.09 -3.68 19.86
C PRO D 200 6.85 -5.18 19.86
N SER D 201 7.08 -5.82 18.72
CA SER D 201 6.95 -7.27 18.63
C SER D 201 8.26 -7.98 18.89
N TYR D 202 9.35 -7.52 18.26
CA TYR D 202 10.66 -8.11 18.52
C TYR D 202 11.07 -7.90 19.97
N ILE D 203 10.84 -6.69 20.50
CA ILE D 203 11.15 -6.43 21.90
C ILE D 203 10.28 -7.28 22.81
N GLY D 204 9.02 -7.50 22.42
CA GLY D 204 8.18 -8.42 23.18
C GLY D 204 8.73 -9.83 23.19
N ILE D 205 9.25 -10.29 22.05
CA ILE D 205 9.86 -11.61 21.97
C ILE D 205 11.05 -11.68 22.93
N ARG D 206 11.91 -10.67 22.88
CA ARG D 206 13.09 -10.67 23.75
C ARG D 206 12.68 -10.63 25.22
N GLU D 207 11.67 -9.82 25.56
CA GLU D 207 11.23 -9.73 26.95
C GLU D 207 10.66 -11.05 27.44
N VAL D 208 9.86 -11.72 26.61
CA VAL D 208 9.33 -13.02 27.01
C VAL D 208 10.44 -14.04 27.16
N LEU D 209 11.42 -14.02 26.24
CA LEU D 209 12.52 -14.97 26.33
C LEU D 209 13.47 -14.67 27.48
N ILE D 210 13.44 -13.46 28.03
CA ILE D 210 14.35 -13.06 29.09
C ILE D 210 13.61 -12.87 30.42
N ASP D 211 12.60 -11.99 30.44
CA ASP D 211 11.95 -11.64 31.70
C ASP D 211 11.04 -12.76 32.20
N MET D 212 10.47 -13.54 31.29
CA MET D 212 9.49 -14.56 31.65
C MET D 212 10.13 -15.88 32.04
N LYS D 213 11.41 -15.87 32.43
CA LYS D 213 12.12 -17.11 32.72
C LYS D 213 11.57 -17.82 33.95
N ASN D 214 10.91 -17.11 34.85
CA ASN D 214 10.33 -17.74 36.04
C ASN D 214 8.93 -18.25 35.77
N ASP D 215 8.06 -17.43 35.18
CA ASP D 215 6.72 -17.87 34.85
C ASP D 215 6.73 -18.96 33.79
N PHE D 216 7.59 -18.81 32.78
CA PHE D 216 7.71 -19.77 31.68
C PHE D 216 9.17 -20.18 31.55
N PRO D 217 9.59 -21.22 32.28
CA PRO D 217 11.01 -21.63 32.18
C PRO D 217 11.40 -22.12 30.80
N ASP D 218 10.60 -23.01 30.20
CA ASP D 218 10.91 -23.56 28.88
C ASP D 218 10.36 -22.63 27.80
N ALA D 219 10.93 -21.43 27.76
CA ALA D 219 10.52 -20.40 26.81
C ALA D 219 11.38 -20.51 25.55
N LYS D 220 10.73 -20.77 24.41
CA LYS D 220 11.40 -20.89 23.13
C LYS D 220 10.56 -20.19 22.07
N PRO D 221 11.20 -19.67 21.02
CA PRO D 221 10.44 -18.96 19.98
C PRO D 221 9.39 -19.80 19.29
N GLU D 222 9.59 -21.12 19.20
CA GLU D 222 8.64 -21.97 18.47
C GLU D 222 7.29 -22.07 19.17
N ASN D 223 7.25 -21.84 20.48
CA ASN D 223 6.00 -21.88 21.25
C ASN D 223 5.54 -20.48 21.60
N ILE D 224 5.74 -19.53 20.69
CA ILE D 224 5.39 -18.13 20.89
C ILE D 224 4.55 -17.67 19.71
N LYS D 225 3.43 -17.02 19.99
CA LYS D 225 2.55 -16.46 18.97
C LYS D 225 2.38 -14.96 19.20
N VAL D 226 2.43 -14.19 18.13
CA VAL D 226 2.37 -12.74 18.20
C VAL D 226 1.23 -12.25 17.31
N LEU D 227 0.41 -11.35 17.84
CA LEU D 227 -0.68 -10.72 17.10
C LEU D 227 -0.38 -9.23 17.05
N ASN D 228 0.38 -8.81 16.05
CA ASN D 228 0.76 -7.41 15.88
C ASN D 228 -0.36 -6.70 15.12
N ILE D 229 -1.25 -6.06 15.86
CA ILE D 229 -2.34 -5.30 15.25
C ILE D 229 -1.76 -3.96 14.81
N GLY D 230 -1.48 -3.82 13.52
CA GLY D 230 -0.94 -2.59 13.01
C GLY D 230 -1.96 -1.47 13.02
N THR D 231 -1.47 -0.26 12.75
CA THR D 231 -2.30 0.94 12.73
C THR D 231 -2.16 1.66 11.40
N LEU D 232 -2.28 0.92 10.31
CA LEU D 232 -2.32 1.48 8.95
C LEU D 232 -1.13 2.41 8.68
N SER D 233 0.01 2.12 9.29
CA SER D 233 1.21 2.94 9.14
C SER D 233 2.40 2.06 8.84
N GLU D 234 2.19 1.02 8.02
CA GLU D 234 3.29 0.14 7.65
C GLU D 234 4.36 0.87 6.85
N ASP D 235 3.95 1.67 5.87
CA ASP D 235 4.86 2.41 5.01
C ASP D 235 4.66 3.90 5.21
N TYR D 236 5.75 4.65 5.11
CA TYR D 236 5.71 6.11 5.11
C TYR D 236 6.99 6.61 4.48
N CYS D 237 6.88 7.32 3.36
CA CYS D 237 8.04 7.90 2.69
C CYS D 237 7.80 9.39 2.46
N ILE D 238 8.88 10.15 2.47
CA ILE D 238 8.79 11.60 2.27
C ILE D 238 8.33 11.89 0.85
N SER D 239 7.57 12.97 0.69
CA SER D 239 7.01 13.33 -0.61
C SER D 239 8.13 13.52 -1.64
N PRO D 240 8.02 12.92 -2.83
CA PRO D 240 9.10 13.04 -3.82
C PRO D 240 9.39 14.47 -4.26
N GLU D 241 8.38 15.33 -4.31
CA GLU D 241 8.62 16.70 -4.76
C GLU D 241 9.55 17.44 -3.80
N THR D 242 9.32 17.29 -2.49
CA THR D 242 10.18 17.94 -1.51
C THR D 242 11.61 17.44 -1.60
N LEU D 243 11.78 16.12 -1.73
CA LEU D 243 13.12 15.55 -1.85
C LEU D 243 13.81 16.03 -3.12
N SER D 244 13.08 16.15 -4.21
CA SER D 244 13.69 16.53 -5.48
C SER D 244 14.04 18.02 -5.49
N LYS D 245 13.18 18.87 -4.93
CA LYS D 245 13.36 20.31 -5.05
C LYS D 245 14.10 20.90 -3.84
N ASN D 246 13.55 20.73 -2.64
CA ASN D 246 14.02 21.41 -1.44
C ASN D 246 14.83 20.49 -0.53
N SER D 247 15.63 19.58 -1.13
CA SER D 247 16.50 18.76 -0.32
C SER D 247 17.61 19.56 0.34
N GLY D 248 17.96 20.72 -0.22
CA GLY D 248 18.96 21.59 0.36
C GLY D 248 18.46 22.63 1.32
N LYS D 249 17.16 22.61 1.64
CA LYS D 249 16.57 23.60 2.52
C LYS D 249 16.55 23.13 3.96
N GLY D 250 16.15 24.02 4.85
CA GLY D 250 16.20 23.82 6.28
C GLY D 250 14.94 23.21 6.85
N TYR D 251 14.62 23.60 8.08
CA TYR D 251 13.54 22.96 8.84
C TYR D 251 12.18 23.15 8.20
N LEU D 252 11.95 24.28 7.53
CA LEU D 252 10.62 24.64 7.06
C LEU D 252 10.12 23.64 6.03
N SER D 253 10.78 23.57 4.87
CA SER D 253 10.26 22.76 3.76
C SER D 253 10.66 21.29 3.92
N LEU D 254 11.95 21.01 3.85
CA LEU D 254 12.43 19.66 4.10
C LEU D 254 12.45 19.40 5.60
N TRP D 255 12.17 18.15 5.98
CA TRP D 255 11.99 17.81 7.38
C TRP D 255 10.95 18.74 8.00
N ASN D 256 9.71 18.60 7.53
CA ASN D 256 8.65 19.54 7.88
C ASN D 256 8.35 19.36 9.36
N MET D 257 9.27 19.88 10.18
CA MET D 257 9.24 19.82 11.63
C MET D 257 9.27 18.39 12.16
N GLY D 258 8.97 18.28 13.45
CA GLY D 258 8.93 16.97 14.08
C GLY D 258 7.97 16.04 13.37
N GLU D 259 6.95 16.57 12.71
CA GLU D 259 6.06 15.74 11.92
C GLU D 259 6.86 14.83 10.99
N ARG D 260 7.59 15.44 10.05
CA ARG D 260 8.36 14.64 9.09
C ARG D 260 9.47 13.87 9.77
N ILE D 261 10.23 14.53 10.66
CA ILE D 261 11.41 13.87 11.22
C ILE D 261 11.00 12.63 12.02
N VAL D 262 10.05 12.79 12.94
CA VAL D 262 9.63 11.70 13.79
C VAL D 262 8.87 10.65 12.99
N LEU D 263 8.07 11.05 12.00
CA LEU D 263 7.37 10.06 11.20
C LEU D 263 8.35 9.17 10.44
N SER D 264 9.37 9.78 9.83
CA SER D 264 10.38 8.99 9.13
C SER D 264 11.14 8.10 10.11
N THR D 265 11.47 8.61 11.28
CA THR D 265 12.17 7.82 12.29
C THR D 265 11.37 6.60 12.73
N MET D 266 10.10 6.82 13.11
CA MET D 266 9.26 5.70 13.54
C MET D 266 9.05 4.70 12.41
N THR D 267 8.89 5.17 11.17
CA THR D 267 8.78 4.25 10.05
C THR D 267 10.04 3.40 9.92
N ALA D 268 11.21 4.03 10.06
CA ALA D 268 12.46 3.30 9.96
C ALA D 268 12.58 2.23 11.04
N ASN D 269 12.30 2.58 12.29
CA ASN D 269 12.40 1.58 13.36
C ASN D 269 11.37 0.48 13.19
N GLN D 270 10.14 0.82 12.77
CA GLN D 270 9.13 -0.19 12.55
C GLN D 270 9.57 -1.19 11.50
N HIS D 271 10.07 -0.69 10.37
CA HIS D 271 10.53 -1.56 9.30
C HIS D 271 11.71 -2.42 9.77
N LEU D 272 12.65 -1.83 10.50
CA LEU D 272 13.83 -2.56 10.94
C LEU D 272 13.46 -3.68 11.92
N GLN D 273 12.60 -3.38 12.89
CA GLN D 273 12.22 -4.39 13.86
C GLN D 273 11.39 -5.50 13.22
N ARG D 274 10.47 -5.15 12.32
CA ARG D 274 9.73 -6.18 11.61
C ARG D 274 10.65 -7.02 10.73
N PHE D 275 11.69 -6.40 10.16
CA PHE D 275 12.64 -7.12 9.33
C PHE D 275 13.41 -8.14 10.16
N MET D 276 13.91 -7.72 11.33
CA MET D 276 14.59 -8.67 12.20
C MET D 276 13.66 -9.79 12.65
N LEU D 277 12.42 -9.45 13.02
CA LEU D 277 11.49 -10.47 13.49
C LEU D 277 11.21 -11.50 12.39
N LEU D 278 10.94 -11.02 11.17
CA LEU D 278 10.67 -11.92 10.06
C LEU D 278 11.87 -12.78 9.73
N ARG D 279 13.07 -12.19 9.74
CA ARG D 279 14.27 -12.97 9.44
C ARG D 279 14.52 -14.04 10.50
N GLU D 280 14.32 -13.69 11.77
CA GLU D 280 14.49 -14.67 12.84
C GLU D 280 13.48 -15.81 12.71
N PHE D 281 12.22 -15.47 12.42
CA PHE D 281 11.20 -16.52 12.28
C PHE D 281 11.45 -17.39 11.06
N GLU D 282 11.98 -16.81 9.97
CA GLU D 282 12.39 -17.63 8.83
C GLU D 282 13.53 -18.55 9.19
N ALA D 283 14.51 -18.05 9.96
CA ALA D 283 15.63 -18.89 10.37
C ALA D 283 15.16 -20.05 11.24
N LEU D 284 14.22 -19.80 12.15
CA LEU D 284 13.66 -20.85 12.98
C LEU D 284 12.51 -21.59 12.30
N LYS D 285 12.13 -21.20 11.09
CA LYS D 285 11.10 -21.88 10.31
C LYS D 285 9.76 -21.94 11.06
N ILE D 286 9.45 -20.85 11.77
CA ILE D 286 8.20 -20.74 12.51
C ILE D 286 7.43 -19.52 12.03
N GLU D 287 7.52 -19.24 10.73
CA GLU D 287 6.93 -18.02 10.18
C GLU D 287 5.44 -17.89 10.46
N LYS D 288 4.74 -19.00 10.68
CA LYS D 288 3.32 -18.94 11.01
C LYS D 288 3.06 -18.34 12.39
N ASN D 289 4.10 -18.19 13.22
CA ASN D 289 3.92 -17.70 14.59
C ASN D 289 3.70 -16.20 14.67
N TYR D 290 3.91 -15.46 13.58
CA TYR D 290 3.72 -14.02 13.56
C TYR D 290 2.51 -13.70 12.71
N VAL D 291 1.52 -13.03 13.31
CA VAL D 291 0.29 -12.65 12.64
C VAL D 291 0.19 -11.14 12.69
N GLU D 292 0.21 -10.49 11.53
CA GLU D 292 0.12 -9.05 11.42
C GLU D 292 -1.15 -8.68 10.69
N ILE D 293 -1.95 -7.80 11.29
CA ILE D 293 -3.19 -7.32 10.69
C ILE D 293 -2.97 -5.86 10.31
N ASP D 294 -2.67 -5.63 9.04
CA ASP D 294 -2.41 -4.28 8.57
C ASP D 294 -2.66 -4.22 7.07
N GLU D 295 -2.82 -3.00 6.57
CA GLU D 295 -3.02 -2.77 5.14
C GLU D 295 -2.56 -1.34 4.82
N THR D 296 -2.24 -1.12 3.55
CA THR D 296 -1.78 0.18 3.09
C THR D 296 -2.96 0.98 2.54
N ILE D 297 -2.89 2.30 2.70
CA ILE D 297 -3.96 3.18 2.27
C ILE D 297 -3.69 3.61 0.82
N PRO D 298 -4.72 3.76 -0.01
CA PRO D 298 -4.50 4.10 -1.42
C PRO D 298 -4.09 5.54 -1.66
N ASN D 299 -4.03 5.93 -2.94
CA ASN D 299 -3.60 7.27 -3.36
C ASN D 299 -4.34 8.36 -2.60
N GLU D 300 -5.65 8.42 -2.74
CA GLU D 300 -6.42 9.27 -1.84
C GLU D 300 -6.68 8.51 -0.54
N ALA D 301 -7.14 9.25 0.47
CA ALA D 301 -7.21 8.81 1.86
C ALA D 301 -5.82 8.62 2.46
N ALA D 302 -4.78 9.07 1.78
CA ALA D 302 -3.42 9.04 2.30
C ALA D 302 -2.99 10.37 2.90
N ALA D 303 -3.22 11.47 2.17
CA ALA D 303 -2.92 12.79 2.71
C ALA D 303 -3.87 13.19 3.84
N GLU D 304 -4.94 12.42 4.06
CA GLU D 304 -5.91 12.73 5.10
C GLU D 304 -5.90 11.77 6.27
N ILE D 305 -5.61 10.48 6.05
CA ILE D 305 -5.43 9.55 7.16
C ILE D 305 -4.00 9.71 7.64
N THR D 306 -3.79 10.62 8.59
CA THR D 306 -2.46 10.99 9.05
C THR D 306 -2.33 10.72 10.54
N LEU D 307 -1.24 11.20 11.12
CA LEU D 307 -0.96 10.94 12.53
C LEU D 307 -2.03 11.51 13.44
N ASP D 308 -2.53 12.71 13.14
CA ASP D 308 -3.35 13.44 14.10
C ASP D 308 -4.58 14.05 13.43
N ASN D 309 -5.19 13.32 12.50
CA ASN D 309 -6.34 13.83 11.74
C ASN D 309 -7.62 13.21 12.30
N ALA D 310 -8.19 13.86 13.30
CA ALA D 310 -9.43 13.39 13.91
C ALA D 310 -10.62 14.17 13.33
N SER D 311 -10.84 13.98 12.04
CA SER D 311 -12.01 14.51 11.35
C SER D 311 -13.06 13.42 11.22
N GLU D 312 -14.31 13.84 11.03
CA GLU D 312 -15.41 12.90 11.01
C GLU D 312 -15.26 11.89 9.87
N GLY D 313 -14.88 12.36 8.68
CA GLY D 313 -14.65 11.45 7.58
C GLY D 313 -13.49 10.50 7.84
N CYS D 314 -12.40 11.03 8.41
CA CYS D 314 -11.25 10.18 8.73
C CYS D 314 -11.61 9.12 9.77
N LEU D 315 -12.35 9.52 10.80
CA LEU D 315 -12.78 8.55 11.81
C LEU D 315 -13.71 7.51 11.21
N LYS D 316 -14.62 7.93 10.34
CA LYS D 316 -15.51 6.99 9.67
C LYS D 316 -14.72 5.98 8.84
N ALA D 317 -13.74 6.46 8.07
CA ALA D 317 -12.94 5.58 7.24
C ALA D 317 -12.12 4.61 8.09
N LEU D 318 -11.52 5.10 9.17
CA LEU D 318 -10.75 4.22 10.04
C LEU D 318 -11.63 3.15 10.68
N ARG D 319 -12.82 3.55 11.13
CA ARG D 319 -13.74 2.59 11.74
C ARG D 319 -14.17 1.53 10.73
N GLY D 320 -14.51 1.94 9.51
CA GLY D 320 -14.90 0.98 8.49
C GLY D 320 -13.78 0.05 8.11
N SER D 321 -12.56 0.59 7.98
CA SER D 321 -11.41 -0.26 7.66
C SER D 321 -11.15 -1.27 8.78
N GLY D 322 -11.27 -0.82 10.03
CA GLY D 322 -11.10 -1.75 11.15
C GLY D 322 -12.13 -2.86 11.13
N LYS D 323 -13.40 -2.51 10.90
CA LYS D 323 -14.45 -3.53 10.87
C LYS D 323 -14.20 -4.53 9.74
N LYS D 324 -13.89 -4.02 8.55
CA LYS D 324 -13.67 -4.91 7.40
C LYS D 324 -12.47 -5.81 7.60
N LEU D 325 -11.36 -5.24 8.07
CA LEU D 325 -10.16 -6.04 8.31
C LEU D 325 -10.42 -7.10 9.37
N ALA D 326 -11.11 -6.72 10.45
CA ALA D 326 -11.47 -7.68 11.48
C ALA D 326 -12.26 -8.84 10.89
N ALA D 327 -13.28 -8.52 10.10
CA ALA D 327 -14.14 -9.57 9.54
C ALA D 327 -13.34 -10.53 8.68
N GLU D 328 -12.63 -10.00 7.67
CA GLU D 328 -11.93 -10.90 6.75
C GLU D 328 -10.79 -11.66 7.44
N ARG D 329 -10.03 -10.99 8.32
CA ARG D 329 -8.91 -11.66 8.94
C ARG D 329 -9.35 -12.72 9.94
N TYR D 330 -10.48 -12.52 10.61
CA TYR D 330 -10.99 -13.59 11.45
C TYR D 330 -11.57 -14.73 10.62
N THR D 331 -12.17 -14.40 9.47
CA THR D 331 -12.79 -15.43 8.65
C THR D 331 -11.74 -16.34 8.01
N LYS D 332 -10.70 -15.76 7.40
CA LYS D 332 -9.80 -16.55 6.57
C LYS D 332 -8.57 -17.07 7.30
N ASN D 333 -8.15 -16.42 8.38
CA ASN D 333 -6.92 -16.80 9.07
C ASN D 333 -7.23 -17.76 10.20
N GLU D 334 -6.62 -18.95 10.16
CA GLU D 334 -6.78 -19.90 11.26
C GLU D 334 -6.04 -19.45 12.51
N GLU D 335 -4.92 -18.73 12.33
CA GLU D 335 -4.11 -18.31 13.48
C GLU D 335 -4.89 -17.36 14.39
N LEU D 336 -5.67 -16.46 13.80
CA LEU D 336 -6.45 -15.52 14.61
C LEU D 336 -7.44 -16.25 15.50
N ARG D 337 -8.12 -17.26 14.94
CA ARG D 337 -9.06 -18.05 15.73
C ARG D 337 -8.32 -18.88 16.79
N ASN D 338 -7.15 -19.42 16.42
CA ASN D 338 -6.36 -20.18 17.38
C ASN D 338 -5.87 -19.31 18.53
N PHE D 339 -5.75 -18.00 18.29
CA PHE D 339 -5.31 -17.10 19.35
C PHE D 339 -6.28 -17.09 20.53
N PHE D 340 -7.58 -17.10 20.25
CA PHE D 340 -8.61 -16.93 21.28
C PHE D 340 -9.25 -18.23 21.71
N LEU D 341 -8.66 -19.37 21.36
CA LEU D 341 -9.23 -20.65 21.77
C LEU D 341 -9.24 -20.80 23.29
N LYS D 342 -8.18 -20.38 23.94
CA LYS D 342 -8.05 -20.48 25.39
C LYS D 342 -7.64 -19.14 25.97
N LYS D 343 -8.05 -18.89 27.21
CA LYS D 343 -7.73 -17.65 27.90
C LYS D 343 -6.27 -17.67 28.34
N ALA D 344 -5.85 -16.60 29.02
CA ALA D 344 -4.49 -16.48 29.53
C ALA D 344 -4.54 -16.42 31.06
N GLU D 345 -3.68 -17.20 31.70
CA GLU D 345 -3.64 -17.24 33.15
C GLU D 345 -3.10 -15.93 33.69
N PRO D 346 -3.82 -15.25 34.59
CA PRO D 346 -3.29 -14.00 35.17
C PRO D 346 -2.02 -14.27 35.98
N PHE D 347 -1.10 -13.32 35.93
CA PHE D 347 0.18 -13.47 36.60
C PHE D 347 0.08 -13.00 38.05
N VAL D 348 0.85 -13.64 38.92
CA VAL D 348 0.88 -13.32 40.35
C VAL D 348 2.15 -12.50 40.61
N PRO D 349 2.04 -11.27 41.10
CA PRO D 349 3.20 -10.41 41.40
C PRO D 349 4.08 -10.99 42.50
#